data_9HYQ
#
_entry.id   9HYQ
#
_cell.length_a   101.201
_cell.length_b   138.322
_cell.length_c   195.53
_cell.angle_alpha   90
_cell.angle_beta   90
_cell.angle_gamma   90
#
_symmetry.space_group_name_H-M   'P 21 21 21'
#
loop_
_entity.id
_entity.type
_entity.pdbx_description
1 polymer 'DUF5703 domain-containing protein'
2 water water
#
_entity_poly.entity_id   1
_entity_poly.type   'polypeptide(L)'
_entity_poly.pdbx_seq_one_letter_code
;MGSSHHHHHHSSGPQQGLRQHANVVWDTPSRNSSESMPCGGGDIGMNIWVEEGDILFYLSRSGTFDENNCQLKQGRFRLR
LSPNPFEDAKDFRQELKLIDGYVEISAEGTQVQLWADVFHPVVHIEVINDRPLQAEIFYENWRYQDRLIRKGEGQQCSYK
WAPPKGTMTHADFISLENSSEKDSKRLLFYHRNAEETVFDVAVAQQGMNEVKSQMMNPLKNLTFGGYLSGENLEYIGTSD
SVYAGTDYRAWGFRSLKASKKHHFSVVLHTEQTETVTQWEQGLKTAWQRIAPQGKISSKVVSQDKKQTRLWWNAFWQRSF
IETIGETENKENSKVEKETGNKEKSDAKDALKEITRNYTLFRYMLGCNAYGSVPTKFNGGLFTFDPCHIDEKQAFTPDYR
KWGGGTMTAQNQRLVYWPMLKSGDFDMMPSQFNFYNRMLKNAELRSHVYWQHEGACFCEQIENFGLPNPAEYGFKRPAWF
DKGLEYNAWLEYEWDTILEFCQMILETKNYAGADITPYLPLIESSLTFFDEHYRLLASRRGRKALDGDGHLILFPGSACE
TYKMTNNASSTIAALRTVLETYIKVCNNEKWQKMLETIPPVPLRYIEVKDSLNLQASTMTPAWKQTISPAKSWERINNIE
TPQLYPVFPWRIYGVGKENLEIARDTYFYDPDALKFRSHTGWKQDNIWAACLGLTEEAKSLSLAKLSDGPHRFPAFWGPG
YDWTPDHNWGGSGMIGLQEMLLQTNGTQILLFPAWPKEWNVHFKLHAPGNTTVEATLKDGKVTILKVSPESRKKDIVIMI
EK
;
_entity_poly.pdbx_strand_id   A,B
#
# COMPACT_ATOMS: atom_id res chain seq x y z
N GLN A 20 -3.68 3.12 -33.06
CA GLN A 20 -4.62 3.76 -34.02
C GLN A 20 -5.80 2.85 -34.34
N HIS A 21 -7.03 3.37 -34.15
CA HIS A 21 -8.25 2.60 -34.30
C HIS A 21 -9.32 3.46 -35.00
N ALA A 22 -10.58 3.33 -34.58
CA ALA A 22 -11.70 4.03 -35.21
C ALA A 22 -12.89 4.13 -34.25
N ASN A 23 -13.50 5.32 -34.28
CA ASN A 23 -14.74 5.60 -33.57
C ASN A 23 -15.91 5.11 -34.42
N VAL A 24 -17.11 5.09 -33.83
CA VAL A 24 -18.34 4.86 -34.58
C VAL A 24 -18.94 6.21 -34.95
N VAL A 25 -19.13 6.43 -36.26
CA VAL A 25 -19.63 7.70 -36.78
C VAL A 25 -20.84 7.41 -37.65
N TRP A 26 -22.02 7.82 -37.17
CA TRP A 26 -23.23 7.80 -37.97
C TRP A 26 -23.47 9.19 -38.52
N ASP A 27 -23.73 9.28 -39.83
CA ASP A 27 -23.90 10.56 -40.49
C ASP A 27 -25.36 10.78 -40.91
N THR A 28 -26.30 9.97 -40.42
CA THR A 28 -27.73 10.16 -40.67
C THR A 28 -28.51 9.68 -39.46
N PRO A 29 -29.66 10.28 -39.07
CA PRO A 29 -30.30 9.94 -37.81
C PRO A 29 -30.84 8.52 -37.78
N SER A 30 -31.17 8.07 -36.58
CA SER A 30 -31.62 6.71 -36.35
C SER A 30 -33.15 6.65 -36.44
N ARG A 31 -33.68 5.46 -36.75
CA ARG A 31 -35.11 5.26 -37.02
C ARG A 31 -35.88 4.88 -35.75
N ASN A 32 -35.29 4.04 -34.89
CA ASN A 32 -35.94 3.53 -33.69
C ASN A 32 -34.90 3.15 -32.63
N SER A 33 -35.35 2.70 -31.45
CA SER A 33 -34.46 2.48 -30.31
C SER A 33 -33.45 1.35 -30.52
N SER A 34 -33.69 0.43 -31.49
CA SER A 34 -32.72 -0.61 -31.79
C SER A 34 -31.50 -0.04 -32.51
N GLU A 35 -31.67 1.12 -33.15
CA GLU A 35 -30.58 1.77 -33.85
C GLU A 35 -29.87 2.75 -32.91
N SER A 36 -29.66 2.32 -31.65
CA SER A 36 -29.10 3.20 -30.64
C SER A 36 -27.61 2.88 -30.39
N MET A 37 -26.97 3.79 -29.62
CA MET A 37 -25.55 3.80 -29.35
C MET A 37 -25.30 3.72 -27.84
N PRO A 38 -24.34 2.89 -27.37
CA PRO A 38 -24.08 2.79 -25.95
C PRO A 38 -23.22 3.95 -25.51
N CYS A 39 -23.41 4.35 -24.25
CA CYS A 39 -22.61 5.41 -23.65
C CYS A 39 -22.79 5.26 -22.15
N GLY A 40 -21.69 5.27 -21.41
CA GLY A 40 -21.85 5.14 -19.98
C GLY A 40 -20.59 5.53 -19.25
N GLY A 41 -20.37 4.77 -18.19
CA GLY A 41 -19.34 5.02 -17.20
C GLY A 41 -19.89 4.78 -15.81
N GLY A 42 -19.02 4.31 -14.91
CA GLY A 42 -19.35 4.15 -13.52
C GLY A 42 -20.18 2.90 -13.35
N ASP A 43 -21.42 3.06 -12.89
CA ASP A 43 -22.38 1.96 -12.90
C ASP A 43 -23.60 2.35 -13.74
N ILE A 44 -23.39 3.03 -14.87
CA ILE A 44 -24.48 3.60 -15.64
C ILE A 44 -24.29 3.38 -17.13
N GLY A 45 -25.39 3.01 -17.78
CA GLY A 45 -25.43 2.80 -19.21
C GLY A 45 -26.62 3.51 -19.86
N MET A 46 -26.33 4.21 -20.94
CA MET A 46 -27.35 4.85 -21.74
C MET A 46 -27.32 4.33 -23.16
N ASN A 47 -28.52 4.13 -23.71
CA ASN A 47 -28.71 3.98 -25.14
C ASN A 47 -29.16 5.33 -25.69
N ILE A 48 -28.47 5.83 -26.72
CA ILE A 48 -28.64 7.20 -27.19
C ILE A 48 -28.91 7.14 -28.68
N TRP A 49 -29.95 7.85 -29.14
CA TRP A 49 -30.22 7.91 -30.56
C TRP A 49 -31.05 9.15 -30.90
N VAL A 50 -31.10 9.45 -32.21
CA VAL A 50 -31.85 10.58 -32.71
C VAL A 50 -32.92 10.11 -33.68
N GLU A 51 -34.18 10.43 -33.34
CA GLU A 51 -35.35 9.96 -34.06
C GLU A 51 -36.30 11.13 -34.35
N GLU A 52 -36.44 11.45 -35.65
CA GLU A 52 -37.27 12.55 -36.11
C GLU A 52 -36.98 13.79 -35.27
N GLY A 53 -35.69 14.17 -35.22
CA GLY A 53 -35.28 15.45 -34.66
C GLY A 53 -35.21 15.47 -33.13
N ASP A 54 -35.50 14.35 -32.48
CA ASP A 54 -35.41 14.33 -31.02
C ASP A 54 -34.19 13.52 -30.62
N ILE A 55 -33.52 14.00 -29.57
CA ILE A 55 -32.43 13.27 -28.95
C ILE A 55 -33.06 12.46 -27.82
N LEU A 56 -32.96 11.13 -27.96
CA LEU A 56 -33.54 10.20 -27.03
C LEU A 56 -32.45 9.35 -26.41
N PHE A 57 -32.58 9.14 -25.09
CA PHE A 57 -31.68 8.23 -24.41
C PHE A 57 -32.44 7.47 -23.33
N TYR A 58 -32.21 6.15 -23.31
CA TYR A 58 -32.60 5.29 -22.20
C TYR A 58 -31.52 5.36 -21.13
N LEU A 59 -31.90 5.16 -19.86
CA LEU A 59 -30.96 5.28 -18.76
C LEU A 59 -31.12 4.11 -17.81
N SER A 60 -30.16 3.18 -17.83
CA SER A 60 -30.18 2.03 -16.94
C SER A 60 -29.00 2.10 -15.99
N ARG A 61 -29.24 1.70 -14.72
CA ARG A 61 -28.17 1.60 -13.73
C ARG A 61 -28.13 0.19 -13.17
N SER A 62 -26.92 -0.27 -12.84
CA SER A 62 -26.75 -1.59 -12.24
C SER A 62 -27.45 -1.66 -10.89
N GLY A 63 -28.10 -2.80 -10.61
CA GLY A 63 -28.54 -3.13 -9.27
C GLY A 63 -29.96 -2.68 -8.93
N THR A 64 -30.69 -2.13 -9.91
CA THR A 64 -32.03 -1.58 -9.66
C THR A 64 -33.07 -2.68 -9.84
N PHE A 65 -33.24 -3.50 -8.78
CA PHE A 65 -34.06 -4.68 -8.88
C PHE A 65 -35.37 -4.43 -8.14
N ASP A 66 -36.50 -4.74 -8.79
CA ASP A 66 -37.82 -4.45 -8.22
C ASP A 66 -38.17 -5.57 -7.25
N GLU A 67 -39.42 -5.59 -6.78
CA GLU A 67 -39.85 -6.56 -5.79
C GLU A 67 -39.99 -7.95 -6.40
N ASN A 68 -40.05 -8.01 -7.75
CA ASN A 68 -40.06 -9.28 -8.46
C ASN A 68 -38.68 -9.59 -9.03
N ASN A 69 -37.67 -8.81 -8.64
CA ASN A 69 -36.28 -9.00 -9.03
C ASN A 69 -36.08 -8.80 -10.54
N CYS A 70 -36.82 -7.83 -11.10
CA CYS A 70 -36.69 -7.39 -12.48
C CYS A 70 -35.78 -6.17 -12.52
N GLN A 71 -34.91 -6.08 -13.55
CA GLN A 71 -33.99 -4.95 -13.64
C GLN A 71 -34.69 -3.82 -14.40
N LEU A 72 -35.11 -2.81 -13.63
CA LEU A 72 -35.82 -1.65 -14.14
C LEU A 72 -34.83 -0.64 -14.72
N LYS A 73 -35.17 -0.08 -15.89
CA LYS A 73 -34.53 1.12 -16.39
C LYS A 73 -35.11 2.30 -15.62
N GLN A 74 -34.30 3.36 -15.47
CA GLN A 74 -34.68 4.49 -14.64
C GLN A 74 -35.72 5.33 -15.36
N GLY A 75 -35.55 5.44 -16.69
CA GLY A 75 -36.52 6.08 -17.55
C GLY A 75 -35.96 6.31 -18.95
N ARG A 76 -36.72 7.07 -19.76
CA ARG A 76 -36.28 7.57 -21.05
C ARG A 76 -36.26 9.09 -21.01
N PHE A 77 -35.28 9.69 -21.68
CA PHE A 77 -35.11 11.12 -21.73
C PHE A 77 -35.22 11.62 -23.17
N ARG A 78 -35.86 12.78 -23.32
CA ARG A 78 -36.09 13.39 -24.62
C ARG A 78 -35.62 14.84 -24.57
N LEU A 79 -34.82 15.23 -25.58
CA LEU A 79 -34.33 16.59 -25.70
C LEU A 79 -34.67 17.11 -27.10
N ARG A 80 -35.44 18.21 -27.13
CA ARG A 80 -35.78 18.86 -28.38
C ARG A 80 -35.33 20.32 -28.34
N LEU A 81 -34.56 20.69 -29.37
CA LEU A 81 -34.17 22.06 -29.61
C LEU A 81 -35.14 22.74 -30.58
N SER A 82 -35.29 24.07 -30.43
CA SER A 82 -36.15 24.87 -31.29
C SER A 82 -35.48 26.22 -31.59
N PRO A 83 -35.31 26.62 -32.87
CA PRO A 83 -35.54 25.74 -34.03
C PRO A 83 -34.58 24.57 -34.07
N ASN A 84 -35.12 23.40 -34.41
CA ASN A 84 -34.42 22.15 -34.25
C ASN A 84 -33.41 21.98 -35.39
N PRO A 85 -32.08 22.03 -35.11
CA PRO A 85 -31.08 21.87 -36.14
C PRO A 85 -30.91 20.42 -36.61
N PHE A 86 -31.71 19.51 -36.05
CA PHE A 86 -31.66 18.09 -36.38
C PHE A 86 -32.81 17.65 -37.29
N GLU A 87 -33.70 18.59 -37.65
CA GLU A 87 -34.81 18.35 -38.57
C GLU A 87 -34.34 18.60 -40.00
N ASP A 88 -34.28 17.51 -40.78
CA ASP A 88 -33.81 17.54 -42.15
C ASP A 88 -32.46 18.27 -42.21
N ALA A 89 -31.55 17.86 -41.32
CA ALA A 89 -30.33 18.61 -41.05
C ALA A 89 -29.22 18.19 -42.00
N LYS A 90 -28.43 19.16 -42.48
CA LYS A 90 -27.22 18.84 -43.21
C LYS A 90 -26.08 18.74 -42.17
N ASP A 91 -25.12 17.86 -42.49
CA ASP A 91 -23.98 17.61 -41.63
C ASP A 91 -24.46 17.15 -40.27
N PHE A 92 -25.25 16.07 -40.26
CA PHE A 92 -25.58 15.36 -39.04
C PHE A 92 -24.40 14.47 -38.67
N ARG A 93 -24.19 14.29 -37.36
CA ARG A 93 -23.11 13.45 -36.88
C ARG A 93 -23.35 13.05 -35.43
N GLN A 94 -23.63 11.76 -35.23
CA GLN A 94 -23.56 11.11 -33.92
C GLN A 94 -22.29 10.27 -33.89
N GLU A 95 -21.43 10.56 -32.91
CA GLU A 95 -20.13 9.91 -32.83
C GLU A 95 -19.93 9.40 -31.40
N LEU A 96 -19.50 8.13 -31.31
CA LEU A 96 -18.99 7.58 -30.08
C LEU A 96 -17.51 7.92 -30.01
N LYS A 97 -17.17 8.88 -29.13
CA LYS A 97 -15.81 9.34 -28.99
C LYS A 97 -15.10 8.44 -27.97
N LEU A 98 -14.56 7.32 -28.46
CA LEU A 98 -14.13 6.24 -27.60
C LEU A 98 -13.14 6.75 -26.55
N ILE A 99 -12.13 7.49 -27.01
CA ILE A 99 -11.00 7.81 -26.17
C ILE A 99 -11.46 8.47 -24.86
N ASP A 100 -12.52 9.29 -24.91
CA ASP A 100 -12.96 10.07 -23.76
C ASP A 100 -14.27 9.51 -23.17
N GLY A 101 -14.84 8.49 -23.81
CA GLY A 101 -15.98 7.76 -23.28
C GLY A 101 -17.26 8.59 -23.25
N TYR A 102 -17.51 9.32 -24.35
CA TYR A 102 -18.66 10.21 -24.43
C TYR A 102 -19.19 10.17 -25.87
N VAL A 103 -20.48 10.51 -26.00
CA VAL A 103 -21.16 10.56 -27.29
C VAL A 103 -21.37 12.03 -27.66
N GLU A 104 -21.19 12.34 -28.95
CA GLU A 104 -21.32 13.69 -29.45
C GLU A 104 -22.27 13.70 -30.64
N ILE A 105 -23.30 14.55 -30.56
CA ILE A 105 -24.27 14.70 -31.62
C ILE A 105 -24.24 16.15 -32.08
N SER A 106 -24.11 16.36 -33.40
CA SER A 106 -23.87 17.70 -33.92
C SER A 106 -24.46 17.88 -35.32
N ALA A 107 -24.97 19.10 -35.55
CA ALA A 107 -25.40 19.55 -36.87
C ALA A 107 -25.35 21.08 -36.89
N GLU A 108 -25.36 21.65 -38.11
CA GLU A 108 -24.97 23.04 -38.34
C GLU A 108 -25.15 23.89 -37.06
N GLY A 109 -24.01 24.26 -36.46
CA GLY A 109 -23.94 25.23 -35.38
C GLY A 109 -24.55 24.73 -34.07
N THR A 110 -24.73 23.41 -33.95
CA THR A 110 -25.13 22.87 -32.66
C THR A 110 -24.27 21.65 -32.36
N GLN A 111 -23.98 21.48 -31.06
CA GLN A 111 -23.12 20.41 -30.58
C GLN A 111 -23.61 19.97 -29.21
N VAL A 112 -24.03 18.70 -29.12
CA VAL A 112 -24.54 18.15 -27.88
C VAL A 112 -23.61 17.04 -27.43
N GLN A 113 -23.36 17.01 -26.11
CA GLN A 113 -22.48 16.04 -25.51
C GLN A 113 -23.19 15.35 -24.34
N LEU A 114 -23.10 14.03 -24.32
CA LEU A 114 -23.64 13.22 -23.24
C LEU A 114 -22.52 12.36 -22.71
N TRP A 115 -22.44 12.28 -21.38
CA TRP A 115 -21.42 11.49 -20.71
C TRP A 115 -21.90 11.16 -19.31
N ALA A 116 -21.27 10.15 -18.70
CA ALA A 116 -21.50 9.87 -17.30
C ALA A 116 -20.18 9.94 -16.53
N ASP A 117 -20.27 10.46 -15.30
CA ASP A 117 -19.13 10.57 -14.41
C ASP A 117 -18.76 9.16 -13.96
N VAL A 118 -17.48 8.81 -14.11
CA VAL A 118 -17.04 7.49 -13.75
C VAL A 118 -17.04 7.35 -12.23
N PHE A 119 -16.90 8.47 -11.51
CA PHE A 119 -16.65 8.41 -10.07
C PHE A 119 -17.93 8.73 -9.30
N HIS A 120 -19.00 9.12 -10.01
CA HIS A 120 -20.26 9.44 -9.35
C HIS A 120 -21.46 9.08 -10.23
N PRO A 121 -22.61 8.67 -9.64
CA PRO A 121 -23.78 8.30 -10.42
C PRO A 121 -24.53 9.50 -11.00
N VAL A 122 -23.99 10.09 -12.07
CA VAL A 122 -24.52 11.33 -12.59
C VAL A 122 -24.33 11.36 -14.11
N VAL A 123 -25.41 11.71 -14.83
CA VAL A 123 -25.34 11.89 -16.26
C VAL A 123 -25.43 13.38 -16.57
N HIS A 124 -24.75 13.79 -17.64
CA HIS A 124 -24.66 15.18 -18.04
C HIS A 124 -25.00 15.30 -19.53
N ILE A 125 -25.86 16.29 -19.86
CA ILE A 125 -26.15 16.68 -21.22
C ILE A 125 -25.70 18.13 -21.39
N GLU A 126 -24.93 18.42 -22.43
CA GLU A 126 -24.43 19.76 -22.69
C GLU A 126 -24.79 20.18 -24.11
N VAL A 127 -25.38 21.38 -24.24
CA VAL A 127 -25.73 21.92 -25.54
C VAL A 127 -24.89 23.17 -25.77
N ILE A 128 -24.27 23.24 -26.95
CA ILE A 128 -23.56 24.43 -27.36
C ILE A 128 -24.06 24.81 -28.76
N ASN A 129 -24.67 26.00 -28.84
CA ASN A 129 -25.25 26.54 -30.07
C ASN A 129 -24.56 27.87 -30.40
N ASP A 130 -24.27 28.11 -31.70
CA ASP A 130 -23.70 29.40 -32.09
C ASP A 130 -24.71 30.51 -31.80
N ARG A 131 -25.99 30.28 -32.14
CA ARG A 131 -27.07 31.24 -31.89
C ARG A 131 -27.93 30.76 -30.73
N PRO A 132 -28.59 31.66 -29.95
CA PRO A 132 -29.48 31.24 -28.87
C PRO A 132 -30.68 30.41 -29.34
N LEU A 133 -30.82 29.20 -28.79
CA LEU A 133 -31.91 28.28 -29.12
C LEU A 133 -32.70 27.95 -27.86
N GLN A 134 -33.93 27.46 -28.09
CA GLN A 134 -34.82 27.04 -27.02
C GLN A 134 -34.64 25.54 -26.81
N ALA A 135 -34.91 25.04 -25.60
CA ALA A 135 -34.76 23.63 -25.34
C ALA A 135 -35.87 23.08 -24.44
N GLU A 136 -36.49 21.99 -24.92
CA GLU A 136 -37.38 21.18 -24.11
C GLU A 136 -36.65 19.87 -23.74
N ILE A 137 -36.77 19.49 -22.46
CA ILE A 137 -36.29 18.21 -21.96
C ILE A 137 -37.47 17.48 -21.32
N PHE A 138 -37.67 16.21 -21.72
CA PHE A 138 -38.76 15.43 -21.17
C PHE A 138 -38.23 14.18 -20.48
N TYR A 139 -38.83 13.86 -19.33
CA TYR A 139 -38.60 12.62 -18.62
C TYR A 139 -39.78 11.70 -18.88
N GLU A 140 -39.54 10.56 -19.53
CA GLU A 140 -40.59 9.64 -19.91
C GLU A 140 -40.48 8.39 -19.03
N ASN A 141 -41.61 7.94 -18.47
CA ASN A 141 -41.64 6.82 -17.57
C ASN A 141 -42.93 6.05 -17.84
N TRP A 142 -42.79 4.76 -18.13
CA TRP A 142 -43.92 3.92 -18.51
C TRP A 142 -44.45 3.18 -17.29
N ARG A 143 -43.88 3.49 -16.11
CA ARG A 143 -44.31 2.86 -14.87
C ARG A 143 -45.07 3.88 -14.03
N TYR A 144 -45.83 4.76 -14.71
CA TYR A 144 -46.56 5.84 -14.05
C TYR A 144 -47.71 5.27 -13.24
N GLN A 145 -48.24 4.12 -13.69
CA GLN A 145 -49.22 3.36 -12.94
C GLN A 145 -48.83 1.89 -12.96
N ASP A 146 -49.46 1.11 -12.06
CA ASP A 146 -49.29 -0.33 -12.01
C ASP A 146 -49.52 -0.92 -13.40
N ARG A 147 -48.75 -1.95 -13.75
CA ARG A 147 -48.98 -2.66 -15.00
C ARG A 147 -48.92 -4.16 -14.72
N LEU A 148 -49.94 -4.88 -15.17
CA LEU A 148 -50.04 -6.29 -14.89
C LEU A 148 -49.05 -7.03 -15.79
N ILE A 149 -48.37 -8.04 -15.21
CA ILE A 149 -47.43 -8.85 -15.95
C ILE A 149 -48.22 -9.77 -16.87
N ARG A 150 -48.06 -9.55 -18.17
CA ARG A 150 -48.80 -10.27 -19.21
C ARG A 150 -48.16 -11.65 -19.44
N LYS A 151 -48.74 -12.43 -20.36
CA LYS A 151 -48.25 -13.78 -20.63
C LYS A 151 -46.91 -13.71 -21.36
N GLY A 152 -45.86 -14.19 -20.67
CA GLY A 152 -44.53 -14.30 -21.24
C GLY A 152 -43.60 -13.24 -20.67
N GLU A 153 -44.20 -12.24 -20.00
CA GLU A 153 -43.49 -11.07 -19.52
C GLU A 153 -42.67 -11.46 -18.30
N GLY A 154 -43.04 -12.57 -17.66
CA GLY A 154 -42.38 -13.02 -16.45
C GLY A 154 -40.88 -13.28 -16.63
N GLN A 155 -40.46 -13.57 -17.87
CA GLN A 155 -39.08 -13.89 -18.19
C GLN A 155 -38.09 -12.83 -17.67
N GLN A 156 -38.57 -11.58 -17.52
CA GLN A 156 -37.76 -10.48 -17.04
C GLN A 156 -37.60 -10.52 -15.52
N CYS A 157 -38.31 -11.44 -14.85
CA CYS A 157 -38.32 -11.50 -13.39
C CYS A 157 -38.02 -12.94 -12.97
N SER A 158 -38.28 -13.23 -11.69
CA SER A 158 -37.97 -14.51 -11.08
C SER A 158 -39.07 -15.54 -11.29
N TYR A 159 -40.27 -15.11 -11.68
CA TYR A 159 -41.41 -16.02 -11.81
C TYR A 159 -41.40 -16.69 -13.18
N LYS A 160 -40.62 -16.15 -14.11
CA LYS A 160 -40.45 -16.74 -15.43
C LYS A 160 -41.82 -17.02 -16.06
N TRP A 161 -42.14 -18.27 -16.35
CA TRP A 161 -43.34 -18.65 -17.10
C TRP A 161 -44.57 -18.66 -16.21
N ALA A 162 -44.40 -18.59 -14.89
CA ALA A 162 -45.48 -18.84 -13.96
C ALA A 162 -45.66 -17.70 -12.96
N PRO A 163 -45.90 -16.46 -13.43
CA PRO A 163 -46.15 -15.36 -12.50
C PRO A 163 -47.52 -15.49 -11.87
N PRO A 164 -47.65 -15.54 -10.53
CA PRO A 164 -48.97 -15.67 -9.89
C PRO A 164 -49.98 -14.69 -10.48
N LYS A 165 -51.24 -15.12 -10.57
CA LYS A 165 -52.29 -14.30 -11.14
C LYS A 165 -52.36 -13.04 -10.27
N GLY A 166 -52.34 -11.87 -10.94
CA GLY A 166 -52.39 -10.57 -10.27
C GLY A 166 -51.01 -10.03 -9.90
N THR A 167 -49.96 -10.52 -10.59
CA THR A 167 -48.60 -10.05 -10.38
C THR A 167 -48.36 -8.90 -11.34
N MET A 168 -47.91 -7.77 -10.77
CA MET A 168 -47.73 -6.53 -11.50
C MET A 168 -46.38 -5.89 -11.15
N THR A 169 -45.85 -5.13 -12.12
CA THR A 169 -44.76 -4.20 -11.91
C THR A 169 -45.32 -2.96 -11.22
N HIS A 170 -45.00 -2.75 -9.94
CA HIS A 170 -45.57 -1.64 -9.18
C HIS A 170 -45.13 -0.30 -9.78
N ALA A 171 -45.82 0.78 -9.40
CA ALA A 171 -45.62 2.08 -10.05
C ALA A 171 -44.47 2.83 -9.38
N ASP A 172 -43.90 3.77 -10.15
CA ASP A 172 -42.85 4.66 -9.69
C ASP A 172 -43.52 5.81 -8.91
N PHE A 173 -42.71 6.70 -8.34
CA PHE A 173 -43.21 7.84 -7.59
C PHE A 173 -42.55 9.07 -8.18
N ILE A 174 -43.25 9.72 -9.13
CA ILE A 174 -42.77 10.94 -9.76
C ILE A 174 -43.41 12.14 -9.04
N SER A 175 -42.70 13.29 -9.05
CA SER A 175 -43.12 14.48 -8.33
C SER A 175 -42.23 15.65 -8.75
N LEU A 176 -42.63 16.90 -8.42
CA LEU A 176 -42.07 18.06 -9.09
C LEU A 176 -41.13 18.90 -8.22
N GLU A 177 -40.80 18.45 -6.99
CA GLU A 177 -39.86 19.17 -6.14
C GLU A 177 -38.84 18.18 -5.53
N ASP A 183 -33.43 26.28 -5.99
CA ASP A 183 -32.42 25.37 -6.60
C ASP A 183 -32.75 25.15 -8.08
N SER A 184 -31.90 24.36 -8.76
CA SER A 184 -32.05 24.00 -10.16
C SER A 184 -32.76 22.66 -10.29
N LYS A 185 -32.95 21.97 -9.15
CA LYS A 185 -33.63 20.70 -9.06
C LYS A 185 -35.07 20.87 -9.54
N ARG A 186 -35.51 20.00 -10.45
CA ARG A 186 -36.83 20.12 -11.06
C ARG A 186 -37.70 18.94 -10.65
N LEU A 187 -37.32 17.75 -11.14
CA LEU A 187 -38.15 16.55 -11.10
C LEU A 187 -37.50 15.48 -10.20
N LEU A 188 -38.36 14.75 -9.46
CA LEU A 188 -37.93 13.63 -8.66
C LEU A 188 -38.69 12.39 -9.13
N PHE A 189 -37.95 11.40 -9.61
CA PHE A 189 -38.51 10.08 -9.92
C PHE A 189 -37.81 9.05 -9.04
N TYR A 190 -38.56 8.03 -8.60
CA TYR A 190 -37.96 6.87 -7.94
C TYR A 190 -38.95 5.73 -7.96
N HIS A 191 -38.44 4.49 -7.96
CA HIS A 191 -39.24 3.33 -7.62
C HIS A 191 -38.80 2.84 -6.25
N ARG A 192 -39.77 2.45 -5.41
CA ARG A 192 -39.47 1.89 -4.10
C ARG A 192 -40.11 0.51 -3.99
N ASN A 193 -39.31 -0.44 -3.48
CA ASN A 193 -39.75 -1.79 -3.23
C ASN A 193 -40.50 -1.81 -1.89
N ALA A 194 -41.48 -2.72 -1.80
CA ALA A 194 -42.18 -2.98 -0.55
C ALA A 194 -41.30 -3.80 0.39
N GLU A 195 -41.84 -4.18 1.55
CA GLU A 195 -41.18 -5.13 2.44
C GLU A 195 -41.27 -6.53 1.84
N GLU A 196 -42.47 -6.89 1.37
CA GLU A 196 -42.69 -8.20 0.76
C GLU A 196 -42.10 -8.22 -0.64
N THR A 197 -41.17 -9.16 -0.88
CA THR A 197 -40.56 -9.37 -2.19
C THR A 197 -40.50 -10.86 -2.51
N VAL A 198 -40.07 -11.15 -3.74
CA VAL A 198 -39.88 -12.53 -4.21
C VAL A 198 -38.90 -13.29 -3.30
N PHE A 199 -38.06 -12.57 -2.55
CA PHE A 199 -37.18 -13.16 -1.54
C PHE A 199 -37.97 -13.95 -0.50
N ASP A 200 -39.03 -13.34 0.05
CA ASP A 200 -39.83 -13.95 1.10
C ASP A 200 -40.60 -15.16 0.59
N VAL A 201 -41.05 -15.04 -0.67
CA VAL A 201 -41.74 -16.10 -1.40
C VAL A 201 -40.81 -17.29 -1.58
N ALA A 202 -39.56 -17.00 -1.97
CA ALA A 202 -38.60 -18.05 -2.30
C ALA A 202 -38.09 -18.72 -1.03
N VAL A 203 -37.85 -17.94 0.02
CA VAL A 203 -37.48 -18.47 1.32
C VAL A 203 -38.52 -19.48 1.78
N ALA A 204 -39.81 -19.13 1.68
CA ALA A 204 -40.90 -20.01 2.06
C ALA A 204 -40.89 -21.28 1.20
N GLN A 205 -40.88 -21.09 -0.11
CA GLN A 205 -40.95 -22.17 -1.08
C GLN A 205 -39.91 -23.26 -0.81
N GLN A 206 -38.70 -22.85 -0.43
CA GLN A 206 -37.59 -23.79 -0.30
C GLN A 206 -37.38 -24.15 1.17
N GLY A 207 -38.33 -23.74 2.03
CA GLY A 207 -38.37 -24.11 3.44
C GLY A 207 -37.13 -23.64 4.18
N MET A 208 -36.89 -22.32 4.23
CA MET A 208 -35.78 -21.76 4.99
C MET A 208 -36.27 -20.64 5.90
N ASN A 209 -37.56 -20.66 6.25
CA ASN A 209 -38.14 -19.66 7.12
C ASN A 209 -37.53 -19.76 8.50
N GLU A 210 -37.10 -20.98 8.87
CA GLU A 210 -36.39 -21.23 10.12
C GLU A 210 -35.19 -20.31 10.27
N VAL A 211 -34.48 -20.02 9.18
CA VAL A 211 -33.22 -19.29 9.23
C VAL A 211 -33.31 -18.00 8.42
N LYS A 212 -34.52 -17.50 8.18
CA LYS A 212 -34.75 -16.31 7.37
C LYS A 212 -34.12 -15.09 8.03
N SER A 213 -34.23 -15.05 9.36
CA SER A 213 -33.80 -13.95 10.18
C SER A 213 -32.27 -13.83 10.24
N GLN A 214 -31.54 -14.72 9.55
CA GLN A 214 -30.10 -14.64 9.51
C GLN A 214 -29.60 -14.41 8.09
N MET A 215 -30.53 -14.18 7.15
CA MET A 215 -30.22 -14.14 5.72
C MET A 215 -30.20 -12.68 5.25
N MET A 216 -29.16 -12.34 4.47
CA MET A 216 -29.07 -11.08 3.75
C MET A 216 -30.27 -10.94 2.82
N ASN A 217 -30.97 -9.79 2.89
CA ASN A 217 -32.11 -9.57 2.02
C ASN A 217 -31.81 -8.38 1.10
N PRO A 218 -31.53 -8.61 -0.20
CA PRO A 218 -31.15 -7.52 -1.10
C PRO A 218 -32.29 -6.64 -1.61
N LEU A 219 -33.56 -7.06 -1.42
CA LEU A 219 -34.67 -6.43 -2.13
C LEU A 219 -35.56 -5.62 -1.20
N LYS A 220 -35.71 -6.05 0.06
CA LYS A 220 -36.56 -5.35 1.02
C LYS A 220 -36.22 -3.86 0.98
N ASN A 221 -37.22 -3.03 0.65
CA ASN A 221 -37.13 -1.58 0.78
C ASN A 221 -36.13 -0.96 -0.21
N LEU A 222 -35.67 -1.73 -1.20
CA LEU A 222 -34.67 -1.24 -2.13
C LEU A 222 -35.27 -0.13 -3.00
N THR A 223 -34.66 1.06 -2.97
CA THR A 223 -35.22 2.24 -3.59
C THR A 223 -34.19 2.86 -4.54
N PHE A 224 -34.62 3.31 -5.72
CA PHE A 224 -33.67 3.84 -6.69
C PHE A 224 -34.33 4.79 -7.69
N GLY A 225 -33.65 5.93 -7.88
CA GLY A 225 -34.15 7.04 -8.67
C GLY A 225 -33.16 8.18 -8.65
N GLY A 226 -33.66 9.42 -8.75
CA GLY A 226 -32.78 10.57 -8.82
C GLY A 226 -33.50 11.85 -9.19
N TYR A 227 -32.73 12.92 -9.43
CA TYR A 227 -33.25 14.21 -9.84
C TYR A 227 -32.92 14.46 -11.31
N LEU A 228 -33.90 14.97 -12.07
CA LEU A 228 -33.62 15.69 -13.30
C LEU A 228 -33.36 17.13 -12.86
N SER A 229 -32.39 17.81 -13.46
CA SER A 229 -32.11 19.17 -13.07
C SER A 229 -31.42 19.96 -14.18
N GLY A 230 -31.73 21.26 -14.20
CA GLY A 230 -31.08 22.25 -15.03
C GLY A 230 -31.39 23.67 -14.54
N GLU A 231 -30.53 24.64 -14.92
CA GLU A 231 -30.84 26.04 -14.77
C GLU A 231 -31.66 26.48 -15.97
N ASN A 232 -32.48 27.52 -15.76
CA ASN A 232 -33.18 28.17 -16.85
C ASN A 232 -34.24 27.20 -17.39
N LEU A 233 -35.15 26.79 -16.50
CA LEU A 233 -36.16 25.81 -16.85
C LEU A 233 -37.43 26.09 -16.05
N GLU A 234 -38.58 25.99 -16.74
CA GLU A 234 -39.89 25.96 -16.11
C GLU A 234 -40.59 24.66 -16.52
N TYR A 235 -41.51 24.19 -15.68
CA TYR A 235 -42.34 23.03 -15.97
C TYR A 235 -43.37 23.35 -17.06
N ILE A 236 -43.60 22.43 -17.99
CA ILE A 236 -44.58 22.68 -19.05
C ILE A 236 -45.60 21.55 -19.10
N GLY A 237 -45.82 20.87 -17.96
CA GLY A 237 -46.96 19.97 -17.80
C GLY A 237 -46.73 18.52 -18.25
N THR A 238 -47.69 17.64 -17.96
CA THR A 238 -47.66 16.22 -18.24
C THR A 238 -48.40 15.91 -19.53
N SER A 239 -48.14 14.74 -20.10
CA SER A 239 -48.65 14.37 -21.42
C SER A 239 -48.48 12.86 -21.60
N ASP A 240 -49.38 12.21 -22.36
CA ASP A 240 -49.41 10.76 -22.42
C ASP A 240 -49.40 10.29 -23.87
N SER A 241 -48.63 9.23 -24.15
CA SER A 241 -48.53 8.70 -25.49
C SER A 241 -48.05 7.24 -25.46
N VAL A 242 -47.46 6.80 -26.58
CA VAL A 242 -46.98 5.44 -26.77
C VAL A 242 -45.68 5.50 -27.56
N TYR A 243 -44.62 4.82 -27.08
CA TYR A 243 -43.36 4.83 -27.83
C TYR A 243 -43.24 3.56 -28.71
N ALA A 244 -43.13 2.38 -28.11
CA ALA A 244 -42.92 1.21 -28.95
C ALA A 244 -43.91 0.14 -28.55
N GLY A 245 -45.19 0.50 -28.73
CA GLY A 245 -46.29 -0.28 -28.20
C GLY A 245 -46.35 -0.18 -26.68
N THR A 246 -45.64 0.81 -26.11
CA THR A 246 -45.65 0.97 -24.67
C THR A 246 -46.13 2.38 -24.31
N ASP A 247 -47.34 2.40 -23.72
CA ASP A 247 -47.92 3.61 -23.16
C ASP A 247 -46.97 4.15 -22.08
N TYR A 248 -46.95 5.48 -21.96
CA TYR A 248 -46.06 6.16 -21.06
C TYR A 248 -46.56 7.59 -20.82
N ARG A 249 -46.11 8.16 -19.71
CA ARG A 249 -46.34 9.55 -19.39
C ARG A 249 -45.01 10.29 -19.48
N ALA A 250 -45.08 11.57 -19.83
CA ALA A 250 -43.89 12.41 -20.00
C ALA A 250 -44.10 13.72 -19.25
N TRP A 251 -43.12 14.09 -18.43
CA TRP A 251 -43.04 15.42 -17.85
C TRP A 251 -42.09 16.26 -18.69
N GLY A 252 -42.48 17.52 -18.93
CA GLY A 252 -41.76 18.40 -19.83
C GLY A 252 -41.22 19.64 -19.13
N PHE A 253 -39.99 20.04 -19.49
CA PHE A 253 -39.43 21.31 -19.08
C PHE A 253 -38.95 22.08 -20.31
N ARG A 254 -39.09 23.41 -20.24
CA ARG A 254 -38.72 24.31 -21.31
C ARG A 254 -37.89 25.44 -20.72
N SER A 255 -36.88 25.86 -21.48
CA SER A 255 -36.00 26.95 -21.08
C SER A 255 -36.75 28.28 -21.17
N LEU A 256 -36.69 29.05 -20.09
CA LEU A 256 -37.31 30.37 -20.01
C LEU A 256 -36.84 31.26 -21.16
N LYS A 257 -35.53 31.28 -21.42
CA LYS A 257 -34.92 32.18 -22.39
C LYS A 257 -34.06 31.37 -23.36
N ALA A 258 -34.14 31.68 -24.67
CA ALA A 258 -33.22 31.09 -25.64
C ALA A 258 -31.81 31.31 -25.14
N SER A 259 -30.84 30.49 -25.59
CA SER A 259 -29.51 30.50 -25.02
C SER A 259 -28.52 29.71 -25.86
N LYS A 260 -27.26 30.16 -25.88
CA LYS A 260 -26.21 29.49 -26.63
C LYS A 260 -25.75 28.23 -25.90
N LYS A 261 -25.85 28.23 -24.57
CA LYS A 261 -25.48 27.09 -23.75
C LYS A 261 -26.71 26.55 -23.03
N HIS A 262 -26.74 25.22 -22.79
CA HIS A 262 -27.72 24.60 -21.93
C HIS A 262 -27.10 23.39 -21.23
N HIS A 263 -27.36 23.22 -19.93
CA HIS A 263 -26.77 22.11 -19.19
C HIS A 263 -27.76 21.45 -18.24
N PHE A 264 -28.02 20.15 -18.50
CA PHE A 264 -28.87 19.32 -17.67
C PHE A 264 -28.03 18.22 -17.01
N SER A 265 -28.40 17.89 -15.76
CA SER A 265 -27.80 16.81 -15.01
C SER A 265 -28.86 15.86 -14.49
N VAL A 266 -28.58 14.56 -14.55
CA VAL A 266 -29.38 13.56 -13.86
C VAL A 266 -28.51 12.93 -12.78
N VAL A 267 -29.06 12.86 -11.56
CA VAL A 267 -28.30 12.44 -10.40
C VAL A 267 -29.04 11.30 -9.71
N LEU A 268 -28.42 10.12 -9.68
CA LEU A 268 -29.07 8.90 -9.21
C LEU A 268 -28.56 8.50 -7.82
N HIS A 269 -29.41 7.76 -7.11
CA HIS A 269 -29.06 7.18 -5.82
C HIS A 269 -29.88 5.90 -5.60
N THR A 270 -29.23 4.90 -5.00
CA THR A 270 -29.80 3.57 -4.78
C THR A 270 -29.55 3.20 -3.33
N GLU A 271 -30.53 2.64 -2.61
CA GLU A 271 -30.32 2.35 -1.20
C GLU A 271 -31.53 1.63 -0.60
N GLN A 272 -31.27 0.78 0.40
CA GLN A 272 -32.30 0.17 1.22
C GLN A 272 -32.43 0.97 2.51
N THR A 273 -33.65 1.46 2.79
CA THR A 273 -33.87 2.42 3.86
C THR A 273 -35.22 2.14 4.52
N GLU A 274 -35.28 2.36 5.83
CA GLU A 274 -36.52 2.16 6.59
C GLU A 274 -37.62 3.11 6.08
N THR A 275 -37.25 4.37 5.78
CA THR A 275 -38.17 5.39 5.32
C THR A 275 -37.75 5.90 3.94
N VAL A 276 -38.62 6.69 3.28
CA VAL A 276 -38.28 7.29 2.00
C VAL A 276 -37.44 8.54 2.26
N THR A 277 -37.59 9.11 3.47
CA THR A 277 -36.84 10.27 3.92
C THR A 277 -35.34 9.98 3.88
N GLN A 278 -34.97 8.81 4.44
CA GLN A 278 -33.58 8.39 4.51
C GLN A 278 -33.01 8.29 3.09
N TRP A 279 -33.79 7.75 2.16
CA TRP A 279 -33.33 7.62 0.79
C TRP A 279 -33.14 8.99 0.16
N GLU A 280 -34.16 9.85 0.30
CA GLU A 280 -34.15 11.17 -0.28
C GLU A 280 -32.89 11.91 0.17
N GLN A 281 -32.57 11.74 1.45
CA GLN A 281 -31.47 12.46 2.07
C GLN A 281 -30.18 12.14 1.35
N GLY A 282 -29.94 10.84 1.17
CA GLY A 282 -28.76 10.36 0.46
C GLY A 282 -28.69 10.92 -0.96
N LEU A 283 -29.87 11.10 -1.59
CA LEU A 283 -29.95 11.68 -2.92
C LEU A 283 -29.53 13.14 -2.87
N LYS A 284 -30.04 13.88 -1.86
CA LYS A 284 -29.72 15.29 -1.70
C LYS A 284 -28.20 15.44 -1.57
N THR A 285 -27.60 14.59 -0.73
CA THR A 285 -26.17 14.68 -0.45
C THR A 285 -25.38 14.57 -1.76
N ALA A 286 -25.82 13.67 -2.64
CA ALA A 286 -25.19 13.47 -3.93
C ALA A 286 -25.41 14.68 -4.84
N TRP A 287 -26.58 15.33 -4.70
CA TRP A 287 -26.97 16.46 -5.53
C TRP A 287 -26.16 17.71 -5.16
N GLN A 288 -26.02 17.94 -3.84
CA GLN A 288 -25.27 19.07 -3.32
C GLN A 288 -23.81 19.07 -3.81
N ARG A 289 -23.17 17.91 -3.88
CA ARG A 289 -21.80 17.84 -4.35
C ARG A 289 -21.64 18.66 -5.62
N ILE A 290 -22.60 18.54 -6.56
CA ILE A 290 -22.48 19.19 -7.87
C ILE A 290 -23.21 20.52 -7.89
N ALA A 291 -24.02 20.81 -6.87
CA ALA A 291 -24.74 22.07 -6.83
C ALA A 291 -24.67 22.66 -5.43
N PRO A 292 -23.47 23.12 -4.97
CA PRO A 292 -23.23 23.31 -3.54
C PRO A 292 -24.18 24.32 -2.90
N GLN A 293 -24.58 25.35 -3.65
CA GLN A 293 -25.60 26.28 -3.21
C GLN A 293 -26.68 26.33 -4.29
N GLY A 294 -27.20 25.15 -4.64
CA GLY A 294 -28.44 25.06 -5.39
C GLY A 294 -28.25 25.16 -6.92
N LYS A 295 -27.11 25.69 -7.38
CA LYS A 295 -26.87 25.79 -8.81
C LYS A 295 -25.74 24.84 -9.18
N ILE A 296 -25.78 24.33 -10.41
CA ILE A 296 -24.81 23.35 -10.87
C ILE A 296 -23.48 24.05 -11.11
N SER A 297 -22.52 23.81 -10.21
CA SER A 297 -21.20 24.44 -10.24
C SER A 297 -20.43 23.95 -11.46
N SER A 298 -20.31 24.77 -12.49
CA SER A 298 -19.61 24.33 -13.69
C SER A 298 -18.12 24.16 -13.40
N LYS A 299 -17.65 24.70 -12.26
CA LYS A 299 -16.31 24.42 -11.76
C LYS A 299 -16.20 22.94 -11.38
N VAL A 300 -17.15 22.46 -10.55
CA VAL A 300 -17.15 21.08 -10.05
C VAL A 300 -17.32 20.10 -11.21
N VAL A 301 -18.24 20.40 -12.12
CA VAL A 301 -18.54 19.51 -13.23
C VAL A 301 -17.37 19.47 -14.22
N SER A 302 -16.54 20.51 -14.24
CA SER A 302 -15.33 20.48 -15.06
C SER A 302 -14.32 19.47 -14.51
N GLN A 303 -14.11 19.45 -13.18
CA GLN A 303 -13.22 18.47 -12.54
C GLN A 303 -13.73 17.07 -12.84
N ASP A 304 -15.00 16.83 -12.50
CA ASP A 304 -15.67 15.57 -12.82
C ASP A 304 -15.36 15.18 -14.27
N LYS A 305 -15.55 16.10 -15.21
CA LYS A 305 -15.36 15.81 -16.63
C LYS A 305 -13.91 15.44 -16.93
N LYS A 306 -12.97 16.20 -16.38
CA LYS A 306 -11.56 16.02 -16.66
C LYS A 306 -11.12 14.65 -16.15
N GLN A 307 -11.45 14.37 -14.87
CA GLN A 307 -11.20 13.08 -14.23
C GLN A 307 -11.70 11.94 -15.13
N THR A 308 -12.97 12.03 -15.51
CA THR A 308 -13.64 10.99 -16.27
C THR A 308 -12.87 10.71 -17.56
N ARG A 309 -12.39 11.73 -18.25
CA ARG A 309 -11.78 11.52 -19.55
C ARG A 309 -10.39 10.90 -19.37
N LEU A 310 -9.68 11.34 -18.34
CA LEU A 310 -8.39 10.74 -18.01
C LEU A 310 -8.61 9.24 -17.79
N TRP A 311 -9.62 8.92 -16.98
CA TRP A 311 -9.93 7.53 -16.68
C TRP A 311 -10.10 6.70 -17.94
N TRP A 312 -10.79 7.28 -18.94
CA TRP A 312 -11.05 6.60 -20.20
C TRP A 312 -9.76 6.53 -21.01
N ASN A 313 -8.92 7.57 -20.90
CA ASN A 313 -7.65 7.60 -21.61
C ASN A 313 -6.77 6.47 -21.09
N ALA A 314 -6.79 6.29 -19.75
CA ALA A 314 -6.08 5.23 -19.04
C ALA A 314 -6.63 3.87 -19.44
N PHE A 315 -7.96 3.78 -19.44
CA PHE A 315 -8.66 2.60 -19.91
C PHE A 315 -8.07 2.09 -21.23
N TRP A 316 -7.92 2.95 -22.24
CA TRP A 316 -7.51 2.43 -23.55
C TRP A 316 -6.02 2.17 -23.62
N GLN A 317 -5.31 2.40 -22.51
CA GLN A 317 -3.89 2.08 -22.41
C GLN A 317 -3.65 0.70 -21.77
N ARG A 318 -4.66 0.13 -21.10
CA ARG A 318 -4.47 -1.11 -20.34
C ARG A 318 -4.23 -2.29 -21.27
N SER A 319 -4.82 -2.26 -22.48
CA SER A 319 -4.75 -3.37 -23.43
C SER A 319 -5.37 -2.95 -24.76
N PHE A 320 -5.07 -3.68 -25.84
CA PHE A 320 -5.77 -3.46 -27.09
C PHE A 320 -5.35 -4.46 -28.15
N ILE A 321 -6.19 -4.61 -29.18
CA ILE A 321 -5.94 -5.45 -30.32
C ILE A 321 -6.36 -4.70 -31.57
N GLU A 322 -5.38 -4.19 -32.32
CA GLU A 322 -5.64 -3.29 -33.43
C GLU A 322 -4.97 -3.85 -34.67
N THR A 323 -5.29 -3.27 -35.83
CA THR A 323 -4.65 -3.62 -37.09
C THR A 323 -3.57 -2.57 -37.37
N ILE A 324 -3.07 -2.54 -38.61
CA ILE A 324 -2.01 -1.63 -39.01
C ILE A 324 -1.97 -1.59 -40.55
N SER A 345 -7.93 -8.28 -49.88
CA SER A 345 -8.25 -6.89 -49.48
C SER A 345 -9.40 -6.86 -48.48
N ASP A 346 -10.38 -7.74 -48.68
CA ASP A 346 -11.48 -7.94 -47.75
C ASP A 346 -11.05 -8.81 -46.56
N ALA A 347 -9.84 -9.40 -46.63
CA ALA A 347 -9.23 -10.02 -45.46
C ALA A 347 -8.96 -8.96 -44.40
N LYS A 348 -8.40 -7.81 -44.81
CA LYS A 348 -8.08 -6.74 -43.88
C LYS A 348 -9.39 -6.14 -43.38
N ASP A 349 -10.39 -5.98 -44.27
CA ASP A 349 -11.68 -5.44 -43.89
C ASP A 349 -12.29 -6.28 -42.78
N ALA A 350 -12.10 -7.60 -42.85
CA ALA A 350 -12.70 -8.52 -41.90
C ALA A 350 -11.96 -8.50 -40.56
N LEU A 351 -10.64 -8.29 -40.60
CA LEU A 351 -9.85 -8.20 -39.38
C LEU A 351 -10.19 -6.90 -38.67
N LYS A 352 -10.25 -5.79 -39.43
CA LYS A 352 -10.66 -4.51 -38.90
C LYS A 352 -11.99 -4.66 -38.18
N GLU A 353 -12.93 -5.36 -38.84
CA GLU A 353 -14.27 -5.57 -38.30
C GLU A 353 -14.17 -6.14 -36.89
N ILE A 354 -13.48 -7.28 -36.73
CA ILE A 354 -13.51 -7.99 -35.46
C ILE A 354 -12.70 -7.22 -34.40
N THR A 355 -11.62 -6.56 -34.80
CA THR A 355 -10.84 -5.81 -33.83
C THR A 355 -11.63 -4.59 -33.38
N ARG A 356 -12.32 -3.94 -34.32
CA ARG A 356 -13.18 -2.81 -34.01
C ARG A 356 -14.26 -3.25 -33.01
N ASN A 357 -14.85 -4.41 -33.28
CA ASN A 357 -15.99 -4.85 -32.49
C ASN A 357 -15.53 -5.32 -31.12
N TYR A 358 -14.42 -6.06 -31.10
CA TYR A 358 -13.74 -6.43 -29.85
C TYR A 358 -13.70 -5.21 -28.94
N THR A 359 -13.28 -4.09 -29.52
CA THR A 359 -13.02 -2.86 -28.79
C THR A 359 -14.33 -2.22 -28.33
N LEU A 360 -15.28 -2.12 -29.25
CA LEU A 360 -16.55 -1.47 -28.95
C LEU A 360 -17.20 -2.19 -27.77
N PHE A 361 -17.02 -3.49 -27.74
CA PHE A 361 -17.59 -4.27 -26.66
C PHE A 361 -16.87 -3.92 -25.35
N ARG A 362 -15.55 -3.83 -25.41
CA ARG A 362 -14.78 -3.52 -24.22
C ARG A 362 -15.30 -2.21 -23.62
N TYR A 363 -15.67 -1.25 -24.49
CA TYR A 363 -16.29 0.00 -24.05
C TYR A 363 -17.52 -0.31 -23.20
N MET A 364 -18.36 -1.21 -23.72
CA MET A 364 -19.63 -1.54 -23.07
C MET A 364 -19.35 -2.14 -21.69
N LEU A 365 -18.30 -2.96 -21.58
CA LEU A 365 -17.97 -3.56 -20.31
C LEU A 365 -17.56 -2.44 -19.35
N GLY A 366 -16.87 -1.45 -19.93
CA GLY A 366 -16.27 -0.38 -19.15
C GLY A 366 -17.32 0.45 -18.43
N CYS A 367 -18.49 0.54 -19.04
CA CYS A 367 -19.52 1.42 -18.55
C CYS A 367 -19.94 0.98 -17.15
N ASN A 368 -19.57 -0.25 -16.75
CA ASN A 368 -19.99 -0.80 -15.48
C ASN A 368 -18.80 -1.42 -14.74
N ALA A 369 -17.62 -0.82 -14.88
CA ALA A 369 -16.64 -0.95 -13.82
C ALA A 369 -17.27 -0.34 -12.57
N TYR A 370 -16.96 -0.87 -11.39
CA TYR A 370 -17.43 -0.27 -10.14
C TYR A 370 -18.96 -0.34 -10.02
N GLY A 371 -19.61 -1.27 -10.73
CA GLY A 371 -20.97 -1.64 -10.37
C GLY A 371 -20.99 -2.43 -9.06
N SER A 372 -22.06 -2.32 -8.27
CA SER A 372 -22.20 -3.16 -7.09
C SER A 372 -22.55 -4.60 -7.49
N VAL A 373 -23.18 -4.74 -8.66
CA VAL A 373 -23.46 -6.05 -9.27
C VAL A 373 -22.91 -6.06 -10.68
N PRO A 374 -22.60 -7.23 -11.28
CA PRO A 374 -21.89 -7.27 -12.55
C PRO A 374 -22.71 -6.86 -13.75
N THR A 375 -21.99 -6.57 -14.84
CA THR A 375 -22.57 -6.49 -16.16
C THR A 375 -23.26 -7.81 -16.41
N LYS A 376 -24.57 -7.78 -16.74
CA LYS A 376 -25.32 -8.99 -17.04
C LYS A 376 -25.14 -9.41 -18.50
N PHE A 377 -25.26 -10.71 -18.76
CA PHE A 377 -25.02 -11.27 -20.08
C PHE A 377 -26.18 -10.94 -21.02
N ASN A 378 -27.38 -10.98 -20.44
CA ASN A 378 -28.64 -10.88 -21.14
C ASN A 378 -29.06 -9.42 -21.23
N GLY A 379 -28.38 -8.66 -22.09
CA GLY A 379 -28.72 -7.27 -22.35
C GLY A 379 -27.74 -6.27 -21.71
N GLY A 380 -27.11 -6.67 -20.59
CA GLY A 380 -26.23 -5.77 -19.88
C GLY A 380 -27.04 -4.55 -19.45
N LEU A 381 -26.50 -3.35 -19.69
CA LEU A 381 -27.16 -2.12 -19.31
C LEU A 381 -27.75 -1.40 -20.52
N PHE A 382 -27.85 -2.11 -21.65
CA PHE A 382 -28.19 -1.48 -22.92
C PHE A 382 -29.35 -2.19 -23.61
N THR A 383 -30.33 -2.66 -22.83
CA THR A 383 -31.53 -3.25 -23.41
C THR A 383 -32.31 -2.12 -24.09
N PHE A 384 -33.05 -2.47 -25.14
CA PHE A 384 -34.01 -1.53 -25.70
C PHE A 384 -35.37 -2.22 -25.85
N ASP A 385 -36.27 -1.52 -26.56
CA ASP A 385 -37.66 -1.93 -26.68
C ASP A 385 -37.70 -3.32 -27.29
N PRO A 386 -38.32 -4.28 -26.58
CA PRO A 386 -38.26 -5.70 -26.96
C PRO A 386 -38.74 -6.01 -28.36
N CYS A 387 -39.72 -5.24 -28.83
CA CYS A 387 -40.39 -5.58 -30.08
C CYS A 387 -39.37 -5.64 -31.23
N HIS A 388 -38.25 -4.92 -31.13
CA HIS A 388 -37.29 -4.95 -32.22
C HIS A 388 -36.57 -6.30 -32.30
N ILE A 389 -36.63 -7.08 -31.21
CA ILE A 389 -35.92 -8.34 -31.06
C ILE A 389 -36.83 -9.50 -31.48
N ASP A 390 -38.04 -9.54 -30.91
CA ASP A 390 -39.04 -10.53 -31.27
C ASP A 390 -40.44 -9.96 -31.04
N GLU A 391 -41.30 -10.07 -32.07
CA GLU A 391 -42.61 -9.45 -32.04
C GLU A 391 -43.51 -10.17 -31.04
N LYS A 392 -43.25 -11.48 -30.84
CA LYS A 392 -43.99 -12.28 -29.87
C LYS A 392 -43.74 -11.78 -28.45
N GLN A 393 -42.55 -11.19 -28.21
CA GLN A 393 -42.18 -10.68 -26.90
C GLN A 393 -42.10 -9.16 -26.91
N ALA A 394 -43.22 -8.45 -27.16
CA ALA A 394 -43.20 -7.00 -27.30
C ALA A 394 -43.74 -6.34 -26.03
N PHE A 395 -42.92 -6.29 -24.99
CA PHE A 395 -43.33 -5.77 -23.69
C PHE A 395 -42.68 -4.41 -23.42
N THR A 396 -42.60 -4.04 -22.12
CA THR A 396 -42.01 -2.78 -21.69
C THR A 396 -40.52 -2.77 -21.98
N PRO A 397 -39.86 -1.58 -21.97
CA PRO A 397 -38.41 -1.51 -22.04
C PRO A 397 -37.67 -2.12 -20.84
N ASP A 398 -38.41 -2.41 -19.75
CA ASP A 398 -37.85 -3.11 -18.60
C ASP A 398 -37.73 -4.61 -18.83
N TYR A 399 -37.89 -5.09 -20.07
CA TYR A 399 -38.01 -6.52 -20.31
C TYR A 399 -36.74 -7.06 -20.95
N ARG A 400 -36.40 -8.29 -20.52
CA ARG A 400 -35.32 -9.09 -21.07
C ARG A 400 -35.58 -10.55 -20.69
N LYS A 401 -35.04 -11.46 -21.50
CA LYS A 401 -35.13 -12.88 -21.21
C LYS A 401 -34.08 -13.24 -20.15
N TRP A 402 -34.43 -14.16 -19.24
CA TRP A 402 -33.50 -14.77 -18.30
C TRP A 402 -33.28 -13.90 -17.05
N GLY A 403 -34.22 -12.99 -16.77
CA GLY A 403 -34.32 -12.42 -15.44
C GLY A 403 -33.39 -11.24 -15.21
N GLY A 404 -33.58 -10.56 -14.07
CA GLY A 404 -32.80 -9.39 -13.73
C GLY A 404 -31.86 -9.67 -12.56
N GLY A 405 -32.45 -9.84 -11.35
CA GLY A 405 -31.68 -10.19 -10.17
C GLY A 405 -31.35 -11.68 -10.17
N THR A 406 -31.73 -12.37 -11.25
CA THR A 406 -31.49 -13.79 -11.46
C THR A 406 -30.36 -13.91 -12.49
N MET A 407 -29.24 -14.56 -12.15
CA MET A 407 -28.14 -14.59 -13.10
C MET A 407 -27.52 -15.99 -13.25
N THR A 408 -27.65 -16.51 -14.46
CA THR A 408 -27.07 -17.80 -14.82
C THR A 408 -25.55 -17.68 -14.80
N ALA A 409 -24.91 -18.57 -14.05
CA ALA A 409 -23.47 -18.51 -13.80
C ALA A 409 -22.67 -18.73 -15.09
N GLN A 410 -23.02 -19.75 -15.88
CA GLN A 410 -22.26 -20.12 -17.07
C GLN A 410 -22.18 -18.97 -18.08
N ASN A 411 -23.17 -18.07 -18.08
CA ASN A 411 -23.14 -16.93 -18.98
C ASN A 411 -22.29 -15.83 -18.35
N GLN A 412 -22.58 -15.53 -17.08
CA GLN A 412 -21.92 -14.43 -16.39
C GLN A 412 -20.41 -14.62 -16.47
N ARG A 413 -19.93 -15.85 -16.31
CA ARG A 413 -18.50 -16.11 -16.32
C ARG A 413 -17.88 -15.72 -17.67
N LEU A 414 -18.65 -15.81 -18.77
CA LEU A 414 -18.06 -15.52 -20.06
C LEU A 414 -17.87 -14.02 -20.26
N VAL A 415 -18.65 -13.23 -19.49
CA VAL A 415 -18.54 -11.78 -19.53
C VAL A 415 -17.24 -11.33 -18.87
N TYR A 416 -16.80 -12.04 -17.83
CA TYR A 416 -15.76 -11.55 -16.94
C TYR A 416 -14.39 -12.16 -17.28
N TRP A 417 -14.32 -13.46 -17.60
CA TRP A 417 -13.05 -14.11 -17.90
C TRP A 417 -12.09 -13.23 -18.70
N PRO A 418 -12.55 -12.50 -19.76
CA PRO A 418 -11.61 -11.79 -20.63
C PRO A 418 -10.99 -10.54 -20.03
N MET A 419 -11.46 -10.16 -18.83
CA MET A 419 -11.00 -8.96 -18.13
C MET A 419 -9.62 -9.13 -17.50
N LEU A 420 -9.13 -10.39 -17.41
CA LEU A 420 -7.79 -10.66 -16.90
C LEU A 420 -6.74 -10.25 -17.92
N LYS A 421 -6.86 -10.76 -19.14
CA LYS A 421 -5.85 -10.50 -20.16
C LYS A 421 -5.99 -9.08 -20.74
N SER A 422 -7.08 -8.38 -20.42
CA SER A 422 -7.27 -7.01 -20.86
C SER A 422 -6.84 -6.03 -19.77
N GLY A 423 -6.50 -6.58 -18.60
CA GLY A 423 -6.01 -5.79 -17.48
C GLY A 423 -7.15 -5.09 -16.72
N ASP A 424 -8.39 -5.54 -16.90
CA ASP A 424 -9.51 -4.79 -16.37
C ASP A 424 -9.82 -5.27 -14.95
N PHE A 425 -8.76 -5.39 -14.14
CA PHE A 425 -8.87 -6.11 -12.87
C PHE A 425 -9.82 -5.40 -11.93
N ASP A 426 -10.01 -4.07 -12.12
CA ASP A 426 -10.74 -3.27 -11.14
C ASP A 426 -12.25 -3.39 -11.35
N MET A 427 -12.66 -3.98 -12.47
CA MET A 427 -14.08 -4.15 -12.80
C MET A 427 -14.58 -5.48 -12.22
N MET A 428 -13.66 -6.45 -12.07
CA MET A 428 -13.99 -7.83 -11.76
C MET A 428 -14.66 -7.97 -10.39
N PRO A 429 -14.31 -7.16 -9.38
CA PRO A 429 -14.97 -7.28 -8.08
C PRO A 429 -16.48 -7.04 -8.10
N SER A 430 -16.97 -6.28 -9.08
CA SER A 430 -18.40 -6.17 -9.28
C SER A 430 -19.01 -7.58 -9.32
N GLN A 431 -18.36 -8.47 -10.08
CA GLN A 431 -18.80 -9.84 -10.26
C GLN A 431 -18.54 -10.67 -8.99
N PHE A 432 -17.40 -10.47 -8.34
CA PHE A 432 -17.05 -11.24 -7.15
C PHE A 432 -18.00 -10.91 -6.00
N ASN A 433 -18.28 -9.64 -5.79
CA ASN A 433 -19.08 -9.25 -4.63
C ASN A 433 -20.51 -9.77 -4.74
N PHE A 434 -20.98 -9.98 -5.97
CA PHE A 434 -22.30 -10.54 -6.18
C PHE A 434 -22.46 -11.81 -5.36
N TYR A 435 -21.44 -12.68 -5.45
CA TYR A 435 -21.43 -13.98 -4.79
C TYR A 435 -21.04 -13.83 -3.31
N ASN A 436 -20.06 -12.97 -3.03
CA ASN A 436 -19.61 -12.80 -1.67
C ASN A 436 -20.76 -12.29 -0.80
N ARG A 437 -21.64 -11.47 -1.37
CA ARG A 437 -22.75 -10.85 -0.65
C ARG A 437 -23.72 -11.89 -0.10
N MET A 438 -23.80 -13.04 -0.79
CA MET A 438 -24.80 -14.05 -0.48
C MET A 438 -24.13 -15.32 0.06
N LEU A 439 -22.85 -15.23 0.43
CA LEU A 439 -22.13 -16.36 0.97
C LEU A 439 -22.83 -16.91 2.22
N LYS A 440 -23.26 -16.03 3.12
CA LYS A 440 -23.93 -16.50 4.33
C LYS A 440 -25.19 -17.26 3.96
N ASN A 441 -25.93 -16.76 2.97
CA ASN A 441 -27.18 -17.39 2.55
C ASN A 441 -26.93 -18.76 1.94
N ALA A 442 -25.94 -18.85 1.05
CA ALA A 442 -25.62 -20.09 0.36
C ALA A 442 -25.13 -21.15 1.36
N GLU A 443 -24.52 -20.70 2.46
CA GLU A 443 -24.10 -21.59 3.54
C GLU A 443 -25.31 -22.10 4.33
N LEU A 444 -26.25 -21.20 4.64
CA LEU A 444 -27.38 -21.59 5.45
C LEU A 444 -28.21 -22.64 4.71
N ARG A 445 -28.18 -22.64 3.37
CA ARG A 445 -28.76 -23.74 2.61
C ARG A 445 -28.22 -25.07 3.14
N SER A 446 -26.89 -25.26 3.07
CA SER A 446 -26.27 -26.52 3.44
C SER A 446 -26.51 -26.84 4.91
N HIS A 447 -26.60 -25.84 5.77
CA HIS A 447 -26.92 -26.08 7.18
C HIS A 447 -28.30 -26.74 7.24
N VAL A 448 -29.28 -26.18 6.53
CA VAL A 448 -30.67 -26.59 6.66
C VAL A 448 -30.89 -27.96 6.02
N TYR A 449 -30.43 -28.12 4.78
CA TYR A 449 -30.82 -29.27 3.98
C TYR A 449 -30.01 -30.50 4.40
N TRP A 450 -28.71 -30.36 4.66
CA TRP A 450 -27.86 -31.53 4.88
C TRP A 450 -27.04 -31.46 6.17
N GLN A 451 -27.21 -30.40 6.97
CA GLN A 451 -26.50 -30.23 8.23
C GLN A 451 -25.00 -30.45 8.04
N HIS A 452 -24.40 -29.72 7.08
CA HIS A 452 -22.96 -29.70 6.86
C HIS A 452 -22.54 -28.32 6.36
N GLU A 453 -21.24 -28.05 6.37
CA GLU A 453 -20.70 -26.72 6.08
C GLU A 453 -20.40 -26.61 4.58
N GLY A 454 -20.29 -25.37 4.09
CA GLY A 454 -19.97 -25.13 2.67
C GLY A 454 -21.15 -24.51 1.93
N ALA A 455 -20.85 -23.77 0.85
CA ALA A 455 -21.87 -22.99 0.17
C ALA A 455 -22.39 -23.72 -1.06
N CYS A 456 -23.73 -23.79 -1.15
CA CYS A 456 -24.41 -24.43 -2.27
C CYS A 456 -24.95 -23.38 -3.24
N PHE A 457 -24.17 -23.15 -4.30
CA PHE A 457 -24.45 -22.10 -5.27
C PHE A 457 -25.05 -22.72 -6.54
N CYS A 458 -26.38 -22.61 -6.66
CA CYS A 458 -27.08 -23.18 -7.80
C CYS A 458 -26.69 -22.42 -9.08
N GLU A 459 -27.04 -23.01 -10.23
CA GLU A 459 -26.63 -22.47 -11.53
C GLU A 459 -27.43 -21.23 -11.88
N GLN A 460 -28.77 -21.32 -11.82
CA GLN A 460 -29.62 -20.16 -12.01
C GLN A 460 -29.95 -19.59 -10.63
N ILE A 461 -29.14 -18.60 -10.22
CA ILE A 461 -29.13 -18.15 -8.84
C ILE A 461 -29.71 -16.74 -8.76
N GLU A 462 -30.46 -16.52 -7.67
CA GLU A 462 -30.98 -15.21 -7.34
C GLU A 462 -29.90 -14.43 -6.62
N ASN A 463 -30.12 -13.13 -6.46
CA ASN A 463 -29.15 -12.26 -5.82
C ASN A 463 -29.12 -12.54 -4.32
N PHE A 464 -30.05 -13.39 -3.83
CA PHE A 464 -30.11 -13.71 -2.42
C PHE A 464 -29.67 -15.15 -2.15
N GLY A 465 -29.08 -15.84 -3.17
CA GLY A 465 -28.31 -17.04 -2.92
C GLY A 465 -29.09 -18.36 -3.06
N LEU A 466 -30.42 -18.26 -3.16
CA LEU A 466 -31.27 -19.42 -3.43
C LEU A 466 -31.46 -19.59 -4.93
N PRO A 467 -31.73 -20.81 -5.44
CA PRO A 467 -32.08 -20.98 -6.84
C PRO A 467 -33.36 -20.25 -7.21
N ASN A 468 -33.45 -19.90 -8.49
CA ASN A 468 -34.64 -19.27 -9.05
C ASN A 468 -35.88 -20.06 -8.65
N PRO A 469 -36.92 -19.40 -8.09
CA PRO A 469 -38.12 -20.08 -7.62
C PRO A 469 -38.78 -20.99 -8.65
N ALA A 470 -38.85 -20.53 -9.90
CA ALA A 470 -39.51 -21.27 -10.95
C ALA A 470 -38.76 -22.55 -11.29
N GLU A 471 -37.44 -22.46 -11.40
CA GLU A 471 -36.63 -23.59 -11.79
C GLU A 471 -36.55 -24.59 -10.63
N TYR A 472 -36.70 -24.10 -9.38
CA TYR A 472 -36.75 -24.95 -8.21
C TYR A 472 -37.96 -25.87 -8.30
N GLY A 473 -39.07 -25.31 -8.80
CA GLY A 473 -40.28 -26.07 -9.07
C GLY A 473 -41.43 -25.53 -8.26
N PHE A 474 -42.49 -25.08 -8.95
CA PHE A 474 -43.68 -24.58 -8.27
C PHE A 474 -44.58 -25.77 -7.93
N LYS A 475 -44.66 -26.74 -8.86
CA LYS A 475 -45.40 -27.98 -8.68
C LYS A 475 -44.40 -29.12 -8.55
N ARG A 476 -44.03 -29.39 -7.30
CA ARG A 476 -43.03 -30.38 -6.95
C ARG A 476 -43.62 -31.32 -5.90
N PRO A 477 -43.26 -32.62 -5.92
CA PRO A 477 -43.69 -33.57 -4.89
C PRO A 477 -43.32 -33.14 -3.48
N ALA A 478 -44.21 -33.38 -2.51
CA ALA A 478 -43.96 -33.02 -1.13
C ALA A 478 -42.69 -33.69 -0.60
N TRP A 479 -42.45 -34.95 -0.98
CA TRP A 479 -41.39 -35.77 -0.41
C TRP A 479 -39.99 -35.41 -0.95
N PHE A 480 -39.89 -34.71 -2.10
CA PHE A 480 -38.62 -34.53 -2.76
C PHE A 480 -37.70 -33.69 -1.87
N ASP A 481 -36.39 -33.93 -1.99
CA ASP A 481 -35.36 -33.26 -1.20
C ASP A 481 -35.47 -31.74 -1.39
N LYS A 482 -35.61 -31.03 -0.26
CA LYS A 482 -35.84 -29.60 -0.27
C LYS A 482 -34.59 -28.83 -0.72
N GLY A 483 -33.44 -29.52 -0.77
CA GLY A 483 -32.19 -28.91 -1.19
C GLY A 483 -31.93 -29.06 -2.69
N LEU A 484 -32.76 -29.88 -3.34
CA LEU A 484 -32.54 -30.20 -4.73
C LEU A 484 -33.62 -29.54 -5.58
N GLU A 485 -33.21 -28.92 -6.68
CA GLU A 485 -34.14 -28.40 -7.68
C GLU A 485 -34.91 -29.56 -8.31
N TYR A 486 -36.24 -29.41 -8.35
CA TYR A 486 -37.07 -30.37 -9.05
C TYR A 486 -36.99 -30.01 -10.53
N ASN A 487 -35.91 -30.46 -11.18
CA ASN A 487 -35.52 -29.89 -12.45
C ASN A 487 -34.63 -30.87 -13.18
N ALA A 488 -34.94 -31.15 -14.45
CA ALA A 488 -34.19 -32.11 -15.22
C ALA A 488 -32.90 -31.50 -15.78
N TRP A 489 -32.84 -30.17 -15.87
CA TRP A 489 -31.73 -29.49 -16.54
C TRP A 489 -30.68 -29.00 -15.52
N LEU A 490 -31.10 -28.77 -14.26
CA LEU A 490 -30.28 -28.05 -13.32
C LEU A 490 -29.88 -28.88 -12.09
N GLU A 491 -30.44 -30.08 -11.92
CA GLU A 491 -30.23 -30.83 -10.69
C GLU A 491 -28.74 -31.16 -10.60
N TYR A 492 -28.13 -30.73 -9.48
CA TYR A 492 -26.76 -31.09 -9.11
C TYR A 492 -25.74 -30.30 -9.92
N GLU A 493 -26.08 -29.07 -10.36
CA GLU A 493 -25.12 -28.25 -11.08
C GLU A 493 -24.68 -27.10 -10.16
N TRP A 494 -23.60 -27.35 -9.42
CA TRP A 494 -23.16 -26.46 -8.37
C TRP A 494 -21.73 -25.99 -8.57
N ASP A 495 -21.15 -26.29 -9.74
CA ASP A 495 -19.70 -26.28 -9.91
C ASP A 495 -19.24 -25.01 -10.62
N THR A 496 -20.14 -24.09 -10.97
CA THR A 496 -19.68 -22.95 -11.76
C THR A 496 -19.04 -21.91 -10.84
N ILE A 497 -19.45 -21.86 -9.57
CA ILE A 497 -18.83 -20.98 -8.58
C ILE A 497 -17.31 -21.10 -8.65
N LEU A 498 -16.81 -22.29 -8.94
CA LEU A 498 -15.38 -22.55 -8.95
C LEU A 498 -14.68 -21.74 -10.05
N GLU A 499 -15.39 -21.42 -11.14
CA GLU A 499 -14.83 -20.58 -12.19
C GLU A 499 -14.58 -19.18 -11.64
N PHE A 500 -15.51 -18.66 -10.82
CA PHE A 500 -15.34 -17.35 -10.21
C PHE A 500 -14.22 -17.40 -9.19
N CYS A 501 -14.17 -18.50 -8.41
CA CYS A 501 -13.09 -18.71 -7.46
C CYS A 501 -11.75 -18.61 -8.17
N GLN A 502 -11.63 -19.26 -9.33
CA GLN A 502 -10.42 -19.20 -10.12
C GLN A 502 -10.14 -17.76 -10.54
N MET A 503 -11.17 -17.02 -10.91
CA MET A 503 -11.01 -15.64 -11.33
C MET A 503 -10.37 -14.80 -10.23
N ILE A 504 -10.91 -14.95 -9.02
CA ILE A 504 -10.41 -14.24 -7.86
C ILE A 504 -8.91 -14.50 -7.69
N LEU A 505 -8.54 -15.79 -7.61
CA LEU A 505 -7.15 -16.16 -7.48
C LEU A 505 -6.33 -15.61 -8.64
N GLU A 506 -6.85 -15.63 -9.86
CA GLU A 506 -6.08 -15.16 -11.00
C GLU A 506 -5.89 -13.64 -10.93
N THR A 507 -6.75 -12.88 -10.22
CA THR A 507 -6.49 -11.46 -10.07
C THR A 507 -5.21 -11.30 -9.24
N LYS A 508 -5.06 -12.12 -8.19
CA LYS A 508 -3.83 -12.13 -7.42
C LYS A 508 -2.68 -12.46 -8.38
N ASN A 509 -2.79 -13.58 -9.08
CA ASN A 509 -1.69 -14.05 -9.91
C ASN A 509 -1.33 -13.00 -10.97
N TYR A 510 -2.31 -12.24 -11.48
CA TYR A 510 -2.12 -11.41 -12.66
C TYR A 510 -1.77 -9.96 -12.29
N ALA A 511 -2.15 -9.54 -11.07
CA ALA A 511 -2.19 -8.12 -10.75
C ALA A 511 -1.91 -7.81 -9.29
N GLY A 512 -1.53 -8.83 -8.53
CA GLY A 512 -1.23 -8.64 -7.12
C GLY A 512 -2.41 -8.05 -6.37
N ALA A 513 -3.64 -8.32 -6.81
CA ALA A 513 -4.79 -7.81 -6.08
C ALA A 513 -4.80 -8.35 -4.65
N ASP A 514 -5.35 -7.57 -3.72
CA ASP A 514 -5.63 -8.05 -2.37
C ASP A 514 -6.97 -8.78 -2.37
N ILE A 515 -6.94 -10.10 -2.15
CA ILE A 515 -8.15 -10.93 -2.21
C ILE A 515 -8.49 -11.48 -0.83
N THR A 516 -8.11 -10.79 0.25
CA THR A 516 -8.35 -11.27 1.61
C THR A 516 -9.86 -11.31 1.92
N PRO A 517 -10.68 -10.38 1.41
CA PRO A 517 -12.11 -10.41 1.71
C PRO A 517 -12.82 -11.62 1.10
N TYR A 518 -12.15 -12.30 0.16
CA TYR A 518 -12.76 -13.36 -0.62
C TYR A 518 -12.37 -14.76 -0.12
N LEU A 519 -11.23 -14.89 0.55
CA LEU A 519 -10.73 -16.20 0.92
C LEU A 519 -11.83 -17.05 1.56
N PRO A 520 -12.64 -16.54 2.53
CA PRO A 520 -13.75 -17.30 3.09
C PRO A 520 -14.68 -17.91 2.04
N LEU A 521 -15.04 -17.08 1.05
CA LEU A 521 -15.86 -17.51 -0.07
C LEU A 521 -15.18 -18.67 -0.79
N ILE A 522 -13.90 -18.51 -1.13
CA ILE A 522 -13.20 -19.55 -1.86
C ILE A 522 -13.18 -20.83 -1.03
N GLU A 523 -12.84 -20.70 0.25
CA GLU A 523 -12.71 -21.84 1.15
C GLU A 523 -14.06 -22.54 1.33
N SER A 524 -15.11 -21.77 1.63
CA SER A 524 -16.44 -22.33 1.85
C SER A 524 -16.92 -23.08 0.61
N SER A 525 -16.58 -22.56 -0.58
CA SER A 525 -17.03 -23.15 -1.84
C SER A 525 -16.43 -24.54 -2.05
N LEU A 526 -15.14 -24.71 -1.71
CA LEU A 526 -14.44 -25.99 -1.80
C LEU A 526 -14.94 -26.93 -0.71
N THR A 527 -15.22 -26.37 0.47
CA THR A 527 -15.61 -27.16 1.63
C THR A 527 -16.88 -27.94 1.32
N PHE A 528 -17.75 -27.37 0.46
CA PHE A 528 -19.01 -27.98 0.10
C PHE A 528 -18.79 -29.30 -0.64
N PHE A 529 -17.99 -29.26 -1.71
CA PHE A 529 -17.77 -30.45 -2.49
C PHE A 529 -17.17 -31.57 -1.65
N ASP A 530 -16.28 -31.23 -0.71
CA ASP A 530 -15.71 -32.25 0.16
C ASP A 530 -16.77 -32.79 1.13
N GLU A 531 -17.49 -31.92 1.84
CA GLU A 531 -18.44 -32.36 2.85
C GLU A 531 -19.70 -32.98 2.23
N HIS A 532 -20.04 -32.63 0.98
CA HIS A 532 -21.28 -33.13 0.39
C HIS A 532 -21.08 -34.57 -0.10
N TYR A 533 -20.10 -34.79 -0.98
CA TYR A 533 -19.93 -36.09 -1.62
C TYR A 533 -19.31 -37.12 -0.68
N ARG A 534 -18.85 -36.68 0.49
CA ARG A 534 -18.46 -37.56 1.58
C ARG A 534 -19.73 -38.04 2.27
N LEU A 535 -20.63 -37.10 2.58
CA LEU A 535 -21.86 -37.44 3.29
C LEU A 535 -22.75 -38.34 2.44
N LEU A 536 -22.87 -38.04 1.14
CA LEU A 536 -23.74 -38.80 0.25
C LEU A 536 -23.28 -40.26 0.17
N ALA A 537 -21.97 -40.48 0.13
CA ALA A 537 -21.42 -41.82 0.06
C ALA A 537 -21.61 -42.55 1.39
N SER A 538 -21.51 -41.82 2.51
CA SER A 538 -21.61 -42.43 3.82
C SER A 538 -23.05 -42.84 4.11
N ARG A 539 -24.00 -42.14 3.47
CA ARG A 539 -25.42 -42.45 3.57
C ARG A 539 -25.80 -43.62 2.67
N ARG A 540 -25.03 -43.86 1.59
CA ARG A 540 -25.35 -44.89 0.60
C ARG A 540 -24.64 -46.21 0.91
N GLY A 541 -23.41 -46.12 1.43
CA GLY A 541 -22.51 -47.26 1.56
C GLY A 541 -21.70 -47.17 2.85
N ARG A 542 -20.77 -48.11 3.03
CA ARG A 542 -20.01 -48.11 4.26
C ARG A 542 -18.82 -47.17 4.05
N LYS A 543 -18.30 -47.09 2.83
CA LYS A 543 -17.13 -46.26 2.58
C LYS A 543 -17.55 -44.88 2.06
N ALA A 544 -16.83 -43.84 2.49
CA ALA A 544 -17.10 -42.46 2.10
C ALA A 544 -16.16 -42.03 0.96
N LEU A 545 -15.16 -42.86 0.66
CA LEU A 545 -14.31 -42.65 -0.49
C LEU A 545 -14.28 -43.94 -1.31
N ASP A 546 -13.71 -43.83 -2.51
CA ASP A 546 -13.53 -44.98 -3.37
C ASP A 546 -12.29 -45.75 -2.87
N GLY A 547 -11.95 -46.82 -3.57
CA GLY A 547 -10.83 -47.68 -3.19
C GLY A 547 -9.49 -47.07 -3.55
N ASP A 548 -9.48 -45.98 -4.32
CA ASP A 548 -8.27 -45.22 -4.55
C ASP A 548 -8.24 -44.02 -3.60
N GLY A 549 -9.10 -44.05 -2.57
CA GLY A 549 -9.20 -42.99 -1.58
C GLY A 549 -9.58 -41.63 -2.18
N HIS A 550 -10.38 -41.63 -3.27
CA HIS A 550 -10.84 -40.42 -3.95
C HIS A 550 -12.32 -40.15 -3.67
N LEU A 551 -12.73 -38.88 -3.88
CA LEU A 551 -14.12 -38.44 -3.68
C LEU A 551 -15.01 -39.11 -4.71
N ILE A 552 -16.26 -39.39 -4.31
CA ILE A 552 -17.20 -40.00 -5.25
C ILE A 552 -18.24 -38.97 -5.66
N LEU A 553 -18.00 -38.40 -6.84
CA LEU A 553 -18.72 -37.26 -7.36
C LEU A 553 -19.96 -37.73 -8.11
N PHE A 554 -20.95 -38.15 -7.32
CA PHE A 554 -22.24 -38.64 -7.81
C PHE A 554 -23.29 -38.44 -6.71
N PRO A 555 -24.45 -37.85 -7.04
CA PRO A 555 -24.75 -37.35 -8.38
C PRO A 555 -24.15 -35.97 -8.63
N GLY A 556 -23.54 -35.81 -9.81
CA GLY A 556 -23.09 -34.51 -10.27
C GLY A 556 -23.77 -34.16 -11.57
N SER A 557 -23.15 -33.25 -12.34
CA SER A 557 -23.51 -33.05 -13.73
C SER A 557 -22.38 -32.32 -14.44
N ALA A 558 -22.23 -32.62 -15.74
CA ALA A 558 -21.28 -31.93 -16.58
C ALA A 558 -22.02 -30.76 -17.19
N CYS A 559 -21.91 -29.59 -16.53
CA CYS A 559 -22.66 -28.40 -16.89
C CYS A 559 -24.15 -28.76 -16.83
N GLU A 560 -24.94 -28.25 -17.78
CA GLU A 560 -26.34 -28.65 -17.92
C GLU A 560 -26.51 -29.74 -18.98
N THR A 561 -25.41 -30.18 -19.60
CA THR A 561 -25.54 -31.05 -20.76
C THR A 561 -25.70 -32.52 -20.34
N TYR A 562 -24.66 -33.12 -19.77
CA TYR A 562 -24.77 -34.51 -19.34
C TYR A 562 -25.24 -34.50 -17.89
N LYS A 563 -26.30 -35.26 -17.58
CA LYS A 563 -26.98 -35.13 -16.30
C LYS A 563 -26.82 -36.38 -15.46
N MET A 564 -26.95 -36.20 -14.13
CA MET A 564 -26.68 -37.23 -13.14
C MET A 564 -25.38 -38.00 -13.46
N THR A 565 -24.26 -37.29 -13.37
CA THR A 565 -22.96 -37.86 -13.70
C THR A 565 -22.37 -38.53 -12.46
N ASN A 566 -21.51 -39.52 -12.74
CA ASN A 566 -20.45 -39.94 -11.85
C ASN A 566 -19.15 -39.32 -12.37
N ASN A 567 -18.55 -38.43 -11.56
CA ASN A 567 -17.19 -37.97 -11.80
C ASN A 567 -17.10 -37.31 -13.19
N ALA A 568 -17.84 -36.20 -13.35
CA ALA A 568 -17.76 -35.41 -14.58
C ALA A 568 -16.37 -34.77 -14.74
N SER A 569 -15.83 -34.81 -15.96
CA SER A 569 -14.56 -34.18 -16.26
C SER A 569 -14.59 -32.69 -15.94
N SER A 570 -15.74 -32.04 -16.13
CA SER A 570 -15.85 -30.61 -15.92
C SER A 570 -15.61 -30.27 -14.44
N THR A 571 -16.38 -30.93 -13.56
CA THR A 571 -16.31 -30.68 -12.12
C THR A 571 -14.93 -31.07 -11.58
N ILE A 572 -14.33 -32.14 -12.11
CA ILE A 572 -13.04 -32.59 -11.62
C ILE A 572 -11.98 -31.57 -12.00
N ALA A 573 -11.86 -31.27 -13.30
CA ALA A 573 -10.89 -30.31 -13.77
C ALA A 573 -10.95 -29.05 -12.91
N ALA A 574 -12.15 -28.69 -12.44
CA ALA A 574 -12.33 -27.51 -11.62
C ALA A 574 -11.69 -27.69 -10.24
N LEU A 575 -12.15 -28.67 -9.46
CA LEU A 575 -11.61 -28.88 -8.13
C LEU A 575 -10.09 -29.04 -8.18
N ARG A 576 -9.59 -29.78 -9.18
CA ARG A 576 -8.16 -29.98 -9.33
C ARG A 576 -7.51 -28.61 -9.45
N THR A 577 -7.97 -27.82 -10.42
CA THR A 577 -7.28 -26.60 -10.78
C THR A 577 -7.44 -25.52 -9.72
N VAL A 578 -8.60 -25.42 -9.08
CA VAL A 578 -8.78 -24.43 -8.02
C VAL A 578 -7.83 -24.77 -6.87
N LEU A 579 -7.82 -26.04 -6.44
CA LEU A 579 -7.00 -26.46 -5.32
C LEU A 579 -5.51 -26.29 -5.63
N GLU A 580 -5.07 -26.76 -6.80
CA GLU A 580 -3.69 -26.60 -7.22
C GLU A 580 -3.29 -25.14 -7.02
N THR A 581 -4.20 -24.23 -7.41
CA THR A 581 -3.94 -22.80 -7.48
C THR A 581 -4.02 -22.17 -6.09
N TYR A 582 -4.92 -22.68 -5.23
CA TYR A 582 -5.14 -22.11 -3.91
C TYR A 582 -4.08 -22.62 -2.94
N ILE A 583 -3.40 -23.71 -3.33
CA ILE A 583 -2.29 -24.26 -2.55
C ILE A 583 -1.11 -23.29 -2.63
N LYS A 584 -0.78 -22.83 -3.84
CA LYS A 584 0.31 -21.90 -4.05
C LYS A 584 0.15 -20.62 -3.22
N VAL A 585 -0.99 -20.44 -2.54
CA VAL A 585 -1.35 -19.19 -1.87
C VAL A 585 -1.85 -19.46 -0.45
N CYS A 586 -1.60 -20.67 0.07
CA CYS A 586 -2.07 -21.07 1.39
C CYS A 586 -1.34 -22.36 1.80
N ASN A 587 -0.56 -22.24 2.88
CA ASN A 587 0.32 -23.31 3.32
C ASN A 587 -0.49 -24.41 4.00
N ASN A 588 -1.73 -24.10 4.39
CA ASN A 588 -2.52 -25.04 5.16
C ASN A 588 -2.65 -26.37 4.40
N GLU A 589 -2.66 -27.46 5.17
CA GLU A 589 -2.50 -28.81 4.63
C GLU A 589 -3.87 -29.42 4.32
N LYS A 590 -4.93 -28.91 4.97
CA LYS A 590 -6.27 -29.39 4.65
C LYS A 590 -6.46 -29.38 3.13
N TRP A 591 -5.87 -28.40 2.43
CA TRP A 591 -6.09 -28.25 1.00
C TRP A 591 -5.23 -29.23 0.18
N GLN A 592 -4.04 -29.64 0.65
CA GLN A 592 -3.29 -30.68 -0.04
C GLN A 592 -3.94 -32.05 0.17
N LYS A 593 -4.59 -32.24 1.33
CA LYS A 593 -5.28 -33.49 1.62
C LYS A 593 -6.41 -33.67 0.62
N MET A 594 -7.23 -32.62 0.48
CA MET A 594 -8.38 -32.64 -0.41
C MET A 594 -7.94 -32.84 -1.87
N LEU A 595 -6.85 -32.21 -2.31
CA LEU A 595 -6.39 -32.40 -3.67
C LEU A 595 -6.07 -33.87 -3.93
N GLU A 596 -5.64 -34.60 -2.88
CA GLU A 596 -5.32 -36.01 -3.05
C GLU A 596 -6.61 -36.81 -3.20
N THR A 597 -7.74 -36.30 -2.65
CA THR A 597 -9.04 -36.97 -2.72
C THR A 597 -9.77 -36.72 -4.04
N ILE A 598 -9.25 -35.87 -4.93
CA ILE A 598 -9.94 -35.58 -6.19
C ILE A 598 -9.67 -36.67 -7.21
N PRO A 599 -10.69 -37.36 -7.78
CA PRO A 599 -10.45 -38.39 -8.78
C PRO A 599 -9.85 -37.85 -10.06
N PRO A 600 -9.28 -38.74 -10.90
CA PRO A 600 -8.69 -38.32 -12.15
C PRO A 600 -9.76 -37.90 -13.13
N VAL A 601 -9.34 -37.10 -14.12
CA VAL A 601 -10.17 -36.81 -15.27
C VAL A 601 -10.36 -38.13 -16.02
N PRO A 602 -11.61 -38.50 -16.35
CA PRO A 602 -11.89 -39.71 -17.12
C PRO A 602 -11.73 -39.54 -18.63
N LEU A 603 -11.10 -40.54 -19.27
CA LEU A 603 -10.91 -40.57 -20.70
C LEU A 603 -11.67 -41.77 -21.25
N ARG A 604 -11.63 -41.95 -22.58
CA ARG A 604 -12.32 -43.03 -23.24
C ARG A 604 -11.88 -43.08 -24.70
N TYR A 605 -12.29 -44.14 -25.40
CA TYR A 605 -11.97 -44.34 -26.81
C TYR A 605 -13.20 -44.06 -27.67
N ILE A 606 -13.00 -43.59 -28.91
CA ILE A 606 -14.07 -43.35 -29.87
C ILE A 606 -13.61 -43.83 -31.24
N GLU A 607 -14.51 -44.50 -32.00
CA GLU A 607 -14.19 -45.00 -33.33
C GLU A 607 -14.47 -43.92 -34.37
N VAL A 608 -13.66 -43.89 -35.45
CA VAL A 608 -13.72 -42.84 -36.43
C VAL A 608 -14.21 -43.37 -37.77
N LYS A 609 -15.28 -42.74 -38.29
CA LYS A 609 -15.71 -42.89 -39.67
C LYS A 609 -14.66 -42.27 -40.62
N PRO A 621 -10.76 -50.02 -38.86
CA PRO A 621 -11.01 -48.58 -38.53
C PRO A 621 -9.78 -47.99 -37.85
N ALA A 622 -9.98 -46.95 -37.03
CA ALA A 622 -9.00 -46.51 -36.03
C ALA A 622 -9.72 -45.97 -34.80
N TRP A 623 -9.13 -46.22 -33.63
CA TRP A 623 -9.66 -45.68 -32.38
C TRP A 623 -8.88 -44.42 -32.03
N LYS A 624 -9.57 -43.44 -31.43
CA LYS A 624 -8.96 -42.21 -30.93
C LYS A 624 -9.28 -42.09 -29.45
N GLN A 625 -8.33 -41.57 -28.65
CA GLN A 625 -8.53 -41.40 -27.23
C GLN A 625 -8.97 -39.96 -26.93
N THR A 626 -10.14 -39.79 -26.29
CA THR A 626 -10.66 -38.47 -25.99
C THR A 626 -11.02 -38.35 -24.50
N ILE A 627 -11.32 -37.10 -24.13
CA ILE A 627 -11.82 -36.78 -22.81
C ILE A 627 -13.28 -37.20 -22.74
N SER A 628 -13.63 -37.89 -21.66
CA SER A 628 -15.00 -38.34 -21.48
C SER A 628 -15.79 -37.23 -20.78
N PRO A 629 -17.08 -37.06 -21.13
CA PRO A 629 -17.98 -36.19 -20.37
C PRO A 629 -17.94 -36.49 -18.87
N ALA A 630 -17.96 -37.78 -18.55
CA ALA A 630 -17.93 -38.26 -17.18
C ALA A 630 -17.59 -39.75 -17.17
N LYS A 631 -17.47 -40.30 -15.95
CA LYS A 631 -17.26 -41.73 -15.81
C LYS A 631 -18.56 -42.37 -16.25
N SER A 632 -19.69 -41.76 -15.86
CA SER A 632 -21.02 -42.21 -16.23
C SER A 632 -21.99 -41.04 -16.22
N TRP A 633 -23.02 -41.13 -17.07
CA TRP A 633 -24.14 -40.21 -17.00
C TRP A 633 -25.44 -40.90 -17.37
N GLU A 634 -26.58 -40.28 -17.00
CA GLU A 634 -27.89 -40.86 -17.21
C GLU A 634 -28.49 -40.39 -18.55
N ARG A 635 -28.26 -39.13 -18.96
CA ARG A 635 -28.90 -38.58 -20.16
C ARG A 635 -28.23 -37.28 -20.61
N ILE A 636 -28.70 -36.74 -21.74
CA ILE A 636 -28.19 -35.49 -22.32
C ILE A 636 -29.35 -34.50 -22.45
N ASN A 637 -29.26 -33.33 -21.81
CA ASN A 637 -30.36 -32.36 -21.87
C ASN A 637 -29.90 -30.99 -22.37
N ASN A 638 -28.82 -30.93 -23.15
CA ASN A 638 -28.35 -29.62 -23.60
C ASN A 638 -27.28 -29.73 -24.68
N ILE A 639 -26.65 -28.59 -25.01
CA ILE A 639 -25.76 -28.51 -26.16
C ILE A 639 -24.44 -27.87 -25.77
N GLU A 640 -24.09 -27.94 -24.48
CA GLU A 640 -22.74 -27.57 -24.04
C GLU A 640 -21.77 -28.71 -24.39
N THR A 641 -20.48 -28.44 -24.28
CA THR A 641 -19.48 -29.47 -24.53
C THR A 641 -18.51 -29.54 -23.34
N PRO A 642 -18.95 -29.99 -22.15
CA PRO A 642 -18.11 -29.98 -20.96
C PRO A 642 -16.90 -30.90 -20.99
N GLN A 643 -16.80 -31.76 -22.01
CA GLN A 643 -15.63 -32.60 -22.17
C GLN A 643 -14.44 -31.79 -22.70
N LEU A 644 -14.62 -30.50 -22.99
CA LEU A 644 -13.51 -29.63 -23.36
C LEU A 644 -13.22 -28.60 -22.27
N TYR A 645 -13.92 -28.70 -21.13
CA TYR A 645 -13.71 -27.79 -20.02
C TYR A 645 -12.27 -27.89 -19.50
N PRO A 646 -11.63 -29.08 -19.54
CA PRO A 646 -10.20 -29.19 -19.28
C PRO A 646 -9.33 -28.40 -20.26
N VAL A 647 -9.86 -28.03 -21.43
CA VAL A 647 -9.15 -27.12 -22.33
C VAL A 647 -9.38 -25.68 -21.86
N PHE A 648 -10.66 -25.30 -21.71
CA PHE A 648 -11.00 -23.98 -21.16
C PHE A 648 -12.35 -24.11 -20.46
N PRO A 649 -12.44 -23.66 -19.19
CA PRO A 649 -11.49 -22.72 -18.61
C PRO A 649 -10.25 -23.29 -17.90
N TRP A 650 -10.12 -24.59 -17.69
CA TRP A 650 -9.18 -25.04 -16.67
C TRP A 650 -7.77 -25.27 -17.21
N ARG A 651 -7.60 -25.25 -18.55
CA ARG A 651 -6.28 -25.20 -19.17
C ARG A 651 -5.36 -26.33 -18.70
N ILE A 652 -5.94 -27.52 -18.49
CA ILE A 652 -5.17 -28.72 -18.20
C ILE A 652 -4.56 -29.24 -19.50
N TYR A 653 -5.40 -29.37 -20.53
CA TYR A 653 -4.93 -29.60 -21.89
C TYR A 653 -4.84 -28.24 -22.57
N GLY A 654 -4.06 -28.17 -23.65
CA GLY A 654 -3.79 -26.91 -24.30
C GLY A 654 -2.38 -26.86 -24.87
N VAL A 655 -2.07 -25.75 -25.54
CA VAL A 655 -0.84 -25.58 -26.28
C VAL A 655 0.31 -25.52 -25.28
N GLY A 656 1.39 -26.22 -25.64
CA GLY A 656 2.58 -26.34 -24.82
C GLY A 656 2.35 -27.19 -23.57
N LYS A 657 1.37 -28.11 -23.61
CA LYS A 657 1.06 -28.95 -22.48
C LYS A 657 0.87 -30.38 -22.98
N GLU A 658 0.96 -31.32 -22.06
CA GLU A 658 1.00 -32.73 -22.39
C GLU A 658 -0.25 -33.14 -23.16
N ASN A 659 -0.10 -34.18 -23.99
CA ASN A 659 -1.22 -34.94 -24.53
C ASN A 659 -2.17 -34.02 -25.28
N LEU A 660 -1.63 -32.97 -25.91
CA LEU A 660 -2.46 -32.10 -26.74
C LEU A 660 -3.28 -32.95 -27.71
N GLU A 661 -2.74 -34.10 -28.15
CA GLU A 661 -3.40 -34.91 -29.16
C GLU A 661 -4.76 -35.43 -28.66
N ILE A 662 -4.85 -35.68 -27.34
CA ILE A 662 -6.10 -36.14 -26.74
C ILE A 662 -7.18 -35.08 -26.92
N ALA A 663 -6.86 -33.83 -26.51
CA ALA A 663 -7.81 -32.75 -26.55
C ALA A 663 -8.25 -32.47 -27.98
N ARG A 664 -7.30 -32.40 -28.93
CA ARG A 664 -7.60 -32.13 -30.32
C ARG A 664 -8.57 -33.16 -30.88
N ASP A 665 -8.40 -34.42 -30.45
CA ASP A 665 -9.24 -35.53 -30.89
C ASP A 665 -10.63 -35.41 -30.27
N THR A 666 -10.70 -34.83 -29.05
CA THR A 666 -11.98 -34.58 -28.41
C THR A 666 -12.72 -33.52 -29.21
N TYR A 667 -11.97 -32.51 -29.67
CA TYR A 667 -12.53 -31.41 -30.43
C TYR A 667 -13.01 -31.90 -31.79
N PHE A 668 -12.26 -32.82 -32.40
CA PHE A 668 -12.46 -33.16 -33.79
C PHE A 668 -13.30 -34.42 -34.01
N TYR A 669 -13.50 -35.25 -32.97
CA TYR A 669 -14.08 -36.57 -33.16
C TYR A 669 -15.22 -36.88 -32.18
N ASP A 670 -15.20 -36.33 -30.96
CA ASP A 670 -16.34 -36.51 -30.07
C ASP A 670 -17.58 -36.06 -30.84
N PRO A 671 -18.56 -36.95 -31.10
CA PRO A 671 -19.62 -36.64 -32.02
C PRO A 671 -20.62 -35.64 -31.43
N ASP A 672 -20.67 -35.54 -30.09
CA ASP A 672 -21.47 -34.52 -29.42
C ASP A 672 -20.84 -33.15 -29.63
N ALA A 673 -19.51 -33.08 -29.59
CA ALA A 673 -18.81 -31.81 -29.76
C ALA A 673 -18.99 -31.29 -31.18
N LEU A 674 -18.87 -32.19 -32.16
CA LEU A 674 -19.04 -31.87 -33.56
C LEU A 674 -20.43 -31.28 -33.76
N LYS A 675 -21.42 -31.97 -33.17
CA LYS A 675 -22.82 -31.63 -33.34
C LYS A 675 -23.13 -30.29 -32.65
N PHE A 676 -22.37 -29.93 -31.61
CA PHE A 676 -22.68 -28.76 -30.82
C PHE A 676 -21.84 -27.54 -31.23
N ARG A 677 -20.92 -27.72 -32.18
CA ARG A 677 -20.02 -26.66 -32.58
C ARG A 677 -20.82 -25.50 -33.14
N SER A 678 -20.40 -24.27 -32.83
CA SER A 678 -21.14 -23.06 -33.20
C SER A 678 -20.36 -21.81 -32.78
N HIS A 679 -20.78 -20.68 -33.34
CA HIS A 679 -20.20 -19.39 -33.00
C HIS A 679 -21.22 -18.56 -32.24
N THR A 680 -22.46 -19.03 -32.19
CA THR A 680 -23.55 -18.26 -31.61
C THR A 680 -23.39 -18.19 -30.08
N GLY A 681 -23.79 -17.06 -29.50
CA GLY A 681 -24.03 -16.92 -28.07
C GLY A 681 -22.81 -17.30 -27.24
N TRP A 682 -23.00 -18.25 -26.33
CA TRP A 682 -21.98 -18.64 -25.37
C TRP A 682 -21.04 -19.71 -25.92
N LYS A 683 -21.29 -20.15 -27.15
CA LYS A 683 -20.55 -21.30 -27.68
C LYS A 683 -19.04 -21.02 -27.70
N GLN A 684 -18.34 -21.83 -26.88
CA GLN A 684 -16.92 -21.69 -26.61
C GLN A 684 -16.03 -22.39 -27.64
N ASP A 685 -16.57 -22.85 -28.77
CA ASP A 685 -15.77 -23.53 -29.77
C ASP A 685 -14.67 -22.58 -30.27
N ASN A 686 -14.96 -21.28 -30.36
CA ASN A 686 -13.96 -20.30 -30.77
C ASN A 686 -12.79 -20.31 -29.80
N ILE A 687 -13.10 -20.41 -28.50
CA ILE A 687 -12.11 -20.40 -27.45
C ILE A 687 -11.25 -21.67 -27.54
N TRP A 688 -11.93 -22.82 -27.63
CA TRP A 688 -11.24 -24.09 -27.56
C TRP A 688 -10.29 -24.21 -28.73
N ALA A 689 -10.80 -23.97 -29.95
CA ALA A 689 -9.98 -23.97 -31.16
C ALA A 689 -8.64 -23.27 -30.89
N ALA A 690 -8.72 -22.07 -30.31
CA ALA A 690 -7.56 -21.24 -30.04
C ALA A 690 -6.68 -21.89 -28.97
N CYS A 691 -7.27 -22.30 -27.85
CA CYS A 691 -6.48 -22.95 -26.80
C CYS A 691 -5.80 -24.23 -27.30
N LEU A 692 -6.27 -24.85 -28.39
CA LEU A 692 -5.68 -26.07 -28.90
C LEU A 692 -4.81 -25.78 -30.12
N GLY A 693 -4.64 -24.50 -30.44
CA GLY A 693 -3.66 -24.10 -31.41
C GLY A 693 -4.10 -24.44 -32.83
N LEU A 694 -5.40 -24.62 -33.03
CA LEU A 694 -5.96 -24.83 -34.35
C LEU A 694 -6.32 -23.49 -34.97
N THR A 695 -5.34 -22.82 -35.58
CA THR A 695 -5.62 -21.68 -36.42
C THR A 695 -6.53 -22.16 -37.54
N GLU A 696 -7.04 -21.22 -38.33
CA GLU A 696 -7.92 -21.58 -39.43
C GLU A 696 -9.25 -22.04 -38.86
N GLU A 697 -9.22 -22.88 -37.81
CA GLU A 697 -10.43 -23.20 -37.06
C GLU A 697 -10.80 -22.01 -36.16
N ALA A 698 -9.83 -21.52 -35.40
CA ALA A 698 -10.01 -20.34 -34.58
C ALA A 698 -10.30 -19.11 -35.44
N LYS A 699 -9.60 -18.99 -36.56
CA LYS A 699 -9.78 -17.88 -37.48
C LYS A 699 -11.24 -17.82 -37.91
N SER A 700 -11.72 -18.96 -38.42
CA SER A 700 -13.06 -19.09 -38.98
C SER A 700 -14.13 -18.74 -37.95
N LEU A 701 -14.02 -19.32 -36.76
CA LEU A 701 -14.98 -19.12 -35.70
C LEU A 701 -14.95 -17.68 -35.20
N SER A 702 -13.74 -17.10 -35.03
CA SER A 702 -13.60 -15.78 -34.43
C SER A 702 -14.09 -14.71 -35.40
N LEU A 703 -13.83 -14.90 -36.71
CA LEU A 703 -14.48 -14.12 -37.76
C LEU A 703 -15.98 -14.12 -37.54
N ALA A 704 -16.56 -15.32 -37.45
CA ALA A 704 -17.98 -15.53 -37.30
C ALA A 704 -18.51 -14.85 -36.04
N LYS A 705 -17.81 -15.06 -34.92
CA LYS A 705 -18.32 -14.64 -33.62
C LYS A 705 -18.32 -13.11 -33.52
N LEU A 706 -17.23 -12.46 -33.93
CA LEU A 706 -17.05 -11.03 -33.67
C LEU A 706 -17.51 -10.13 -34.82
N SER A 707 -17.99 -10.70 -35.93
CA SER A 707 -18.51 -9.91 -37.04
C SER A 707 -19.81 -9.22 -36.65
N ASP A 708 -20.11 -8.14 -37.39
CA ASP A 708 -21.15 -7.18 -37.03
C ASP A 708 -22.45 -7.91 -36.68
N GLY A 709 -23.09 -7.41 -35.63
CA GLY A 709 -24.37 -7.93 -35.20
C GLY A 709 -25.48 -7.38 -36.09
N PRO A 710 -26.75 -7.73 -35.80
CA PRO A 710 -27.86 -7.37 -36.66
C PRO A 710 -28.37 -5.94 -36.50
N HIS A 711 -27.94 -5.22 -35.46
CA HIS A 711 -28.42 -3.86 -35.25
C HIS A 711 -27.36 -2.89 -35.75
N ARG A 712 -27.65 -1.60 -35.64
CA ARG A 712 -26.86 -0.56 -36.29
C ARG A 712 -25.50 -0.40 -35.61
N PHE A 713 -25.49 -0.31 -34.28
CA PHE A 713 -24.27 -0.46 -33.50
C PHE A 713 -23.82 -1.90 -33.63
N PRO A 714 -22.59 -2.16 -34.16
CA PRO A 714 -22.23 -3.50 -34.63
C PRO A 714 -21.83 -4.50 -33.54
N ALA A 715 -21.69 -4.04 -32.29
CA ALA A 715 -21.33 -4.91 -31.17
C ALA A 715 -22.54 -5.18 -30.27
N PHE A 716 -23.71 -4.73 -30.74
CA PHE A 716 -24.98 -5.23 -30.25
C PHE A 716 -25.26 -6.54 -30.97
N TRP A 717 -24.83 -7.64 -30.32
CA TRP A 717 -25.10 -8.97 -30.81
C TRP A 717 -26.30 -9.53 -30.08
N GLY A 718 -26.93 -10.52 -30.72
CA GLY A 718 -28.00 -11.27 -30.11
C GLY A 718 -29.18 -11.51 -31.06
N PRO A 719 -30.25 -12.16 -30.57
CA PRO A 719 -30.33 -12.54 -29.17
C PRO A 719 -29.65 -13.88 -28.85
N GLY A 720 -29.28 -14.65 -29.89
CA GLY A 720 -28.82 -16.02 -29.69
C GLY A 720 -29.72 -16.75 -28.69
N TYR A 721 -29.12 -17.42 -27.70
CA TYR A 721 -29.89 -18.21 -26.76
C TYR A 721 -30.30 -17.31 -25.59
N ASP A 722 -29.93 -16.03 -25.64
CA ASP A 722 -29.99 -15.16 -24.48
C ASP A 722 -30.89 -13.96 -24.82
N TRP A 723 -30.32 -12.74 -24.76
CA TRP A 723 -31.04 -11.51 -25.07
C TRP A 723 -30.06 -10.47 -25.60
N THR A 724 -30.58 -9.47 -26.33
CA THR A 724 -29.76 -8.46 -26.98
C THR A 724 -29.77 -7.18 -26.13
N PRO A 725 -28.62 -6.48 -25.95
CA PRO A 725 -27.32 -6.94 -26.42
C PRO A 725 -26.76 -8.10 -25.62
N ASP A 726 -26.38 -9.17 -26.35
CA ASP A 726 -25.78 -10.34 -25.75
C ASP A 726 -24.34 -10.00 -25.41
N HIS A 727 -24.01 -10.16 -24.12
CA HIS A 727 -22.71 -9.79 -23.61
C HIS A 727 -21.82 -11.03 -23.43
N ASN A 728 -22.43 -12.22 -23.30
CA ASN A 728 -21.66 -13.45 -23.25
C ASN A 728 -21.22 -13.78 -24.67
N TRP A 729 -21.94 -13.20 -25.65
CA TRP A 729 -21.52 -13.27 -27.04
C TRP A 729 -20.23 -12.47 -27.19
N GLY A 730 -20.24 -11.20 -26.75
CA GLY A 730 -19.05 -10.36 -26.82
C GLY A 730 -17.91 -10.96 -26.00
N GLY A 731 -18.23 -11.24 -24.72
CA GLY A 731 -17.29 -11.78 -23.76
C GLY A 731 -16.55 -12.98 -24.32
N SER A 732 -17.31 -14.03 -24.65
CA SER A 732 -16.75 -15.21 -25.27
C SER A 732 -15.87 -14.82 -26.46
N GLY A 733 -16.32 -13.87 -27.27
CA GLY A 733 -15.62 -13.50 -28.48
C GLY A 733 -14.27 -12.84 -28.18
N MET A 734 -14.26 -12.00 -27.15
CA MET A 734 -13.03 -11.42 -26.62
C MET A 734 -12.07 -12.53 -26.26
N ILE A 735 -12.54 -13.47 -25.43
CA ILE A 735 -11.71 -14.55 -24.95
C ILE A 735 -11.01 -15.21 -26.13
N GLY A 736 -11.77 -15.48 -27.18
CA GLY A 736 -11.27 -16.20 -28.34
C GLY A 736 -10.10 -15.46 -29.00
N LEU A 737 -10.34 -14.18 -29.28
CA LEU A 737 -9.31 -13.35 -29.90
C LEU A 737 -8.07 -13.31 -29.01
N GLN A 738 -8.30 -13.14 -27.71
CA GLN A 738 -7.22 -13.06 -26.73
C GLN A 738 -6.35 -14.31 -26.78
N GLU A 739 -6.97 -15.49 -26.81
CA GLU A 739 -6.25 -16.74 -26.70
C GLU A 739 -5.48 -17.03 -27.99
N MET A 740 -5.92 -16.47 -29.11
CA MET A 740 -5.21 -16.67 -30.36
C MET A 740 -3.83 -16.01 -30.32
N LEU A 741 -3.69 -15.01 -29.45
CA LEU A 741 -2.52 -14.13 -29.43
C LEU A 741 -1.57 -14.49 -28.28
N LEU A 742 -2.12 -14.72 -27.08
CA LEU A 742 -1.32 -14.90 -25.90
C LEU A 742 -1.91 -15.98 -25.00
N GLN A 743 -1.08 -16.96 -24.62
CA GLN A 743 -1.46 -17.97 -23.64
C GLN A 743 -0.33 -18.14 -22.64
N THR A 744 -0.63 -18.68 -21.45
CA THR A 744 0.40 -18.90 -20.44
C THR A 744 0.57 -20.40 -20.25
N ASN A 745 1.82 -20.81 -20.02
CA ASN A 745 2.15 -22.21 -19.78
C ASN A 745 3.25 -22.29 -18.71
N GLY A 746 2.83 -22.47 -17.46
CA GLY A 746 3.74 -22.25 -16.34
C GLY A 746 4.16 -20.78 -16.33
N THR A 747 5.47 -20.53 -16.44
CA THR A 747 5.96 -19.16 -16.47
C THR A 747 6.27 -18.73 -17.90
N GLN A 748 6.02 -19.60 -18.88
CA GLN A 748 6.12 -19.18 -20.26
C GLN A 748 4.96 -18.24 -20.61
N ILE A 749 5.20 -17.45 -21.65
CA ILE A 749 4.18 -16.65 -22.27
C ILE A 749 4.21 -17.01 -23.75
N LEU A 750 3.22 -17.77 -24.20
CA LEU A 750 3.18 -18.22 -25.59
C LEU A 750 2.49 -17.17 -26.45
N LEU A 751 3.21 -16.62 -27.44
CA LEU A 751 2.66 -15.58 -28.29
C LEU A 751 2.29 -16.19 -29.64
N PHE A 752 1.13 -15.78 -30.17
CA PHE A 752 0.64 -16.19 -31.48
C PHE A 752 0.40 -17.70 -31.52
N PRO A 753 -0.09 -18.37 -30.44
CA PRO A 753 -0.29 -19.81 -30.45
C PRO A 753 -1.27 -20.29 -31.51
N ALA A 754 -2.25 -19.45 -31.87
CA ALA A 754 -3.24 -19.81 -32.87
C ALA A 754 -3.66 -18.59 -33.68
N TRP A 755 -2.69 -17.94 -34.32
CA TRP A 755 -2.92 -16.69 -35.02
C TRP A 755 -2.40 -16.77 -36.45
N PRO A 756 -3.18 -16.41 -37.47
CA PRO A 756 -2.75 -16.62 -38.84
C PRO A 756 -1.71 -15.59 -39.31
N LYS A 757 -0.67 -16.08 -40.01
CA LYS A 757 0.42 -15.26 -40.52
C LYS A 757 -0.11 -14.04 -41.27
N GLU A 758 -1.19 -14.25 -42.04
CA GLU A 758 -1.68 -13.23 -42.96
C GLU A 758 -2.57 -12.23 -42.23
N TRP A 759 -2.67 -12.33 -40.90
CA TRP A 759 -3.36 -11.32 -40.10
C TRP A 759 -2.34 -10.42 -39.42
N ASN A 760 -2.19 -9.20 -39.94
CA ASN A 760 -1.27 -8.25 -39.34
C ASN A 760 -1.95 -7.65 -38.12
N VAL A 761 -1.19 -7.52 -37.03
CA VAL A 761 -1.79 -7.13 -35.77
C VAL A 761 -0.80 -6.38 -34.89
N HIS A 762 -1.34 -5.46 -34.09
CA HIS A 762 -0.63 -4.75 -33.04
C HIS A 762 -1.45 -4.89 -31.77
N PHE A 763 -0.91 -5.55 -30.75
CA PHE A 763 -1.71 -5.81 -29.56
C PHE A 763 -0.92 -5.51 -28.30
N LYS A 764 -1.65 -5.47 -27.19
CA LYS A 764 -1.05 -5.42 -25.89
C LYS A 764 -2.01 -6.09 -24.92
N LEU A 765 -1.54 -7.18 -24.31
CA LEU A 765 -2.35 -7.94 -23.38
C LEU A 765 -1.56 -8.14 -22.09
N HIS A 766 -2.23 -8.53 -21.01
CA HIS A 766 -1.54 -8.83 -19.76
C HIS A 766 -1.22 -10.31 -19.68
N ALA A 767 -0.31 -10.62 -18.74
CA ALA A 767 0.01 -11.98 -18.35
C ALA A 767 0.31 -11.97 -16.86
N PRO A 768 0.52 -13.15 -16.23
CA PRO A 768 0.69 -13.21 -14.77
C PRO A 768 1.95 -12.52 -14.29
N GLY A 769 1.88 -11.96 -13.07
CA GLY A 769 2.98 -11.23 -12.46
C GLY A 769 3.10 -9.80 -12.98
N ASN A 770 1.96 -9.10 -13.04
CA ASN A 770 1.88 -7.72 -13.51
C ASN A 770 2.67 -7.54 -14.81
N THR A 771 2.49 -8.48 -15.74
CA THR A 771 3.29 -8.48 -16.95
C THR A 771 2.42 -7.99 -18.11
N THR A 772 3.07 -7.33 -19.06
CA THR A 772 2.37 -6.67 -20.16
C THR A 772 3.17 -6.88 -21.44
N VAL A 773 2.51 -7.43 -22.46
CA VAL A 773 3.20 -7.73 -23.69
C VAL A 773 2.56 -6.94 -24.83
N GLU A 774 3.37 -6.08 -25.46
CA GLU A 774 2.93 -5.33 -26.63
C GLU A 774 3.77 -5.79 -27.82
N ALA A 775 3.10 -6.23 -28.90
CA ALA A 775 3.82 -6.77 -30.02
C ALA A 775 3.15 -6.40 -31.33
N THR A 776 3.81 -6.76 -32.43
CA THR A 776 3.30 -6.43 -33.76
C THR A 776 3.72 -7.53 -34.71
N LEU A 777 2.77 -7.98 -35.53
CA LEU A 777 3.04 -8.86 -36.65
C LEU A 777 2.77 -8.12 -37.95
N LYS A 778 3.73 -8.19 -38.87
CA LYS A 778 3.62 -7.53 -40.17
C LYS A 778 4.27 -8.43 -41.22
N ASP A 779 3.47 -8.87 -42.19
CA ASP A 779 3.90 -9.77 -43.25
C ASP A 779 4.68 -10.93 -42.63
N GLY A 780 4.13 -11.46 -41.53
CA GLY A 780 4.63 -12.67 -40.89
C GLY A 780 5.92 -12.46 -40.09
N LYS A 781 6.23 -11.21 -39.71
CA LYS A 781 7.43 -10.94 -38.92
C LYS A 781 7.01 -10.26 -37.63
N VAL A 782 7.59 -10.68 -36.49
CA VAL A 782 7.30 -10.04 -35.22
C VAL A 782 8.14 -8.76 -35.09
N THR A 783 7.65 -7.67 -35.69
CA THR A 783 8.50 -6.50 -35.91
C THR A 783 8.83 -5.83 -34.58
N ILE A 784 7.93 -5.88 -33.60
CA ILE A 784 8.19 -5.23 -32.32
C ILE A 784 8.10 -6.27 -31.21
N LEU A 785 8.49 -5.84 -30.02
CA LEU A 785 8.12 -6.46 -28.78
C LEU A 785 8.44 -5.42 -27.69
N LYS A 786 7.45 -5.03 -26.88
CA LYS A 786 7.73 -4.21 -25.69
C LYS A 786 7.12 -4.92 -24.48
N VAL A 787 8.00 -5.33 -23.55
CA VAL A 787 7.61 -6.21 -22.47
C VAL A 787 7.97 -5.54 -21.15
N SER A 788 7.06 -5.65 -20.19
CA SER A 788 7.24 -4.97 -18.93
C SER A 788 6.66 -5.84 -17.83
N PRO A 789 7.38 -6.18 -16.74
CA PRO A 789 8.82 -5.91 -16.60
C PRO A 789 9.69 -6.65 -17.60
N GLU A 790 10.88 -6.08 -17.88
CA GLU A 790 11.74 -6.57 -18.93
C GLU A 790 12.28 -7.97 -18.58
N SER A 791 12.39 -8.25 -17.28
CA SER A 791 12.85 -9.55 -16.80
C SER A 791 12.03 -10.69 -17.37
N ARG A 792 10.80 -10.40 -17.81
CA ARG A 792 9.89 -11.42 -18.31
C ARG A 792 10.06 -11.62 -19.82
N LYS A 793 10.82 -10.75 -20.51
CA LYS A 793 10.98 -10.89 -21.95
C LYS A 793 11.56 -12.27 -22.31
N LYS A 794 12.36 -12.85 -21.41
CA LYS A 794 13.00 -14.14 -21.67
C LYS A 794 12.01 -15.30 -21.49
N ASP A 795 10.77 -15.01 -21.04
CA ASP A 795 9.76 -16.03 -20.81
C ASP A 795 8.87 -16.16 -22.05
N ILE A 796 9.04 -15.22 -22.98
CA ILE A 796 8.24 -15.17 -24.20
C ILE A 796 8.65 -16.34 -25.09
N VAL A 797 7.66 -16.99 -25.68
CA VAL A 797 7.90 -17.98 -26.72
C VAL A 797 7.06 -17.60 -27.94
N ILE A 798 7.72 -17.24 -29.04
CA ILE A 798 7.00 -16.94 -30.27
C ILE A 798 6.62 -18.25 -30.95
N MET A 799 5.37 -18.37 -31.41
CA MET A 799 4.82 -19.64 -31.87
C MET A 799 4.25 -19.51 -33.28
N ILE A 800 4.54 -18.40 -33.95
CA ILE A 800 3.86 -18.04 -35.17
C ILE A 800 4.03 -19.15 -36.22
N GLU A 801 5.00 -20.08 -36.02
CA GLU A 801 5.15 -21.28 -36.85
C GLU A 801 5.14 -22.56 -35.99
N GLN B 20 26.40 -12.48 2.52
CA GLN B 20 27.55 -13.14 3.20
C GLN B 20 28.55 -12.09 3.73
N HIS B 21 28.74 -12.04 5.07
CA HIS B 21 29.52 -10.99 5.71
C HIS B 21 30.33 -11.59 6.87
N ALA B 22 30.48 -10.84 7.98
CA ALA B 22 31.29 -11.27 9.11
C ALA B 22 30.81 -10.63 10.42
N ASN B 23 30.72 -11.47 11.47
CA ASN B 23 30.31 -11.07 12.81
C ASN B 23 31.53 -10.59 13.58
N VAL B 24 31.43 -10.59 14.93
CA VAL B 24 32.57 -10.33 15.80
C VAL B 24 32.71 -11.51 16.77
N VAL B 25 33.90 -12.12 16.74
CA VAL B 25 34.23 -13.27 17.56
C VAL B 25 35.48 -12.96 18.36
N TRP B 26 35.31 -12.81 19.67
CA TRP B 26 36.43 -12.73 20.59
C TRP B 26 36.64 -14.10 21.21
N ASP B 27 37.90 -14.56 21.18
CA ASP B 27 38.24 -15.89 21.63
C ASP B 27 39.07 -15.84 22.93
N THR B 28 39.10 -14.68 23.60
CA THR B 28 39.76 -14.54 24.89
C THR B 28 38.99 -13.49 25.69
N PRO B 29 38.84 -13.61 27.03
CA PRO B 29 37.96 -12.70 27.76
C PRO B 29 38.46 -11.26 27.76
N SER B 30 37.58 -10.34 28.16
CA SER B 30 37.87 -8.92 28.11
C SER B 30 38.49 -8.47 29.43
N ARG B 31 39.27 -7.37 29.39
CA ARG B 31 40.09 -6.92 30.52
C ARG B 31 39.33 -5.92 31.40
N ASN B 32 38.55 -5.03 30.77
CA ASN B 32 37.80 -3.98 31.45
C ASN B 32 36.59 -3.57 30.61
N SER B 33 35.78 -2.62 31.11
CA SER B 33 34.52 -2.26 30.49
C SER B 33 34.67 -1.58 29.12
N SER B 34 35.85 -1.04 28.78
CA SER B 34 36.07 -0.48 27.44
C SER B 34 36.17 -1.58 26.38
N GLU B 35 36.51 -2.79 26.84
CA GLU B 35 36.62 -3.93 25.94
C GLU B 35 35.28 -4.65 25.86
N SER B 36 34.18 -3.88 25.76
CA SER B 36 32.84 -4.43 25.80
C SER B 36 32.22 -4.43 24.40
N MET B 37 31.07 -5.13 24.32
CA MET B 37 30.36 -5.45 23.10
C MET B 37 28.94 -4.89 23.18
N PRO B 38 28.42 -4.24 22.11
CA PRO B 38 27.06 -3.73 22.14
C PRO B 38 26.06 -4.85 21.90
N CYS B 39 24.89 -4.74 22.50
CA CYS B 39 23.82 -5.71 22.31
C CYS B 39 22.53 -5.06 22.78
N GLY B 40 21.50 -5.10 21.93
CA GLY B 40 20.29 -4.41 22.31
C GLY B 40 19.11 -4.83 21.46
N GLY B 41 18.29 -3.82 21.17
CA GLY B 41 17.01 -3.97 20.50
C GLY B 41 15.96 -3.12 21.21
N GLY B 42 15.02 -2.62 20.39
CA GLY B 42 13.88 -1.88 20.93
C GLY B 42 14.31 -0.48 21.31
N ASP B 43 14.22 -0.14 22.60
CA ASP B 43 14.83 1.08 23.09
C ASP B 43 15.87 0.78 24.16
N ILE B 44 16.66 -0.30 23.97
CA ILE B 44 17.58 -0.76 25.01
C ILE B 44 18.93 -1.11 24.42
N GLY B 45 19.98 -0.72 25.16
CA GLY B 45 21.37 -1.03 24.82
C GLY B 45 22.16 -1.56 26.02
N MET B 46 22.88 -2.65 25.79
CA MET B 46 23.76 -3.21 26.79
C MET B 46 25.19 -3.25 26.26
N ASN B 47 26.13 -2.94 27.14
CA ASN B 47 27.53 -3.26 26.95
C ASN B 47 27.83 -4.54 27.73
N ILE B 48 28.41 -5.54 27.05
CA ILE B 48 28.55 -6.88 27.61
C ILE B 48 30.00 -7.28 27.51
N TRP B 49 30.56 -7.79 28.62
CA TRP B 49 31.92 -8.31 28.59
C TRP B 49 32.17 -9.33 29.70
N VAL B 50 33.29 -10.04 29.56
CA VAL B 50 33.69 -11.04 30.55
C VAL B 50 35.05 -10.67 31.13
N GLU B 51 35.09 -10.51 32.47
CA GLU B 51 36.26 -10.01 33.18
C GLU B 51 36.54 -10.90 34.40
N GLU B 52 37.68 -11.63 34.35
CA GLU B 52 38.10 -12.52 35.43
C GLU B 52 36.93 -13.40 35.83
N GLY B 53 36.37 -14.10 34.83
CA GLY B 53 35.39 -15.14 35.07
C GLY B 53 33.97 -14.62 35.32
N ASP B 54 33.75 -13.31 35.31
CA ASP B 54 32.42 -12.78 35.55
C ASP B 54 31.84 -12.26 34.24
N ILE B 55 30.54 -12.49 34.06
CA ILE B 55 29.80 -11.95 32.95
C ILE B 55 29.18 -10.64 33.43
N LEU B 56 29.59 -9.55 32.80
CA LEU B 56 29.18 -8.22 33.19
C LEU B 56 28.50 -7.52 32.02
N PHE B 57 27.41 -6.80 32.34
CA PHE B 57 26.78 -5.97 31.34
C PHE B 57 26.24 -4.70 32.00
N TYR B 58 26.49 -3.57 31.31
CA TYR B 58 25.81 -2.31 31.60
C TYR B 58 24.46 -2.30 30.88
N LEU B 59 23.47 -1.61 31.45
CA LEU B 59 22.14 -1.57 30.87
C LEU B 59 21.63 -0.13 30.80
N SER B 60 21.56 0.42 29.58
CA SER B 60 20.99 1.74 29.39
C SER B 60 19.73 1.63 28.53
N ARG B 61 18.73 2.46 28.85
CA ARG B 61 17.55 2.64 28.02
C ARG B 61 17.41 4.11 27.61
N SER B 62 16.86 4.34 26.41
CA SER B 62 16.64 5.70 25.90
C SER B 62 15.67 6.44 26.81
N GLY B 63 15.94 7.74 27.05
CA GLY B 63 14.95 8.64 27.62
C GLY B 63 14.97 8.71 29.15
N THR B 64 15.94 8.06 29.79
CA THR B 64 16.01 8.02 31.24
C THR B 64 16.80 9.23 31.75
N PHE B 65 16.13 10.38 31.82
CA PHE B 65 16.78 11.64 32.11
C PHE B 65 16.45 12.03 33.55
N ASP B 66 17.48 12.38 34.33
CA ASP B 66 17.32 12.69 35.74
C ASP B 66 16.83 14.13 35.86
N GLU B 67 16.83 14.65 37.09
CA GLU B 67 16.34 15.99 37.37
C GLU B 67 17.29 17.05 36.81
N ASN B 68 18.55 16.66 36.55
CA ASN B 68 19.52 17.55 35.95
C ASN B 68 19.68 17.22 34.47
N ASN B 69 18.79 16.38 33.93
CA ASN B 69 18.73 16.06 32.52
C ASN B 69 19.97 15.29 32.08
N CYS B 70 20.45 14.41 32.98
CA CYS B 70 21.57 13.50 32.72
C CYS B 70 21.01 12.15 32.34
N GLN B 71 21.63 11.48 31.35
CA GLN B 71 21.13 10.18 30.93
C GLN B 71 21.75 9.09 31.79
N LEU B 72 20.93 8.58 32.73
CA LEU B 72 21.34 7.57 33.68
C LEU B 72 21.27 6.18 33.05
N LYS B 73 22.30 5.36 33.33
CA LYS B 73 22.22 3.92 33.09
C LYS B 73 21.39 3.32 34.21
N GLN B 74 20.74 2.20 33.92
CA GLN B 74 19.82 1.59 34.86
C GLN B 74 20.59 0.88 35.97
N GLY B 75 21.72 0.28 35.57
CA GLY B 75 22.68 -0.30 36.49
C GLY B 75 23.68 -1.19 35.76
N ARG B 76 24.46 -1.95 36.54
CA ARG B 76 25.38 -2.96 36.02
C ARG B 76 24.97 -4.32 36.58
N PHE B 77 25.12 -5.36 35.75
CA PHE B 77 24.70 -6.71 36.11
C PHE B 77 25.90 -7.64 36.06
N ARG B 78 25.95 -8.54 37.05
CA ARG B 78 27.05 -9.47 37.23
C ARG B 78 26.50 -10.88 37.40
N LEU B 79 27.07 -11.81 36.62
CA LEU B 79 26.70 -13.22 36.68
C LEU B 79 27.96 -14.06 36.88
N ARG B 80 27.99 -14.81 37.98
CA ARG B 80 29.06 -15.77 38.22
C ARG B 80 28.50 -17.19 38.34
N LEU B 81 29.06 -18.06 37.50
CA LEU B 81 28.75 -19.49 37.50
C LEU B 81 29.78 -20.27 38.32
N SER B 82 29.34 -21.39 38.91
CA SER B 82 30.21 -22.31 39.63
C SER B 82 29.78 -23.75 39.34
N PRO B 83 30.67 -24.65 38.86
CA PRO B 83 32.04 -24.31 38.47
C PRO B 83 32.11 -23.36 37.29
N ASN B 84 32.96 -22.34 37.40
CA ASN B 84 33.00 -21.28 36.43
C ASN B 84 33.81 -21.75 35.22
N PRO B 85 33.21 -21.97 34.04
CA PRO B 85 33.97 -22.38 32.87
C PRO B 85 34.74 -21.25 32.21
N PHE B 86 34.66 -20.04 32.79
CA PHE B 86 35.13 -18.82 32.14
C PHE B 86 36.44 -18.31 32.76
N GLU B 87 36.94 -18.98 33.82
CA GLU B 87 38.30 -18.78 34.30
C GLU B 87 39.24 -19.73 33.55
N ASP B 88 40.06 -19.14 32.68
CA ASP B 88 41.09 -19.83 31.94
C ASP B 88 40.49 -21.07 31.27
N ALA B 89 39.39 -20.88 30.54
CA ALA B 89 38.99 -21.85 29.53
C ALA B 89 39.70 -21.54 28.22
N LYS B 90 40.15 -22.60 27.54
CA LYS B 90 40.91 -22.46 26.32
C LYS B 90 39.97 -22.19 25.14
N ASP B 91 38.72 -22.68 25.26
CA ASP B 91 37.72 -22.54 24.22
C ASP B 91 36.67 -21.52 24.66
N PHE B 92 37.16 -20.32 24.95
CA PHE B 92 36.29 -19.18 25.22
C PHE B 92 35.79 -18.61 23.90
N ARG B 93 34.56 -18.07 23.91
CA ARG B 93 33.97 -17.46 22.72
C ARG B 93 32.82 -16.53 23.13
N GLN B 94 33.05 -15.22 22.97
CA GLN B 94 31.99 -14.21 22.95
C GLN B 94 31.77 -13.82 21.50
N GLU B 95 30.53 -13.97 21.04
CA GLU B 95 30.16 -13.70 19.66
C GLU B 95 28.96 -12.77 19.62
N LEU B 96 29.08 -11.71 18.81
CA LEU B 96 27.94 -10.91 18.39
C LEU B 96 27.32 -11.60 17.19
N LYS B 97 26.15 -12.23 17.42
CA LYS B 97 25.44 -12.95 16.38
C LYS B 97 24.53 -11.95 15.68
N LEU B 98 25.09 -11.27 14.66
CA LEU B 98 24.42 -10.13 14.05
C LEU B 98 23.02 -10.52 13.59
N ILE B 99 22.92 -11.63 12.86
CA ILE B 99 21.70 -11.95 12.14
C ILE B 99 20.51 -11.97 13.10
N ASP B 100 20.70 -12.42 14.35
CA ASP B 100 19.60 -12.59 15.29
C ASP B 100 19.64 -11.52 16.41
N GLY B 101 20.67 -10.66 16.39
CA GLY B 101 20.74 -9.50 17.28
C GLY B 101 20.91 -9.87 18.76
N TYR B 102 21.80 -10.84 19.01
CA TYR B 102 22.04 -11.35 20.35
C TYR B 102 23.53 -11.69 20.48
N VAL B 103 24.00 -11.66 21.74
CA VAL B 103 25.37 -12.00 22.08
C VAL B 103 25.39 -13.38 22.74
N GLU B 104 26.41 -14.18 22.38
CA GLU B 104 26.55 -15.53 22.90
C GLU B 104 27.95 -15.69 23.48
N ILE B 105 28.01 -16.17 24.74
CA ILE B 105 29.26 -16.41 25.42
C ILE B 105 29.29 -17.88 25.81
N SER B 106 30.39 -18.57 25.46
CA SER B 106 30.44 -20.02 25.58
C SER B 106 31.86 -20.53 25.85
N ALA B 107 31.91 -21.57 26.69
CA ALA B 107 33.13 -22.30 26.99
C ALA B 107 32.75 -23.70 27.47
N GLU B 108 33.61 -24.68 27.18
CA GLU B 108 33.48 -26.06 27.65
C GLU B 108 32.02 -26.46 27.84
N GLY B 109 31.21 -26.42 26.77
CA GLY B 109 29.84 -26.91 26.79
C GLY B 109 28.91 -26.15 27.73
N THR B 110 29.31 -24.94 28.16
CA THR B 110 28.41 -23.97 28.77
C THR B 110 28.12 -22.90 27.72
N GLN B 111 26.89 -22.38 27.75
CA GLN B 111 26.44 -21.44 26.74
C GLN B 111 25.48 -20.44 27.36
N VAL B 112 25.88 -19.17 27.31
CA VAL B 112 25.08 -18.09 27.84
C VAL B 112 24.65 -17.19 26.68
N GLN B 113 23.38 -16.77 26.75
CA GLN B 113 22.78 -15.91 25.74
C GLN B 113 22.16 -14.69 26.41
N LEU B 114 22.44 -13.53 25.82
CA LEU B 114 21.83 -12.27 26.24
C LEU B 114 21.20 -11.62 25.01
N TRP B 115 19.98 -11.12 25.20
CA TRP B 115 19.26 -10.44 24.13
C TRP B 115 18.20 -9.54 24.76
N ALA B 116 17.71 -8.58 23.95
CA ALA B 116 16.57 -7.78 24.35
C ALA B 116 15.45 -7.93 23.32
N ASP B 117 14.21 -7.92 23.84
CA ASP B 117 13.01 -8.03 23.03
C ASP B 117 12.85 -6.71 22.28
N VAL B 118 12.66 -6.80 20.96
CA VAL B 118 12.48 -5.61 20.14
C VAL B 118 11.15 -4.94 20.47
N PHE B 119 10.16 -5.73 20.90
CA PHE B 119 8.79 -5.24 20.98
C PHE B 119 8.44 -4.91 22.43
N HIS B 120 9.33 -5.21 23.38
CA HIS B 120 9.07 -4.89 24.77
C HIS B 120 10.38 -4.54 25.48
N PRO B 121 10.35 -3.65 26.50
CA PRO B 121 11.53 -3.34 27.31
C PRO B 121 11.91 -4.45 28.29
N VAL B 122 12.51 -5.53 27.78
CA VAL B 122 12.86 -6.68 28.59
C VAL B 122 14.17 -7.28 28.10
N VAL B 123 15.09 -7.52 29.04
CA VAL B 123 16.34 -8.18 28.75
C VAL B 123 16.29 -9.59 29.33
N HIS B 124 16.96 -10.52 28.64
CA HIS B 124 16.95 -11.93 28.99
C HIS B 124 18.39 -12.43 29.05
N ILE B 125 18.71 -13.17 30.12
CA ILE B 125 19.95 -13.95 30.24
C ILE B 125 19.57 -15.43 30.34
N GLU B 126 20.20 -16.29 29.52
CA GLU B 126 19.91 -17.71 29.50
C GLU B 126 21.21 -18.51 29.63
N VAL B 127 21.20 -19.48 30.55
CA VAL B 127 22.36 -20.33 30.78
C VAL B 127 21.97 -21.77 30.44
N ILE B 128 22.80 -22.43 29.64
CA ILE B 128 22.59 -23.82 29.26
C ILE B 128 23.90 -24.59 29.45
N ASN B 129 23.85 -25.66 30.26
CA ASN B 129 24.94 -26.63 30.35
C ASN B 129 24.36 -28.04 30.49
N ASP B 130 25.10 -29.05 29.98
CA ASP B 130 24.74 -30.45 30.14
C ASP B 130 24.62 -30.80 31.63
N ARG B 131 25.62 -30.35 32.41
CA ARG B 131 25.71 -30.60 33.84
C ARG B 131 25.23 -29.43 34.69
N PRO B 132 24.69 -29.68 35.91
CA PRO B 132 24.12 -28.60 36.73
C PRO B 132 25.15 -27.59 37.22
N LEU B 133 24.81 -26.30 37.08
CA LEU B 133 25.62 -25.18 37.52
C LEU B 133 24.96 -24.47 38.70
N GLN B 134 25.79 -23.84 39.54
CA GLN B 134 25.31 -22.84 40.49
C GLN B 134 25.46 -21.47 39.83
N ALA B 135 24.59 -20.52 40.20
CA ALA B 135 24.70 -19.18 39.64
C ALA B 135 24.43 -18.10 40.70
N GLU B 136 25.35 -17.14 40.77
CA GLU B 136 25.14 -15.89 41.48
C GLU B 136 24.91 -14.78 40.46
N ILE B 137 23.88 -13.96 40.70
CA ILE B 137 23.56 -12.78 39.89
C ILE B 137 23.51 -11.56 40.79
N PHE B 138 24.25 -10.51 40.40
CA PHE B 138 24.29 -9.28 41.19
C PHE B 138 23.80 -8.10 40.36
N TYR B 139 23.03 -7.24 41.03
CA TYR B 139 22.64 -5.93 40.52
C TYR B 139 23.51 -4.87 41.20
N GLU B 140 24.32 -4.16 40.39
CA GLU B 140 25.24 -3.18 40.93
C GLU B 140 24.73 -1.77 40.56
N ASN B 141 24.69 -0.89 41.55
CA ASN B 141 24.19 0.47 41.37
C ASN B 141 25.06 1.43 42.19
N TRP B 142 25.62 2.43 41.52
CA TRP B 142 26.55 3.37 42.14
C TRP B 142 25.80 4.61 42.61
N ARG B 143 24.47 4.59 42.47
CA ARG B 143 23.64 5.71 42.89
C ARG B 143 22.85 5.29 44.13
N TYR B 144 23.49 4.48 44.99
CA TYR B 144 22.84 3.96 46.18
C TYR B 144 22.61 5.06 47.20
N GLN B 145 23.49 6.08 47.17
CA GLN B 145 23.29 7.30 47.92
C GLN B 145 23.62 8.50 47.04
N ASP B 146 23.22 9.69 47.50
CA ASP B 146 23.51 10.94 46.82
C ASP B 146 25.00 11.03 46.49
N ARG B 147 25.34 11.62 45.33
CA ARG B 147 26.73 11.88 44.99
C ARG B 147 26.85 13.30 44.46
N LEU B 148 27.77 14.07 45.03
CA LEU B 148 27.94 15.46 44.63
C LEU B 148 28.63 15.51 43.28
N ILE B 149 28.15 16.42 42.42
CA ILE B 149 28.72 16.60 41.10
C ILE B 149 30.08 17.29 41.23
N ARG B 150 31.15 16.58 40.87
CA ARG B 150 32.52 17.03 41.02
C ARG B 150 32.91 17.97 39.89
N LYS B 151 34.15 18.48 39.89
CA LYS B 151 34.56 19.46 38.91
C LYS B 151 34.73 18.81 37.54
N GLY B 152 33.87 19.19 36.58
CA GLY B 152 33.94 18.71 35.21
C GLY B 152 32.84 17.70 34.92
N GLU B 153 32.17 17.24 36.00
CA GLU B 153 31.17 16.19 35.93
C GLU B 153 29.89 16.78 35.34
N GLY B 154 29.74 18.11 35.40
CA GLY B 154 28.55 18.79 34.92
C GLY B 154 28.28 18.52 33.43
N GLN B 155 29.33 18.21 32.66
CA GLN B 155 29.21 18.00 31.22
C GLN B 155 28.18 16.92 30.86
N GLN B 156 27.87 16.02 31.80
CA GLN B 156 26.90 14.97 31.59
C GLN B 156 25.47 15.49 31.76
N CYS B 157 25.33 16.74 32.21
CA CYS B 157 24.03 17.33 32.51
C CYS B 157 23.91 18.68 31.81
N SER B 158 22.91 19.46 32.22
CA SER B 158 22.57 20.74 31.60
C SER B 158 23.38 21.91 32.16
N TYR B 159 24.03 21.71 33.32
CA TYR B 159 24.74 22.79 33.99
C TYR B 159 26.17 22.89 33.44
N LYS B 160 26.60 21.87 32.70
CA LYS B 160 27.87 21.91 32.00
C LYS B 160 28.99 22.32 32.95
N TRP B 161 29.66 23.45 32.65
CA TRP B 161 30.86 23.86 33.36
C TRP B 161 30.51 24.55 34.68
N ALA B 162 29.24 24.89 34.90
CA ALA B 162 28.90 25.76 36.00
C ALA B 162 27.79 25.15 36.86
N PRO B 163 27.98 23.93 37.41
CA PRO B 163 26.93 23.32 38.23
C PRO B 163 26.83 24.02 39.58
N PRO B 164 25.67 24.58 39.96
CA PRO B 164 25.55 25.29 41.24
C PRO B 164 26.17 24.50 42.40
N LYS B 165 26.78 25.22 43.34
CA LYS B 165 27.38 24.59 44.51
C LYS B 165 26.26 23.85 45.22
N GLY B 166 26.51 22.57 45.54
CA GLY B 166 25.53 21.71 46.20
C GLY B 166 24.68 20.92 45.19
N THR B 167 25.16 20.77 43.95
CA THR B 167 24.44 20.04 42.93
C THR B 167 24.89 18.58 42.95
N MET B 168 23.91 17.66 43.08
CA MET B 168 24.17 16.24 43.23
C MET B 168 23.23 15.42 42.31
N THR B 169 23.73 14.26 41.90
CA THR B 169 22.93 13.18 41.33
C THR B 169 22.17 12.49 42.45
N HIS B 170 20.85 12.67 42.53
CA HIS B 170 20.05 12.10 43.62
C HIS B 170 20.10 10.58 43.56
N ALA B 171 19.71 9.92 44.67
CA ALA B 171 19.90 8.48 44.81
C ALA B 171 18.73 7.72 44.21
N ASP B 172 19.00 6.45 43.87
CA ASP B 172 18.01 5.50 43.37
C ASP B 172 17.27 4.90 44.56
N PHE B 173 16.24 4.09 44.30
CA PHE B 173 15.46 3.47 45.36
C PHE B 173 15.42 1.96 45.08
N ILE B 174 16.28 1.21 45.78
CA ILE B 174 16.36 -0.24 45.65
C ILE B 174 15.53 -0.89 46.77
N SER B 175 15.06 -2.12 46.55
CA SER B 175 14.10 -2.77 47.42
C SER B 175 13.98 -4.25 47.03
N LEU B 176 13.49 -5.11 47.95
CA LEU B 176 13.29 -6.53 47.71
C LEU B 176 11.82 -6.84 47.41
N GLU B 177 11.47 -8.11 47.16
CA GLU B 177 10.08 -8.49 46.90
C GLU B 177 9.73 -9.79 47.64
N ASN B 178 9.31 -9.67 48.90
CA ASN B 178 9.02 -10.82 49.76
C ASN B 178 7.95 -11.70 49.11
N ASP B 183 6.28 -16.33 43.13
CA ASP B 183 6.63 -14.99 42.57
C ASP B 183 8.14 -14.99 42.27
N SER B 184 8.53 -14.69 41.01
CA SER B 184 9.92 -14.74 40.59
C SER B 184 10.61 -13.38 40.73
N LYS B 185 9.81 -12.34 40.95
CA LYS B 185 10.28 -10.99 41.26
C LYS B 185 11.22 -11.03 42.47
N ARG B 186 12.42 -10.47 42.29
CA ARG B 186 13.43 -10.48 43.34
C ARG B 186 13.70 -9.05 43.79
N LEU B 187 14.25 -8.25 42.86
CA LEU B 187 14.74 -6.92 43.18
C LEU B 187 13.95 -5.87 42.41
N LEU B 188 13.72 -4.73 43.07
CA LEU B 188 13.10 -3.57 42.46
C LEU B 188 14.05 -2.40 42.59
N PHE B 189 14.51 -1.87 41.45
CA PHE B 189 15.31 -0.66 41.41
C PHE B 189 14.56 0.39 40.58
N TYR B 190 14.66 1.66 40.99
CA TYR B 190 14.17 2.76 40.17
C TYR B 190 14.83 4.05 40.65
N HIS B 191 14.98 5.00 39.72
CA HIS B 191 15.22 6.39 40.05
C HIS B 191 13.95 7.17 39.78
N ARG B 192 13.60 8.09 40.70
CA ARG B 192 12.44 8.95 40.50
C ARG B 192 12.91 10.41 40.62
N ASN B 193 12.47 11.21 39.65
CA ASN B 193 12.75 12.63 39.61
C ASN B 193 11.76 13.33 40.55
N ALA B 194 12.19 14.44 41.15
CA ALA B 194 11.32 15.28 41.95
C ALA B 194 10.41 16.09 41.03
N GLU B 195 9.60 17.00 41.61
CA GLU B 195 8.84 17.96 40.83
C GLU B 195 9.78 19.01 40.28
N GLU B 196 10.68 19.50 41.14
CA GLU B 196 11.66 20.50 40.77
C GLU B 196 12.76 19.89 39.90
N THR B 197 12.93 20.40 38.68
CA THR B 197 13.98 19.96 37.75
C THR B 197 14.66 21.16 37.10
N VAL B 198 15.71 20.89 36.32
CA VAL B 198 16.41 21.90 35.54
C VAL B 198 15.47 22.63 34.59
N PHE B 199 14.32 22.02 34.26
CA PHE B 199 13.28 22.67 33.47
C PHE B 199 12.78 23.94 34.15
N ASP B 200 12.46 23.87 35.45
CA ASP B 200 11.92 24.99 36.21
C ASP B 200 12.95 26.11 36.34
N VAL B 201 14.21 25.70 36.49
CA VAL B 201 15.36 26.59 36.58
C VAL B 201 15.53 27.33 35.26
N ALA B 202 15.38 26.60 34.15
CA ALA B 202 15.60 27.16 32.83
C ALA B 202 14.45 28.08 32.43
N VAL B 203 13.21 27.67 32.73
CA VAL B 203 12.04 28.49 32.51
C VAL B 203 12.23 29.85 33.19
N ALA B 204 12.66 29.85 34.46
CA ALA B 204 12.91 31.08 35.19
C ALA B 204 14.00 31.92 34.52
N GLN B 205 15.15 31.27 34.29
CA GLN B 205 16.33 31.91 33.74
C GLN B 205 16.02 32.69 32.44
N GLN B 206 15.16 32.13 31.59
CA GLN B 206 14.92 32.70 30.27
C GLN B 206 13.61 33.49 30.27
N GLY B 207 13.02 33.68 31.46
CA GLY B 207 11.80 34.47 31.63
C GLY B 207 10.64 33.92 30.80
N MET B 208 10.17 32.72 31.16
CA MET B 208 8.98 32.16 30.54
C MET B 208 8.02 31.68 31.64
N ASN B 209 8.14 32.21 32.87
CA ASN B 209 7.32 31.77 33.98
C ASN B 209 5.85 32.14 33.72
N GLU B 210 5.64 33.24 32.98
CA GLU B 210 4.30 33.68 32.64
C GLU B 210 3.56 32.60 31.86
N VAL B 211 4.28 31.80 31.04
CA VAL B 211 3.63 30.81 30.18
C VAL B 211 4.09 29.39 30.52
N LYS B 212 4.52 29.19 31.77
CA LYS B 212 5.11 27.93 32.20
C LYS B 212 4.05 26.82 32.18
N SER B 213 2.85 27.15 32.63
CA SER B 213 1.79 26.16 32.77
C SER B 213 1.10 25.92 31.42
N GLN B 214 1.73 26.31 30.32
CA GLN B 214 1.30 25.89 28.99
C GLN B 214 2.37 25.05 28.30
N MET B 215 3.47 24.76 29.01
CA MET B 215 4.63 24.13 28.42
C MET B 215 4.69 22.65 28.81
N MET B 216 4.97 21.80 27.83
CA MET B 216 5.27 20.39 28.05
C MET B 216 6.47 20.26 28.98
N ASN B 217 6.35 19.43 30.02
CA ASN B 217 7.45 19.24 30.94
C ASN B 217 7.89 17.78 30.90
N PRO B 218 9.04 17.44 30.28
CA PRO B 218 9.46 16.05 30.12
C PRO B 218 10.09 15.41 31.36
N LEU B 219 10.42 16.22 32.38
CA LEU B 219 11.27 15.73 33.46
C LEU B 219 10.51 15.58 34.78
N LYS B 220 9.50 16.41 35.02
CA LYS B 220 8.74 16.38 36.26
C LYS B 220 8.28 14.94 36.51
N ASN B 221 8.68 14.38 37.65
CA ASN B 221 8.18 13.10 38.13
C ASN B 221 8.60 11.93 37.23
N LEU B 222 9.56 12.13 36.33
CA LEU B 222 9.96 11.09 35.40
C LEU B 222 10.64 9.98 36.17
N THR B 223 10.11 8.76 36.06
CA THR B 223 10.54 7.63 36.87
C THR B 223 10.92 6.47 35.95
N PHE B 224 12.03 5.78 36.25
CA PHE B 224 12.49 4.72 35.38
C PHE B 224 13.34 3.69 36.14
N GLY B 225 13.01 2.43 35.89
CA GLY B 225 13.58 1.30 36.62
C GLY B 225 12.95 0.01 36.11
N GLY B 226 12.87 -1.00 37.00
CA GLY B 226 12.33 -2.28 36.61
C GLY B 226 12.58 -3.35 37.67
N TYR B 227 12.26 -4.60 37.30
CA TYR B 227 12.48 -5.75 38.15
C TYR B 227 13.66 -6.58 37.62
N LEU B 228 14.53 -7.01 38.54
CA LEU B 228 15.36 -8.18 38.31
C LEU B 228 14.50 -9.38 38.69
N SER B 229 14.61 -10.44 37.91
CA SER B 229 13.69 -11.56 38.03
C SER B 229 14.36 -12.86 37.62
N GLY B 230 14.05 -13.91 38.38
CA GLY B 230 14.51 -15.26 38.08
C GLY B 230 13.80 -16.25 38.98
N GLU B 231 13.65 -17.48 38.48
CA GLU B 231 13.22 -18.60 39.31
C GLU B 231 14.46 -19.19 39.98
N ASN B 232 14.25 -19.82 41.14
CA ASN B 232 15.29 -20.60 41.78
C ASN B 232 16.38 -19.66 42.26
N LEU B 233 16.00 -18.72 43.14
CA LEU B 233 16.93 -17.71 43.64
C LEU B 233 16.55 -17.33 45.07
N GLU B 234 17.58 -17.21 45.93
CA GLU B 234 17.42 -16.60 47.26
C GLU B 234 18.37 -15.42 47.36
N TYR B 235 18.00 -14.44 48.20
CA TYR B 235 18.81 -13.24 48.43
C TYR B 235 20.03 -13.59 49.28
N ILE B 236 21.21 -13.04 48.95
CA ILE B 236 22.41 -13.36 49.71
C ILE B 236 23.06 -12.08 50.24
N GLY B 237 22.29 -10.99 50.37
CA GLY B 237 22.74 -9.80 51.08
C GLY B 237 23.48 -8.80 50.19
N THR B 238 23.77 -7.62 50.79
CA THR B 238 24.39 -6.49 50.11
C THR B 238 25.89 -6.49 50.38
N SER B 239 26.65 -5.78 49.52
CA SER B 239 28.06 -5.56 49.76
C SER B 239 28.54 -4.36 48.94
N ASP B 240 29.69 -3.77 49.34
CA ASP B 240 30.14 -2.51 48.78
C ASP B 240 31.58 -2.62 48.30
N SER B 241 31.86 -2.00 47.15
CA SER B 241 33.15 -2.11 46.49
C SER B 241 33.36 -0.95 45.51
N VAL B 242 34.29 -1.13 44.56
CA VAL B 242 34.65 -0.11 43.60
C VAL B 242 34.93 -0.77 42.25
N TYR B 243 34.26 -0.28 41.19
CA TYR B 243 34.58 -0.73 39.83
C TYR B 243 35.15 0.49 39.11
N ALA B 244 36.36 0.32 38.53
CA ALA B 244 37.02 1.32 37.70
C ALA B 244 37.01 2.71 38.34
N GLY B 245 37.14 2.74 39.66
CA GLY B 245 37.30 3.98 40.41
C GLY B 245 35.97 4.56 40.84
N THR B 246 34.88 3.79 40.77
CA THR B 246 33.58 4.29 41.21
C THR B 246 33.00 3.34 42.26
N ASP B 247 32.84 3.86 43.48
CA ASP B 247 32.21 3.13 44.56
C ASP B 247 30.78 2.76 44.15
N TYR B 248 30.32 1.60 44.65
CA TYR B 248 29.01 1.08 44.30
C TYR B 248 28.58 0.04 45.33
N ARG B 249 27.27 -0.21 45.38
CA ARG B 249 26.70 -1.26 46.19
C ARG B 249 26.16 -2.34 45.25
N ALA B 250 26.18 -3.60 45.71
CA ALA B 250 25.73 -4.73 44.91
C ALA B 250 24.79 -5.60 45.74
N TRP B 251 23.63 -5.92 45.15
CA TRP B 251 22.70 -6.89 45.71
C TRP B 251 22.91 -8.23 45.02
N GLY B 252 22.94 -9.31 45.81
CA GLY B 252 23.33 -10.63 45.32
C GLY B 252 22.21 -11.66 45.47
N PHE B 253 22.08 -12.50 44.44
CA PHE B 253 21.19 -13.65 44.51
C PHE B 253 21.96 -14.91 44.09
N ARG B 254 21.59 -16.04 44.71
CA ARG B 254 22.20 -17.32 44.44
C ARG B 254 21.08 -18.34 44.24
N SER B 255 21.31 -19.26 43.30
CA SER B 255 20.37 -20.32 42.98
C SER B 255 20.34 -21.38 44.11
N LEU B 256 19.12 -21.66 44.61
CA LEU B 256 18.88 -22.60 45.69
C LEU B 256 19.55 -23.94 45.41
N LYS B 257 19.34 -24.51 44.20
CA LYS B 257 19.96 -25.79 43.85
C LYS B 257 20.64 -25.65 42.48
N ALA B 258 21.75 -26.35 42.30
CA ALA B 258 22.42 -26.42 41.00
C ALA B 258 21.39 -26.83 39.96
N SER B 259 21.66 -26.53 38.68
CA SER B 259 20.65 -26.65 37.64
C SER B 259 21.27 -26.50 36.26
N LYS B 260 20.76 -27.26 35.29
CA LYS B 260 21.32 -27.27 33.93
C LYS B 260 20.87 -26.01 33.17
N LYS B 261 19.71 -25.46 33.56
CA LYS B 261 19.21 -24.22 33.00
C LYS B 261 19.20 -23.13 34.07
N HIS B 262 19.46 -21.89 33.64
CA HIS B 262 19.13 -20.71 34.43
C HIS B 262 18.55 -19.63 33.53
N HIS B 263 17.48 -18.97 34.01
CA HIS B 263 16.87 -17.90 33.24
C HIS B 263 16.52 -16.69 34.11
N PHE B 264 17.17 -15.56 33.80
CA PHE B 264 16.91 -14.27 34.42
C PHE B 264 16.33 -13.31 33.40
N SER B 265 15.39 -12.47 33.87
CA SER B 265 14.77 -11.42 33.07
C SER B 265 14.88 -10.08 33.80
N VAL B 266 15.19 -9.02 33.05
CA VAL B 266 15.08 -7.68 33.56
C VAL B 266 13.99 -6.97 32.76
N VAL B 267 13.07 -6.33 33.49
CA VAL B 267 11.86 -5.77 32.91
C VAL B 267 11.77 -4.30 33.30
N LEU B 268 11.84 -3.42 32.30
CA LEU B 268 11.96 -1.99 32.54
C LEU B 268 10.66 -1.27 32.22
N HIS B 269 10.50 -0.10 32.87
CA HIS B 269 9.37 0.77 32.62
C HIS B 269 9.76 2.22 32.94
N THR B 270 9.29 3.14 32.10
CA THR B 270 9.61 4.56 32.17
C THR B 270 8.29 5.33 32.09
N GLU B 271 8.08 6.34 32.93
CA GLU B 271 6.79 7.02 32.94
C GLU B 271 6.82 8.18 33.93
N GLN B 272 6.02 9.21 33.61
CA GLN B 272 5.76 10.35 34.48
C GLN B 272 4.42 10.10 35.16
N THR B 273 4.41 10.10 36.50
CA THR B 273 3.25 9.67 37.28
C THR B 273 3.14 10.51 38.54
N GLU B 274 1.89 10.76 38.96
CA GLU B 274 1.61 11.53 40.16
C GLU B 274 2.19 10.83 41.39
N THR B 275 2.05 9.48 41.45
CA THR B 275 2.51 8.68 42.57
C THR B 275 3.52 7.64 42.08
N VAL B 276 4.19 6.97 43.01
CA VAL B 276 5.11 5.88 42.67
C VAL B 276 4.31 4.62 42.38
N THR B 277 3.10 4.55 42.97
CA THR B 277 2.17 3.44 42.81
C THR B 277 1.79 3.31 41.35
N GLN B 278 1.43 4.43 40.72
CA GLN B 278 1.04 4.44 39.31
C GLN B 278 2.18 3.93 38.44
N TRP B 279 3.42 4.30 38.77
CA TRP B 279 4.54 3.82 38.00
C TRP B 279 4.73 2.32 38.18
N GLU B 280 4.70 1.88 39.45
CA GLU B 280 4.84 0.47 39.81
C GLU B 280 3.83 -0.34 39.00
N GLN B 281 2.61 0.19 38.88
CA GLN B 281 1.50 -0.51 38.27
C GLN B 281 1.85 -0.81 36.82
N GLY B 282 2.33 0.21 36.10
CA GLY B 282 2.73 0.06 34.71
C GLY B 282 3.84 -0.97 34.57
N LEU B 283 4.72 -1.04 35.60
CA LEU B 283 5.79 -2.02 35.61
C LEU B 283 5.19 -3.42 35.78
N LYS B 284 4.24 -3.56 36.70
CA LYS B 284 3.58 -4.83 36.96
C LYS B 284 2.95 -5.33 35.65
N THR B 285 2.24 -4.44 34.94
CA THR B 285 1.57 -4.78 33.69
C THR B 285 2.55 -5.43 32.73
N ALA B 286 3.74 -4.85 32.64
CA ALA B 286 4.77 -5.34 31.74
C ALA B 286 5.32 -6.68 32.23
N TRP B 287 5.37 -6.84 33.56
CA TRP B 287 5.91 -8.04 34.19
C TRP B 287 4.98 -9.24 34.02
N GLN B 288 3.67 -9.00 34.22
CA GLN B 288 2.64 -10.03 34.08
C GLN B 288 2.65 -10.66 32.68
N ARG B 289 2.86 -9.83 31.65
CA ARG B 289 2.86 -10.34 30.29
C ARG B 289 3.75 -11.58 30.23
N ILE B 290 4.94 -11.51 30.85
CA ILE B 290 5.93 -12.58 30.73
C ILE B 290 5.83 -13.54 31.90
N ALA B 291 5.08 -13.21 32.95
CA ALA B 291 4.95 -14.11 34.09
C ALA B 291 3.50 -14.14 34.55
N PRO B 292 2.59 -14.75 33.75
CA PRO B 292 1.16 -14.51 33.93
C PRO B 292 0.63 -14.91 35.30
N GLN B 293 1.23 -15.95 35.91
CA GLN B 293 0.89 -16.32 37.28
C GLN B 293 2.17 -16.32 38.10
N GLY B 294 2.99 -15.26 37.98
CA GLY B 294 4.11 -15.05 38.87
C GLY B 294 5.38 -15.78 38.48
N LYS B 295 5.30 -16.77 37.57
CA LYS B 295 6.49 -17.45 37.09
C LYS B 295 6.68 -17.14 35.60
N ILE B 296 7.94 -17.17 35.14
CA ILE B 296 8.26 -16.74 33.79
C ILE B 296 7.81 -17.81 32.80
N SER B 297 6.74 -17.51 32.05
CA SER B 297 6.23 -18.37 30.98
C SER B 297 7.26 -18.51 29.86
N SER B 298 7.93 -19.67 29.80
CA SER B 298 8.92 -19.90 28.76
C SER B 298 8.22 -20.04 27.41
N LYS B 299 6.89 -20.25 27.43
CA LYS B 299 6.07 -20.21 26.22
C LYS B 299 6.09 -18.79 25.65
N VAL B 300 5.78 -17.80 26.51
CA VAL B 300 5.70 -16.41 26.09
C VAL B 300 7.06 -15.90 25.64
N VAL B 301 8.11 -16.24 26.40
CA VAL B 301 9.46 -15.77 26.09
C VAL B 301 9.96 -16.39 24.78
N SER B 302 9.42 -17.56 24.40
CA SER B 302 9.77 -18.17 23.12
C SER B 302 9.23 -17.34 21.95
N GLN B 303 7.97 -16.89 22.04
CA GLN B 303 7.35 -16.06 21.01
C GLN B 303 8.15 -14.78 20.89
N ASP B 304 8.32 -14.09 22.02
CA ASP B 304 9.15 -12.90 22.11
C ASP B 304 10.46 -13.13 21.35
N LYS B 305 11.14 -14.24 21.66
CA LYS B 305 12.46 -14.52 21.08
C LYS B 305 12.35 -14.69 19.56
N LYS B 306 11.33 -15.44 19.10
CA LYS B 306 11.17 -15.75 17.69
C LYS B 306 10.91 -14.48 16.90
N GLN B 307 9.95 -13.69 17.38
CA GLN B 307 9.61 -12.38 16.84
C GLN B 307 10.87 -11.54 16.66
N THR B 308 11.61 -11.40 17.77
CA THR B 308 12.80 -10.56 17.82
C THR B 308 13.79 -10.97 16.73
N ARG B 309 14.00 -12.27 16.53
CA ARG B 309 15.04 -12.70 15.61
C ARG B 309 14.57 -12.47 14.17
N LEU B 310 13.29 -12.70 13.91
CA LEU B 310 12.73 -12.39 12.60
C LEU B 310 13.00 -10.93 12.30
N TRP B 311 12.67 -10.06 13.27
CA TRP B 311 12.84 -8.63 13.11
C TRP B 311 14.27 -8.30 12.67
N TRP B 312 15.25 -8.99 13.29
CA TRP B 312 16.66 -8.76 13.01
C TRP B 312 16.98 -9.31 11.62
N ASN B 313 16.34 -10.44 11.27
CA ASN B 313 16.55 -11.07 9.98
C ASN B 313 16.09 -10.11 8.88
N ALA B 314 14.93 -9.46 9.14
CA ALA B 314 14.32 -8.46 8.27
C ALA B 314 15.19 -7.23 8.19
N PHE B 315 15.67 -6.80 9.36
CA PHE B 315 16.62 -5.71 9.44
C PHE B 315 17.74 -5.88 8.42
N TRP B 316 18.41 -7.04 8.35
CA TRP B 316 19.58 -7.15 7.50
C TRP B 316 19.19 -7.33 6.03
N GLN B 317 17.88 -7.33 5.75
CA GLN B 317 17.36 -7.40 4.39
C GLN B 317 17.03 -6.01 3.83
N ARG B 318 16.93 -4.99 4.69
CA ARG B 318 16.54 -3.67 4.21
C ARG B 318 17.63 -3.03 3.36
N SER B 319 18.91 -3.33 3.63
CA SER B 319 20.04 -2.70 2.96
C SER B 319 21.35 -3.32 3.40
N PHE B 320 22.42 -3.14 2.62
CA PHE B 320 23.73 -3.55 3.08
C PHE B 320 24.83 -3.13 2.12
N ILE B 321 26.06 -3.09 2.66
CA ILE B 321 27.24 -2.82 1.87
C ILE B 321 28.34 -3.80 2.28
N GLU B 322 28.57 -4.80 1.42
CA GLU B 322 29.45 -5.92 1.74
C GLU B 322 30.51 -6.03 0.66
N THR B 323 31.49 -6.90 0.89
CA THR B 323 32.48 -7.23 -0.14
C THR B 323 32.05 -8.52 -0.82
N ILE B 324 32.94 -9.10 -1.62
CA ILE B 324 32.69 -10.40 -2.22
C ILE B 324 33.84 -11.34 -1.80
N LYS B 344 48.80 -5.82 -2.75
CA LYS B 344 47.42 -5.84 -3.30
C LYS B 344 46.50 -6.66 -2.39
N SER B 345 47.07 -7.32 -1.38
CA SER B 345 46.32 -8.11 -0.42
C SER B 345 45.53 -7.21 0.53
N ASP B 346 46.19 -6.12 0.96
CA ASP B 346 45.69 -5.28 2.03
C ASP B 346 44.69 -4.25 1.52
N ALA B 347 44.55 -4.13 0.19
CA ALA B 347 43.44 -3.39 -0.41
C ALA B 347 42.12 -4.01 0.03
N LYS B 348 42.03 -5.35 -0.06
CA LYS B 348 40.80 -6.05 0.29
C LYS B 348 40.63 -6.03 1.81
N ASP B 349 41.74 -6.21 2.55
CA ASP B 349 41.67 -6.20 4.01
C ASP B 349 41.04 -4.91 4.52
N ALA B 350 41.40 -3.79 3.86
CA ALA B 350 40.96 -2.47 4.27
C ALA B 350 39.48 -2.25 3.94
N LEU B 351 39.04 -2.79 2.79
CA LEU B 351 37.66 -2.66 2.38
C LEU B 351 36.76 -3.47 3.30
N LYS B 352 37.17 -4.71 3.59
CA LYS B 352 36.48 -5.56 4.55
C LYS B 352 36.28 -4.80 5.86
N GLU B 353 37.36 -4.16 6.32
CA GLU B 353 37.36 -3.43 7.58
C GLU B 353 36.18 -2.42 7.59
N ILE B 354 36.12 -1.54 6.58
CA ILE B 354 35.18 -0.43 6.62
C ILE B 354 33.76 -0.94 6.39
N THR B 355 33.60 -1.97 5.55
CA THR B 355 32.26 -2.49 5.31
C THR B 355 31.78 -3.20 6.57
N ARG B 356 32.68 -3.93 7.23
CA ARG B 356 32.35 -4.60 8.48
C ARG B 356 31.92 -3.57 9.53
N ASN B 357 32.66 -2.46 9.60
CA ASN B 357 32.42 -1.46 10.63
C ASN B 357 31.13 -0.70 10.32
N TYR B 358 30.96 -0.32 9.04
CA TYR B 358 29.71 0.25 8.57
C TYR B 358 28.54 -0.52 9.17
N THR B 359 28.64 -1.86 9.07
CA THR B 359 27.57 -2.78 9.43
C THR B 359 27.40 -2.83 10.94
N LEU B 360 28.51 -3.00 11.65
CA LEU B 360 28.44 -3.14 13.10
C LEU B 360 27.77 -1.91 13.69
N PHE B 361 28.02 -0.76 13.05
CA PHE B 361 27.45 0.47 13.54
C PHE B 361 25.93 0.43 13.30
N ARG B 362 25.53 -0.02 12.11
CA ARG B 362 24.12 -0.08 11.78
C ARG B 362 23.40 -0.91 12.84
N TYR B 363 24.05 -1.99 13.33
CA TYR B 363 23.52 -2.79 14.44
C TYR B 363 23.25 -1.87 15.65
N MET B 364 24.22 -1.02 15.98
CA MET B 364 24.12 -0.17 17.15
C MET B 364 22.94 0.81 16.97
N LEU B 365 22.73 1.30 15.74
CA LEU B 365 21.62 2.19 15.48
C LEU B 365 20.32 1.42 15.72
N GLY B 366 20.35 0.13 15.35
CA GLY B 366 19.18 -0.71 15.36
C GLY B 366 18.65 -0.90 16.78
N CYS B 367 19.57 -0.88 17.74
CA CYS B 367 19.21 -1.21 19.10
C CYS B 367 18.21 -0.18 19.61
N ASN B 368 18.06 0.95 18.91
CA ASN B 368 17.20 2.02 19.35
C ASN B 368 16.31 2.53 18.21
N ALA B 369 15.90 1.63 17.31
CA ALA B 369 14.64 1.85 16.61
C ALA B 369 13.55 1.91 17.67
N TYR B 370 12.51 2.70 17.47
CA TYR B 370 11.38 2.72 18.42
C TYR B 370 11.78 3.23 19.80
N GLY B 371 12.88 4.00 19.91
CA GLY B 371 13.10 4.84 21.08
C GLY B 371 12.12 6.02 21.08
N SER B 372 11.74 6.48 22.29
CA SER B 372 10.93 7.68 22.40
C SER B 372 11.77 8.93 22.09
N VAL B 373 13.07 8.83 22.33
CA VAL B 373 14.03 9.87 21.99
C VAL B 373 15.14 9.22 21.15
N PRO B 374 15.86 9.97 20.31
CA PRO B 374 16.79 9.35 19.37
C PRO B 374 18.05 8.77 20.00
N THR B 375 18.72 7.94 19.20
CA THR B 375 20.09 7.55 19.47
C THR B 375 20.89 8.85 19.57
N LYS B 376 21.62 9.05 20.69
CA LYS B 376 22.43 10.25 20.85
C LYS B 376 23.81 10.07 20.21
N PHE B 377 24.42 11.18 19.76
CA PHE B 377 25.71 11.15 19.08
C PHE B 377 26.86 10.84 20.04
N ASN B 378 26.71 11.39 21.26
CA ASN B 378 27.74 11.40 22.28
C ASN B 378 27.61 10.17 23.17
N GLY B 379 27.96 9.01 22.62
CA GLY B 379 27.93 7.76 23.37
C GLY B 379 26.77 6.83 23.00
N GLY B 380 25.65 7.39 22.53
CA GLY B 380 24.49 6.59 22.23
C GLY B 380 24.05 5.88 23.51
N LEU B 381 23.78 4.58 23.42
CA LEU B 381 23.34 3.80 24.59
C LEU B 381 24.46 2.94 25.16
N PHE B 382 25.69 3.19 24.72
CA PHE B 382 26.79 2.28 24.97
C PHE B 382 27.99 2.99 25.59
N THR B 383 27.75 3.97 26.46
CA THR B 383 28.84 4.56 27.22
C THR B 383 29.35 3.50 28.21
N PHE B 384 30.63 3.60 28.55
CA PHE B 384 31.18 2.82 29.63
C PHE B 384 31.94 3.73 30.58
N ASP B 385 32.70 3.11 31.51
CA ASP B 385 33.36 3.83 32.57
C ASP B 385 34.29 4.85 31.92
N PRO B 386 34.12 6.15 32.26
CA PRO B 386 34.84 7.23 31.60
C PRO B 386 36.36 7.12 31.69
N CYS B 387 36.84 6.51 32.78
CA CYS B 387 38.27 6.44 33.07
C CYS B 387 39.02 5.87 31.87
N HIS B 388 38.39 4.99 31.09
CA HIS B 388 39.09 4.37 29.96
C HIS B 388 39.15 5.29 28.75
N ILE B 389 38.45 6.42 28.79
CA ILE B 389 38.43 7.40 27.70
C ILE B 389 39.46 8.47 27.96
N ASP B 390 39.39 9.06 29.16
CA ASP B 390 40.34 10.08 29.59
C ASP B 390 40.45 10.02 31.11
N GLU B 391 41.71 9.94 31.59
CA GLU B 391 42.01 9.74 33.01
C GLU B 391 41.58 10.97 33.81
N LYS B 392 41.67 12.14 33.17
CA LYS B 392 41.30 13.41 33.77
C LYS B 392 39.81 13.45 34.05
N GLN B 393 39.02 12.74 33.21
CA GLN B 393 37.56 12.72 33.35
C GLN B 393 37.06 11.34 33.82
N ALA B 394 37.43 10.93 35.03
CA ALA B 394 37.12 9.59 35.52
C ALA B 394 35.96 9.63 36.50
N PHE B 395 34.73 9.78 35.99
CA PHE B 395 33.56 9.90 36.85
C PHE B 395 32.72 8.61 36.84
N THR B 396 31.43 8.73 37.19
CA THR B 396 30.50 7.61 37.21
C THR B 396 30.27 7.08 35.80
N PRO B 397 29.74 5.85 35.65
CA PRO B 397 29.34 5.33 34.35
C PRO B 397 28.17 6.07 33.69
N ASP B 398 27.48 6.92 34.49
CA ASP B 398 26.42 7.78 33.97
C ASP B 398 26.98 9.01 33.24
N TYR B 399 28.28 9.04 32.95
CA TYR B 399 28.89 10.28 32.51
C TYR B 399 29.18 10.20 31.01
N ARG B 400 29.03 11.37 30.38
CA ARG B 400 29.39 11.59 29.00
C ARG B 400 29.56 13.10 28.81
N LYS B 401 30.37 13.47 27.81
CA LYS B 401 30.52 14.86 27.44
C LYS B 401 29.32 15.27 26.57
N TRP B 402 28.84 16.51 26.74
CA TRP B 402 27.84 17.12 25.87
C TRP B 402 26.42 16.71 26.25
N GLY B 403 26.20 16.25 27.49
CA GLY B 403 24.88 16.27 28.11
C GLY B 403 24.01 15.08 27.74
N GLY B 404 22.87 14.93 28.44
CA GLY B 404 21.99 13.78 28.24
C GLY B 404 20.69 14.19 27.54
N GLY B 405 19.84 14.92 28.26
CA GLY B 405 18.60 15.44 27.69
C GLY B 405 18.84 16.67 26.83
N THR B 406 20.12 17.03 26.69
CA THR B 406 20.57 18.16 25.90
C THR B 406 21.17 17.62 24.61
N MET B 407 20.65 18.00 23.44
CA MET B 407 21.18 17.39 22.23
C MET B 407 21.45 18.40 21.11
N THR B 408 22.73 18.47 20.75
CA THR B 408 23.18 19.36 19.69
C THR B 408 22.62 18.87 18.36
N ALA B 409 21.95 19.76 17.62
CA ALA B 409 21.27 19.40 16.39
C ALA B 409 22.25 18.93 15.31
N GLN B 410 23.36 19.63 15.09
CA GLN B 410 24.22 19.31 13.95
C GLN B 410 24.90 17.96 14.11
N ASN B 411 25.00 17.44 15.34
CA ASN B 411 25.49 16.09 15.55
C ASN B 411 24.35 15.10 15.30
N GLN B 412 23.21 15.34 15.97
CA GLN B 412 22.06 14.44 15.89
C GLN B 412 21.70 14.18 14.43
N ARG B 413 21.73 15.21 13.59
CA ARG B 413 21.35 15.05 12.20
C ARG B 413 22.28 14.07 11.48
N LEU B 414 23.53 13.95 11.91
CA LEU B 414 24.44 13.06 11.20
C LEU B 414 24.17 11.60 11.55
N VAL B 415 23.53 11.39 12.70
CA VAL B 415 23.14 10.05 13.13
C VAL B 415 22.01 9.53 12.26
N TYR B 416 21.11 10.42 11.82
CA TYR B 416 19.83 10.02 11.24
C TYR B 416 19.85 10.06 9.72
N TRP B 417 20.47 11.08 9.10
CA TRP B 417 20.50 11.20 7.64
C TRP B 417 20.69 9.85 6.93
N PRO B 418 21.60 8.95 7.40
CA PRO B 418 21.93 7.75 6.63
C PRO B 418 20.86 6.67 6.67
N MET B 419 19.82 6.86 7.52
CA MET B 419 18.73 5.91 7.67
C MET B 419 17.77 5.92 6.48
N LEU B 420 17.86 6.92 5.60
CA LEU B 420 17.04 6.98 4.40
C LEU B 420 17.52 5.95 3.38
N LYS B 421 18.80 6.00 3.03
CA LYS B 421 19.31 5.12 1.99
C LYS B 421 19.52 3.70 2.52
N SER B 422 19.40 3.50 3.85
CA SER B 422 19.51 2.18 4.44
C SER B 422 18.12 1.59 4.66
N GLY B 423 17.08 2.38 4.39
CA GLY B 423 15.72 1.92 4.48
C GLY B 423 15.21 1.87 5.92
N ASP B 424 15.89 2.55 6.84
CA ASP B 424 15.57 2.41 8.24
C ASP B 424 14.51 3.44 8.61
N PHE B 425 13.46 3.56 7.77
CA PHE B 425 12.51 4.66 7.88
C PHE B 425 11.80 4.60 9.23
N ASP B 426 11.69 3.41 9.84
CA ASP B 426 10.85 3.22 11.01
C ASP B 426 11.56 3.66 12.29
N MET B 427 12.87 3.92 12.19
CA MET B 427 13.66 4.34 13.34
C MET B 427 13.67 5.87 13.44
N MET B 428 13.50 6.54 12.29
CA MET B 428 13.66 7.98 12.16
C MET B 428 12.66 8.75 13.04
N PRO B 429 11.42 8.30 13.24
CA PRO B 429 10.48 9.00 14.09
C PRO B 429 10.93 9.20 15.54
N SER B 430 11.80 8.32 16.03
CA SER B 430 12.38 8.53 17.35
C SER B 430 12.98 9.94 17.40
N GLN B 431 13.67 10.32 16.31
CA GLN B 431 14.32 11.61 16.18
C GLN B 431 13.30 12.72 15.93
N PHE B 432 12.29 12.47 15.09
CA PHE B 432 11.30 13.47 14.74
C PHE B 432 10.47 13.81 15.99
N ASN B 433 10.02 12.82 16.76
CA ASN B 433 9.12 13.09 17.87
C ASN B 433 9.81 13.91 18.96
N PHE B 434 11.13 13.79 19.06
CA PHE B 434 11.89 14.55 20.03
C PHE B 434 11.52 16.03 19.91
N TYR B 435 11.54 16.51 18.66
CA TYR B 435 11.29 17.90 18.32
C TYR B 435 9.79 18.18 18.32
N ASN B 436 8.99 17.26 17.77
CA ASN B 436 7.55 17.47 17.70
C ASN B 436 6.96 17.63 19.10
N ARG B 437 7.53 16.92 20.07
CA ARG B 437 6.99 16.94 21.42
C ARG B 437 7.14 18.31 22.07
N MET B 438 8.10 19.12 21.60
CA MET B 438 8.40 20.41 22.21
C MET B 438 8.07 21.55 21.24
N LEU B 439 7.31 21.24 20.19
CA LEU B 439 6.91 22.25 19.21
C LEU B 439 6.13 23.37 19.89
N LYS B 440 5.21 23.02 20.79
CA LYS B 440 4.44 24.04 21.50
C LYS B 440 5.39 24.94 22.27
N ASN B 441 6.42 24.35 22.92
CA ASN B 441 7.34 25.10 23.74
C ASN B 441 8.19 26.05 22.89
N ALA B 442 8.70 25.54 21.77
CA ALA B 442 9.52 26.34 20.86
C ALA B 442 8.72 27.50 20.25
N GLU B 443 7.41 27.32 20.12
CA GLU B 443 6.53 28.37 19.64
C GLU B 443 6.30 29.42 20.74
N LEU B 444 6.09 28.97 21.98
CA LEU B 444 5.81 29.91 23.06
C LEU B 444 6.99 30.85 23.25
N ARG B 445 8.22 30.37 22.95
CA ARG B 445 9.38 31.26 22.90
C ARG B 445 9.06 32.47 22.04
N SER B 446 8.74 32.25 20.75
CA SER B 446 8.53 33.33 19.80
C SER B 446 7.35 34.21 20.21
N HIS B 447 6.32 33.65 20.84
CA HIS B 447 5.22 34.46 21.34
C HIS B 447 5.81 35.46 22.35
N VAL B 448 6.63 34.97 23.29
CA VAL B 448 7.03 35.78 24.43
C VAL B 448 8.06 36.81 24.01
N TYR B 449 9.08 36.39 23.26
CA TYR B 449 10.23 37.25 23.01
C TYR B 449 9.91 38.28 21.93
N TRP B 450 9.23 37.88 20.85
CA TRP B 450 9.05 38.78 19.71
C TRP B 450 7.59 38.94 19.26
N GLN B 451 6.64 38.32 19.98
CA GLN B 451 5.23 38.45 19.69
C GLN B 451 4.95 38.13 18.21
N HIS B 452 5.45 36.98 17.73
CA HIS B 452 5.20 36.51 16.37
C HIS B 452 5.18 34.99 16.37
N GLU B 453 4.69 34.40 15.26
CA GLU B 453 4.46 32.97 15.18
C GLU B 453 5.71 32.28 14.63
N GLY B 454 5.81 30.97 14.85
CA GLY B 454 6.94 30.17 14.37
C GLY B 454 7.79 29.67 15.53
N ALA B 455 8.49 28.55 15.30
CA ALA B 455 9.23 27.90 16.38
C ALA B 455 10.69 28.30 16.31
N CYS B 456 11.23 28.67 17.49
CA CYS B 456 12.63 29.03 17.62
C CYS B 456 13.41 27.87 18.26
N PHE B 457 14.08 27.11 17.38
CA PHE B 457 14.79 25.91 17.79
C PHE B 457 16.29 26.20 17.86
N CYS B 458 16.79 26.41 19.09
CA CYS B 458 18.20 26.69 19.31
C CYS B 458 19.03 25.45 18.95
N GLU B 459 20.34 25.66 18.78
CA GLU B 459 21.26 24.62 18.32
C GLU B 459 21.49 23.60 19.42
N GLN B 460 21.86 24.07 20.62
CA GLN B 460 21.99 23.20 21.77
C GLN B 460 20.69 23.22 22.55
N ILE B 461 19.78 22.32 22.21
CA ILE B 461 18.42 22.37 22.72
C ILE B 461 18.22 21.30 23.78
N GLU B 462 17.47 21.68 24.81
CA GLU B 462 17.04 20.74 25.83
C GLU B 462 15.81 20.01 25.30
N ASN B 463 15.42 18.96 26.02
CA ASN B 463 14.28 18.16 25.64
C ASN B 463 12.99 18.95 25.86
N PHE B 464 13.08 20.14 26.47
CA PHE B 464 11.89 20.95 26.74
C PHE B 464 11.85 22.19 25.85
N GLY B 465 12.72 22.28 24.82
CA GLY B 465 12.55 23.23 23.73
C GLY B 465 13.28 24.57 23.95
N LEU B 466 13.76 24.81 25.17
CA LEU B 466 14.60 25.96 25.48
C LEU B 466 16.07 25.63 25.24
N PRO B 467 16.92 26.63 24.91
CA PRO B 467 18.36 26.39 24.84
C PRO B 467 18.94 25.98 26.19
N ASN B 468 20.04 25.22 26.13
CA ASN B 468 20.76 24.78 27.31
C ASN B 468 21.00 25.96 28.24
N PRO B 469 20.66 25.85 29.55
CA PRO B 469 20.80 26.96 30.48
C PRO B 469 22.19 27.60 30.52
N ALA B 470 23.23 26.78 30.47
CA ALA B 470 24.60 27.28 30.57
C ALA B 470 24.98 28.10 29.33
N GLU B 471 24.62 27.59 28.14
CA GLU B 471 24.96 28.23 26.89
C GLU B 471 24.15 29.51 26.73
N TYR B 472 22.96 29.56 27.35
CA TYR B 472 22.12 30.75 27.32
C TYR B 472 22.83 31.88 28.04
N GLY B 473 23.54 31.54 29.13
CA GLY B 473 24.32 32.48 29.90
C GLY B 473 23.79 32.56 31.33
N PHE B 474 24.63 32.15 32.29
CA PHE B 474 24.23 32.20 33.70
C PHE B 474 24.45 33.61 34.23
N LYS B 475 25.55 34.24 33.80
CA LYS B 475 25.87 35.63 34.15
C LYS B 475 25.77 36.45 32.88
N ARG B 476 24.57 36.98 32.63
CA ARG B 476 24.26 37.73 31.44
C ARG B 476 23.68 39.08 31.84
N PRO B 477 23.91 40.15 31.03
CA PRO B 477 23.36 41.48 31.33
C PRO B 477 21.85 41.50 31.48
N ALA B 478 21.33 42.31 32.41
CA ALA B 478 19.90 42.49 32.58
C ALA B 478 19.23 42.93 31.27
N TRP B 479 19.86 43.85 30.54
CA TRP B 479 19.24 44.48 29.38
C TRP B 479 19.22 43.58 28.13
N PHE B 480 20.02 42.51 28.09
CA PHE B 480 20.20 41.73 26.86
C PHE B 480 18.88 41.07 26.50
N ASP B 481 18.65 40.89 25.19
CA ASP B 481 17.44 40.29 24.64
C ASP B 481 17.23 38.89 25.22
N LYS B 482 16.07 38.67 25.85
CA LYS B 482 15.81 37.42 26.56
C LYS B 482 15.62 36.25 25.59
N GLY B 483 15.47 36.55 24.30
CA GLY B 483 15.28 35.52 23.29
C GLY B 483 16.60 35.13 22.63
N LEU B 484 17.67 35.86 22.96
CA LEU B 484 18.95 35.64 22.31
C LEU B 484 19.92 35.04 23.33
N GLU B 485 20.68 34.03 22.90
CA GLU B 485 21.68 33.39 23.74
C GLU B 485 22.83 34.39 23.94
N TYR B 486 23.25 34.57 25.19
CA TYR B 486 24.42 35.37 25.48
C TYR B 486 25.65 34.51 25.22
N ASN B 487 26.01 34.39 23.94
CA ASN B 487 26.87 33.30 23.50
C ASN B 487 27.49 33.67 22.16
N ALA B 488 28.82 33.53 22.05
CA ALA B 488 29.54 33.94 20.85
C ALA B 488 29.41 32.89 19.74
N TRP B 489 29.14 31.63 20.13
CA TRP B 489 29.20 30.53 19.17
C TRP B 489 27.82 30.14 18.65
N LEU B 490 26.76 30.47 19.41
CA LEU B 490 25.44 29.93 19.14
C LEU B 490 24.40 31.01 18.80
N GLU B 491 24.75 32.28 18.93
CA GLU B 491 23.77 33.34 18.73
C GLU B 491 23.29 33.27 17.27
N TYR B 492 21.97 33.11 17.12
CA TYR B 492 21.30 33.18 15.82
C TYR B 492 21.54 31.90 14.99
N GLU B 493 21.74 30.75 15.65
CA GLU B 493 21.84 29.50 14.92
C GLU B 493 20.58 28.68 15.15
N TRP B 494 19.63 28.87 14.24
CA TRP B 494 18.28 28.35 14.39
C TRP B 494 17.87 27.47 13.22
N ASP B 495 18.82 27.20 12.31
CA ASP B 495 18.49 26.72 10.97
C ASP B 495 18.68 25.22 10.85
N THR B 496 19.08 24.52 11.91
CA THR B 496 19.36 23.10 11.73
C THR B 496 18.05 22.31 11.74
N ILE B 497 17.02 22.82 12.41
CA ILE B 497 15.73 22.13 12.40
C ILE B 497 15.29 21.82 10.95
N LEU B 498 15.69 22.68 10.01
CA LEU B 498 15.33 22.48 8.61
C LEU B 498 15.89 21.18 8.04
N GLU B 499 17.02 20.70 8.56
CA GLU B 499 17.57 19.41 8.14
C GLU B 499 16.62 18.28 8.56
N PHE B 500 16.04 18.37 9.76
CA PHE B 500 15.08 17.37 10.20
C PHE B 500 13.81 17.47 9.37
N CYS B 501 13.38 18.71 9.11
CA CYS B 501 12.21 18.94 8.27
C CYS B 501 12.39 18.24 6.93
N GLN B 502 13.58 18.40 6.33
CA GLN B 502 13.86 17.74 5.07
C GLN B 502 13.78 16.22 5.25
N MET B 503 14.28 15.71 6.37
CA MET B 503 14.25 14.27 6.64
C MET B 503 12.82 13.73 6.62
N ILE B 504 11.93 14.42 7.33
CA ILE B 504 10.53 14.03 7.37
C ILE B 504 9.97 13.94 5.94
N LEU B 505 10.10 15.02 5.18
CA LEU B 505 9.64 15.04 3.79
C LEU B 505 10.30 13.91 2.98
N GLU B 506 11.58 13.65 3.21
CA GLU B 506 12.26 12.61 2.44
C GLU B 506 11.76 11.23 2.81
N THR B 507 11.18 11.04 4.01
CA THR B 507 10.58 9.75 4.33
C THR B 507 9.40 9.55 3.39
N LYS B 508 8.60 10.60 3.18
CA LYS B 508 7.53 10.53 2.20
C LYS B 508 8.13 10.19 0.83
N ASN B 509 9.09 10.98 0.37
CA ASN B 509 9.63 10.79 -0.96
C ASN B 509 10.20 9.38 -1.13
N TYR B 510 10.78 8.80 -0.06
CA TYR B 510 11.57 7.58 -0.19
C TYR B 510 10.74 6.33 0.09
N ALA B 511 9.63 6.47 0.83
CA ALA B 511 9.00 5.34 1.50
C ALA B 511 7.49 5.52 1.69
N GLY B 512 6.93 6.57 1.13
CA GLY B 512 5.51 6.85 1.23
C GLY B 512 5.04 6.89 2.69
N ALA B 513 5.91 7.32 3.61
CA ALA B 513 5.49 7.40 4.99
C ALA B 513 4.37 8.43 5.13
N ASP B 514 3.50 8.21 6.13
CA ASP B 514 2.48 9.20 6.47
C ASP B 514 3.08 10.22 7.42
N ILE B 515 3.22 11.47 6.96
CA ILE B 515 3.89 12.52 7.70
C ILE B 515 2.92 13.58 8.21
N THR B 516 1.61 13.24 8.34
CA THR B 516 0.64 14.26 8.65
C THR B 516 0.78 14.75 10.09
N PRO B 517 1.27 13.95 11.08
CA PRO B 517 1.40 14.47 12.44
C PRO B 517 2.50 15.53 12.55
N TYR B 518 3.33 15.64 11.51
CA TYR B 518 4.53 16.46 11.53
C TYR B 518 4.31 17.80 10.80
N LEU B 519 3.39 17.85 9.85
CA LEU B 519 3.22 19.03 9.01
C LEU B 519 3.21 20.32 9.83
N PRO B 520 2.47 20.45 10.97
CA PRO B 520 2.55 21.63 11.82
C PRO B 520 3.97 22.06 12.15
N LEU B 521 4.79 21.07 12.56
CA LEU B 521 6.19 21.29 12.86
C LEU B 521 6.90 21.88 11.65
N ILE B 522 6.75 21.24 10.48
CA ILE B 522 7.42 21.70 9.28
C ILE B 522 6.99 23.14 8.97
N GLU B 523 5.68 23.38 9.01
CA GLU B 523 5.12 24.68 8.67
C GLU B 523 5.57 25.76 9.66
N SER B 524 5.43 25.48 10.97
CA SER B 524 5.83 26.43 12.00
C SER B 524 7.31 26.79 11.87
N SER B 525 8.14 25.83 11.47
CA SER B 525 9.57 26.02 11.36
C SER B 525 9.92 27.03 10.27
N LEU B 526 9.21 26.95 9.14
CA LEU B 526 9.40 27.88 8.03
C LEU B 526 8.78 29.24 8.37
N THR B 527 7.66 29.22 9.10
CA THR B 527 6.95 30.43 9.45
C THR B 527 7.85 31.37 10.26
N PHE B 528 8.75 30.80 11.05
CA PHE B 528 9.65 31.57 11.89
C PHE B 528 10.60 32.41 11.04
N PHE B 529 11.29 31.78 10.09
CA PHE B 529 12.24 32.50 9.25
C PHE B 529 11.56 33.64 8.52
N ASP B 530 10.32 33.43 8.07
CA ASP B 530 9.62 34.51 7.39
C ASP B 530 9.23 35.62 8.38
N GLU B 531 8.61 35.27 9.50
CA GLU B 531 8.11 36.26 10.43
C GLU B 531 9.24 36.94 11.22
N HIS B 532 10.39 36.31 11.37
CA HIS B 532 11.45 36.90 12.19
C HIS B 532 12.21 37.95 11.39
N TYR B 533 12.73 37.57 10.21
CA TYR B 533 13.58 38.47 9.43
C TYR B 533 12.77 39.56 8.71
N ARG B 534 11.44 39.44 8.72
CA ARG B 534 10.55 40.49 8.28
C ARG B 534 10.41 41.51 9.41
N LEU B 535 10.19 41.02 10.64
CA LEU B 535 10.00 41.88 11.80
C LEU B 535 11.27 42.68 12.07
N LEU B 536 12.43 42.02 12.01
CA LEU B 536 13.71 42.63 12.34
C LEU B 536 13.99 43.78 11.38
N ALA B 537 13.67 43.61 10.09
CA ALA B 537 13.90 44.65 9.10
C ALA B 537 12.93 45.81 9.28
N SER B 538 11.68 45.50 9.68
CA SER B 538 10.66 46.52 9.85
C SER B 538 10.94 47.38 11.08
N ARG B 539 11.65 46.79 12.06
CA ARG B 539 12.08 47.49 13.25
C ARG B 539 13.33 48.35 13.00
N ARG B 540 14.11 48.02 11.97
CA ARG B 540 15.37 48.70 11.69
C ARG B 540 15.21 49.79 10.64
N GLY B 541 14.33 49.54 9.66
CA GLY B 541 14.21 50.39 8.48
C GLY B 541 12.75 50.52 8.04
N ARG B 542 12.55 51.17 6.89
CA ARG B 542 11.21 51.34 6.37
C ARG B 542 10.80 50.05 5.70
N LYS B 543 11.73 49.41 4.98
CA LYS B 543 11.39 48.25 4.16
C LYS B 543 11.71 46.97 4.92
N ALA B 544 10.85 45.94 4.76
CA ALA B 544 11.03 44.66 5.41
C ALA B 544 11.61 43.64 4.42
N LEU B 545 11.77 44.06 3.16
CA LEU B 545 12.50 43.26 2.18
C LEU B 545 13.57 44.12 1.53
N ASP B 546 14.48 43.46 0.81
CA ASP B 546 15.52 44.14 0.05
C ASP B 546 14.89 44.68 -1.24
N GLY B 547 15.71 45.30 -2.09
CA GLY B 547 15.26 45.90 -3.33
C GLY B 547 14.97 44.87 -4.42
N ASP B 548 15.37 43.61 -4.21
CA ASP B 548 14.97 42.54 -5.11
C ASP B 548 13.78 41.79 -4.47
N GLY B 549 13.18 42.38 -3.43
CA GLY B 549 12.02 41.79 -2.78
C GLY B 549 12.31 40.47 -2.08
N HIS B 550 13.56 40.30 -1.60
CA HIS B 550 14.01 39.09 -0.90
C HIS B 550 14.17 39.37 0.60
N LEU B 551 14.15 38.28 1.39
CA LEU B 551 14.28 38.34 2.84
C LEU B 551 15.69 38.83 3.18
N ILE B 552 15.79 39.53 4.30
CA ILE B 552 17.09 39.99 4.76
C ILE B 552 17.48 39.17 5.99
N LEU B 553 18.33 38.17 5.71
CA LEU B 553 18.73 37.17 6.68
C LEU B 553 19.93 37.66 7.48
N PHE B 554 19.63 38.61 8.39
CA PHE B 554 20.60 39.22 9.28
C PHE B 554 19.90 39.73 10.54
N PRO B 555 20.40 39.38 11.75
CA PRO B 555 21.58 38.55 11.92
C PRO B 555 21.29 37.05 11.82
N GLY B 556 22.13 36.32 11.07
CA GLY B 556 22.05 34.87 11.04
C GLY B 556 23.38 34.26 11.48
N SER B 557 23.62 33.01 11.07
CA SER B 557 24.94 32.42 11.14
C SER B 557 25.04 31.21 10.23
N ALA B 558 26.24 31.00 9.69
CA ALA B 558 26.54 29.80 8.93
C ALA B 558 27.07 28.77 9.93
N CYS B 559 26.18 27.92 10.39
CA CYS B 559 26.51 26.93 11.42
C CYS B 559 26.94 27.72 12.65
N GLU B 560 27.95 27.21 13.39
CA GLU B 560 28.58 27.94 14.47
C GLU B 560 29.89 28.54 13.99
N THR B 561 30.22 28.37 12.70
CA THR B 561 31.54 28.75 12.23
C THR B 561 31.58 30.25 11.92
N TYR B 562 30.88 30.70 10.88
CA TYR B 562 30.86 32.12 10.57
C TYR B 562 29.68 32.73 11.31
N LYS B 563 29.91 33.81 12.06
CA LYS B 563 28.92 34.32 12.99
C LYS B 563 28.42 35.70 12.54
N MET B 564 27.22 36.06 13.01
CA MET B 564 26.51 37.27 12.61
C MET B 564 26.60 37.47 11.09
N THR B 565 25.97 36.54 10.37
CA THR B 565 25.99 36.58 8.92
C THR B 565 24.86 37.46 8.42
N ASN B 566 25.11 38.01 7.22
CA ASN B 566 24.06 38.42 6.31
C ASN B 566 23.96 37.34 5.24
N ASN B 567 22.82 36.66 5.18
CA ASN B 567 22.49 35.78 4.07
C ASN B 567 23.54 34.67 3.93
N ALA B 568 23.65 33.83 4.95
CA ALA B 568 24.53 32.67 4.90
C ALA B 568 24.08 31.67 3.82
N SER B 569 25.02 31.13 3.06
CA SER B 569 24.72 30.11 2.07
C SER B 569 24.06 28.89 2.69
N SER B 570 24.42 28.57 3.94
CA SER B 570 23.88 27.39 4.60
C SER B 570 22.37 27.55 4.82
N THR B 571 21.97 28.66 5.44
CA THR B 571 20.59 28.93 5.77
C THR B 571 19.76 29.09 4.50
N ILE B 572 20.35 29.69 3.45
CA ILE B 572 19.62 29.91 2.21
C ILE B 572 19.36 28.56 1.55
N ALA B 573 20.42 27.80 1.28
CA ALA B 573 20.29 26.50 0.66
C ALA B 573 19.18 25.71 1.35
N ALA B 574 19.05 25.87 2.68
CA ALA B 574 18.04 25.16 3.44
C ALA B 574 16.62 25.63 3.08
N LEU B 575 16.33 26.92 3.29
CA LEU B 575 15.01 27.44 3.02
C LEU B 575 14.60 27.14 1.57
N ARG B 576 15.54 27.32 0.64
CA ARG B 576 15.25 27.07 -0.77
C ARG B 576 14.80 25.62 -0.91
N THR B 577 15.63 24.69 -0.42
CA THR B 577 15.43 23.28 -0.69
C THR B 577 14.23 22.73 0.09
N VAL B 578 14.00 23.17 1.33
CA VAL B 578 12.85 22.68 2.08
C VAL B 578 11.58 23.13 1.37
N LEU B 579 11.51 24.42 1.00
CA LEU B 579 10.32 24.97 0.36
C LEU B 579 10.07 24.32 -1.00
N GLU B 580 11.11 24.23 -1.83
CA GLU B 580 10.98 23.54 -3.12
C GLU B 580 10.32 22.18 -2.91
N THR B 581 10.73 21.50 -1.84
CA THR B 581 10.35 20.11 -1.56
C THR B 581 8.95 20.06 -0.96
N TYR B 582 8.60 21.05 -0.14
CA TYR B 582 7.32 21.04 0.55
C TYR B 582 6.21 21.56 -0.36
N ILE B 583 6.63 22.21 -1.46
CA ILE B 583 5.72 22.68 -2.48
C ILE B 583 5.14 21.46 -3.19
N LYS B 584 6.00 20.53 -3.61
CA LYS B 584 5.58 19.33 -4.31
C LYS B 584 4.53 18.53 -3.53
N VAL B 585 4.27 18.88 -2.26
CA VAL B 585 3.42 18.09 -1.37
C VAL B 585 2.39 18.97 -0.65
N CYS B 586 2.20 20.21 -1.13
CA CYS B 586 1.22 21.12 -0.57
C CYS B 586 1.01 22.23 -1.60
N ASN B 587 -0.20 22.27 -2.14
CA ASN B 587 -0.51 23.11 -3.29
C ASN B 587 -0.61 24.57 -2.85
N ASN B 588 -0.73 24.80 -1.53
CA ASN B 588 -0.95 26.12 -0.97
C ASN B 588 0.13 27.08 -1.48
N GLU B 589 -0.31 28.34 -1.69
CA GLU B 589 0.45 29.35 -2.40
C GLU B 589 1.32 30.15 -1.43
N LYS B 590 0.92 30.19 -0.16
CA LYS B 590 1.73 30.78 0.88
C LYS B 590 3.21 30.38 0.68
N TRP B 591 3.42 29.11 0.34
CA TRP B 591 4.77 28.55 0.28
C TRP B 591 5.50 28.93 -1.00
N GLN B 592 4.79 29.13 -2.13
CA GLN B 592 5.45 29.64 -3.33
C GLN B 592 5.79 31.11 -3.17
N LYS B 593 4.98 31.86 -2.40
CA LYS B 593 5.25 33.27 -2.16
C LYS B 593 6.56 33.39 -1.39
N MET B 594 6.70 32.63 -0.30
CA MET B 594 7.89 32.65 0.55
C MET B 594 9.13 32.23 -0.23
N LEU B 595 9.02 31.20 -1.09
CA LEU B 595 10.15 30.78 -1.88
C LEU B 595 10.66 31.95 -2.75
N GLU B 596 9.75 32.84 -3.18
CA GLU B 596 10.15 33.96 -4.01
C GLU B 596 10.92 34.99 -3.18
N THR B 597 10.66 35.02 -1.85
CA THR B 597 11.32 35.96 -0.94
C THR B 597 12.71 35.47 -0.49
N ILE B 598 13.12 34.24 -0.84
CA ILE B 598 14.41 33.72 -0.41
C ILE B 598 15.52 34.26 -1.30
N PRO B 599 16.56 34.93 -0.73
CA PRO B 599 17.66 35.42 -1.55
C PRO B 599 18.47 34.33 -2.20
N PRO B 600 19.26 34.67 -3.24
CA PRO B 600 20.05 33.67 -3.92
C PRO B 600 21.24 33.25 -3.06
N VAL B 601 21.80 32.08 -3.38
CA VAL B 601 23.00 31.61 -2.72
C VAL B 601 24.13 32.53 -3.14
N PRO B 602 24.92 33.07 -2.19
CA PRO B 602 26.03 33.97 -2.49
C PRO B 602 27.30 33.26 -2.93
N LEU B 603 27.94 33.83 -3.95
CA LEU B 603 29.21 33.31 -4.46
C LEU B 603 30.29 34.36 -4.21
N ARG B 604 31.52 34.02 -4.59
CA ARG B 604 32.64 34.95 -4.51
C ARG B 604 33.83 34.39 -5.29
N TYR B 605 34.85 35.24 -5.47
CA TYR B 605 36.07 34.87 -6.17
C TYR B 605 37.20 34.65 -5.17
N ILE B 606 38.11 33.72 -5.48
CA ILE B 606 39.27 33.42 -4.65
C ILE B 606 40.49 33.25 -5.55
N GLU B 607 41.62 33.86 -5.16
CA GLU B 607 42.87 33.74 -5.90
C GLU B 607 43.63 32.52 -5.39
N VAL B 608 44.34 31.83 -6.28
CA VAL B 608 44.91 30.54 -5.94
C VAL B 608 46.44 30.61 -5.99
N LYS B 609 47.07 30.33 -4.84
CA LYS B 609 48.50 30.51 -4.62
C LYS B 609 48.75 30.47 -3.10
N ALA B 622 45.35 32.71 -11.33
CA ALA B 622 43.96 32.54 -11.79
C ALA B 622 42.99 32.81 -10.64
N TRP B 623 41.81 33.32 -10.97
CA TRP B 623 40.71 33.45 -10.04
C TRP B 623 39.78 32.25 -10.22
N LYS B 624 39.20 31.79 -9.11
CA LYS B 624 38.26 30.68 -9.10
C LYS B 624 36.98 31.17 -8.41
N GLN B 625 35.80 30.71 -8.89
CA GLN B 625 34.54 31.14 -8.34
C GLN B 625 34.03 30.08 -7.36
N THR B 626 33.80 30.46 -6.09
CA THR B 626 33.37 29.50 -5.08
C THR B 626 32.09 29.99 -4.40
N ILE B 627 31.53 29.07 -3.61
CA ILE B 627 30.40 29.37 -2.75
C ILE B 627 30.92 30.16 -1.56
N SER B 628 30.24 31.27 -1.27
CA SER B 628 30.65 32.12 -0.17
C SER B 628 29.99 31.61 1.11
N PRO B 629 30.69 31.70 2.26
CA PRO B 629 30.08 31.45 3.55
C PRO B 629 28.77 32.20 3.76
N ALA B 630 28.81 33.47 3.36
CA ALA B 630 27.68 34.38 3.49
C ALA B 630 27.93 35.63 2.63
N LYS B 631 26.93 36.50 2.58
CA LYS B 631 27.09 37.78 1.92
C LYS B 631 28.09 38.56 2.77
N SER B 632 27.97 38.43 4.09
CA SER B 632 28.92 39.01 5.02
C SER B 632 28.87 38.25 6.35
N TRP B 633 30.00 38.27 7.07
CA TRP B 633 30.07 37.74 8.42
C TRP B 633 30.98 38.61 9.28
N GLU B 634 30.80 38.52 10.60
CA GLU B 634 31.54 39.36 11.54
C GLU B 634 32.81 38.64 12.02
N ARG B 635 32.77 37.31 12.20
CA ARG B 635 33.91 36.59 12.75
C ARG B 635 33.81 35.08 12.47
N ILE B 636 34.89 34.33 12.77
CA ILE B 636 34.96 32.88 12.58
C ILE B 636 35.29 32.22 13.92
N ASN B 637 34.38 31.41 14.47
CA ASN B 637 34.60 30.84 15.80
C ASN B 637 34.47 29.32 15.82
N ASN B 638 34.78 28.66 14.71
CA ASN B 638 34.65 27.22 14.66
C ASN B 638 35.26 26.65 13.38
N ILE B 639 35.05 25.35 13.16
CA ILE B 639 35.78 24.62 12.13
C ILE B 639 34.83 23.81 11.26
N GLU B 640 33.55 24.23 11.20
CA GLU B 640 32.60 23.69 10.23
C GLU B 640 32.91 24.28 8.86
N THR B 641 32.32 23.71 7.80
CA THR B 641 32.51 24.26 6.46
C THR B 641 31.14 24.49 5.81
N PRO B 642 30.32 25.45 6.30
CA PRO B 642 28.95 25.60 5.82
C PRO B 642 28.83 26.09 4.37
N GLN B 643 29.94 26.49 3.76
CA GLN B 643 29.92 26.87 2.35
C GLN B 643 29.81 25.64 1.43
N LEU B 644 29.82 24.43 2.00
CA LEU B 644 29.58 23.22 1.23
C LEU B 644 28.23 22.59 1.59
N TYR B 645 27.44 23.27 2.42
CA TYR B 645 26.12 22.77 2.78
C TYR B 645 25.24 22.65 1.54
N PRO B 646 25.36 23.54 0.53
CA PRO B 646 24.74 23.33 -0.78
C PRO B 646 25.11 22.01 -1.46
N VAL B 647 26.25 21.41 -1.09
CA VAL B 647 26.63 20.10 -1.59
C VAL B 647 25.91 19.03 -0.78
N PHE B 648 26.07 19.09 0.55
CA PHE B 648 25.35 18.22 1.45
C PHE B 648 25.17 18.95 2.79
N PRO B 649 23.93 19.04 3.32
CA PRO B 649 22.83 18.18 2.90
C PRO B 649 21.95 18.57 1.72
N TRP B 650 22.07 19.77 1.17
CA TRP B 650 20.96 20.28 0.37
C TRP B 650 21.05 19.88 -1.10
N ARG B 651 22.18 19.33 -1.54
CA ARG B 651 22.32 18.70 -2.83
C ARG B 651 21.88 19.62 -3.99
N ILE B 652 22.17 20.93 -3.85
CA ILE B 652 21.94 21.88 -4.92
C ILE B 652 23.07 21.72 -5.93
N TYR B 653 24.31 21.75 -5.43
CA TYR B 653 25.48 21.38 -6.20
C TYR B 653 25.73 19.89 -5.94
N GLY B 654 26.40 19.25 -6.90
CA GLY B 654 26.62 17.82 -6.81
C GLY B 654 26.63 17.19 -8.20
N VAL B 655 26.81 15.86 -8.22
CA VAL B 655 27.10 15.13 -9.44
C VAL B 655 25.85 15.16 -10.30
N GLY B 656 26.06 15.42 -11.60
CA GLY B 656 25.00 15.50 -12.59
C GLY B 656 24.12 16.74 -12.41
N LYS B 657 24.69 17.81 -11.84
CA LYS B 657 23.96 19.05 -11.63
C LYS B 657 24.87 20.21 -12.01
N GLU B 658 24.27 21.36 -12.30
CA GLU B 658 24.99 22.41 -13.01
C GLU B 658 26.07 22.98 -12.11
N ASN B 659 27.06 23.59 -12.78
CA ASN B 659 28.11 24.37 -12.15
C ASN B 659 28.83 23.52 -11.11
N LEU B 660 28.99 22.23 -11.41
CA LEU B 660 29.75 21.36 -10.53
C LEU B 660 31.10 22.00 -10.23
N GLU B 661 31.66 22.74 -11.22
CA GLU B 661 33.00 23.28 -11.10
C GLU B 661 33.08 24.27 -9.94
N ILE B 662 31.98 24.98 -9.66
CA ILE B 662 31.94 25.93 -8.56
C ILE B 662 32.14 25.19 -7.23
N ALA B 663 31.36 24.13 -7.00
CA ALA B 663 31.41 23.37 -5.75
C ALA B 663 32.79 22.76 -5.56
N ARG B 664 33.32 22.11 -6.61
CA ARG B 664 34.61 21.45 -6.56
C ARG B 664 35.70 22.45 -6.17
N ASP B 665 35.58 23.68 -6.69
CA ASP B 665 36.55 24.74 -6.42
C ASP B 665 36.40 25.22 -4.98
N THR B 666 35.18 25.16 -4.43
CA THR B 666 34.95 25.49 -3.03
C THR B 666 35.64 24.43 -2.16
N TYR B 667 35.57 23.19 -2.60
CA TYR B 667 36.16 22.07 -1.88
C TYR B 667 37.68 22.18 -1.90
N PHE B 668 38.23 22.58 -3.05
CA PHE B 668 39.64 22.45 -3.31
C PHE B 668 40.42 23.74 -3.04
N TYR B 669 39.75 24.90 -2.93
CA TYR B 669 40.46 26.18 -2.91
C TYR B 669 40.01 27.11 -1.79
N ASP B 670 38.76 27.04 -1.35
CA ASP B 670 38.36 27.83 -0.19
C ASP B 670 39.30 27.49 0.95
N PRO B 671 40.10 28.45 1.45
CA PRO B 671 41.20 28.13 2.32
C PRO B 671 40.72 27.71 3.71
N ASP B 672 39.49 28.12 4.08
CA ASP B 672 38.89 27.66 5.32
C ASP B 672 38.52 26.20 5.21
N ALA B 673 38.04 25.78 4.03
CA ALA B 673 37.62 24.40 3.83
C ALA B 673 38.84 23.47 3.90
N LEU B 674 39.92 23.91 3.25
CA LEU B 674 41.16 23.15 3.22
C LEU B 674 41.66 22.96 4.63
N LYS B 675 41.63 24.04 5.40
CA LYS B 675 42.15 24.07 6.76
C LYS B 675 41.28 23.21 7.69
N PHE B 676 39.99 23.05 7.35
CA PHE B 676 39.07 22.38 8.25
C PHE B 676 38.85 20.92 7.85
N ARG B 677 39.45 20.50 6.73
CA ARG B 677 39.24 19.16 6.20
C ARG B 677 39.75 18.16 7.22
N SER B 678 39.03 17.04 7.36
CA SER B 678 39.31 16.03 8.36
C SER B 678 38.38 14.83 8.20
N HIS B 679 38.74 13.73 8.86
CA HIS B 679 37.92 12.54 8.88
C HIS B 679 37.32 12.35 10.27
N THR B 680 37.80 13.14 11.24
CA THR B 680 37.47 12.89 12.63
C THR B 680 36.01 13.31 12.88
N GLY B 681 35.34 12.59 13.79
CA GLY B 681 34.09 13.04 14.37
C GLY B 681 33.02 13.31 13.30
N TRP B 682 32.48 14.54 13.33
CA TRP B 682 31.36 14.91 12.48
C TRP B 682 31.83 15.42 11.12
N LYS B 683 33.13 15.49 10.90
CA LYS B 683 33.66 16.16 9.72
C LYS B 683 33.09 15.54 8.44
N GLN B 684 32.35 16.37 7.70
CA GLN B 684 31.57 15.94 6.54
C GLN B 684 32.37 15.96 5.24
N ASP B 685 33.70 16.12 5.32
CA ASP B 685 34.51 16.17 4.12
C ASP B 685 34.38 14.84 3.35
N ASN B 686 34.23 13.73 4.09
CA ASN B 686 34.06 12.43 3.47
C ASN B 686 32.81 12.44 2.59
N ILE B 687 31.74 13.06 3.11
CA ILE B 687 30.46 13.13 2.42
C ILE B 687 30.60 14.01 1.17
N TRP B 688 31.17 15.21 1.36
CA TRP B 688 31.21 16.18 0.29
C TRP B 688 32.01 15.61 -0.88
N ALA B 689 33.20 15.09 -0.58
CA ALA B 689 34.06 14.46 -1.59
C ALA B 689 33.22 13.56 -2.51
N ALA B 690 32.41 12.72 -1.87
CA ALA B 690 31.57 11.75 -2.55
C ALA B 690 30.50 12.44 -3.37
N CYS B 691 29.77 13.40 -2.76
CA CYS B 691 28.75 14.12 -3.48
C CYS B 691 29.32 14.89 -4.68
N LEU B 692 30.63 15.18 -4.70
CA LEU B 692 31.24 15.91 -5.80
C LEU B 692 31.96 14.97 -6.74
N GLY B 693 31.87 13.66 -6.49
CA GLY B 693 32.37 12.70 -7.44
C GLY B 693 33.91 12.65 -7.47
N LEU B 694 34.53 13.09 -6.37
CA LEU B 694 35.96 13.00 -6.22
C LEU B 694 36.31 11.68 -5.54
N THR B 695 36.50 10.64 -6.37
CA THR B 695 36.76 9.32 -5.83
C THR B 695 38.02 9.34 -4.96
N GLU B 696 39.16 9.70 -5.57
CA GLU B 696 40.45 9.69 -4.88
C GLU B 696 40.26 10.15 -3.44
N GLU B 697 39.55 11.28 -3.33
CA GLU B 697 39.35 11.99 -2.08
C GLU B 697 38.38 11.25 -1.17
N ALA B 698 37.26 10.77 -1.72
CA ALA B 698 36.26 10.03 -0.97
C ALA B 698 36.84 8.73 -0.44
N LYS B 699 37.62 8.04 -1.28
CA LYS B 699 38.25 6.78 -0.92
C LYS B 699 39.09 6.97 0.33
N SER B 700 39.98 7.96 0.24
CA SER B 700 40.96 8.26 1.27
C SER B 700 40.28 8.57 2.61
N LEU B 701 39.29 9.46 2.55
CA LEU B 701 38.60 9.91 3.75
C LEU B 701 37.77 8.78 4.35
N SER B 702 37.08 7.99 3.51
CA SER B 702 36.15 6.98 4.00
C SER B 702 36.92 5.81 4.61
N LEU B 703 38.07 5.47 4.01
CA LEU B 703 39.04 4.58 4.64
C LEU B 703 39.34 5.05 6.06
N ALA B 704 39.75 6.34 6.15
CA ALA B 704 40.13 6.96 7.40
C ALA B 704 38.98 6.95 8.40
N LYS B 705 37.78 7.32 7.94
CA LYS B 705 36.65 7.52 8.83
C LYS B 705 36.19 6.19 9.44
N LEU B 706 36.06 5.15 8.60
CA LEU B 706 35.41 3.91 9.02
C LEU B 706 36.39 2.84 9.52
N SER B 707 37.70 3.08 9.48
CA SER B 707 38.65 2.09 9.98
C SER B 707 38.61 2.03 11.51
N ASP B 708 39.09 0.90 12.04
CA ASP B 708 38.83 0.48 13.42
C ASP B 708 39.11 1.61 14.40
N GLY B 709 38.23 1.70 15.39
CA GLY B 709 38.41 2.63 16.50
C GLY B 709 39.41 2.08 17.50
N PRO B 710 39.71 2.82 18.58
CA PRO B 710 40.76 2.45 19.51
C PRO B 710 40.38 1.41 20.56
N HIS B 711 39.10 1.07 20.68
CA HIS B 711 38.70 0.08 21.68
C HIS B 711 38.51 -1.25 20.98
N ARG B 712 38.14 -2.28 21.76
CA ARG B 712 38.21 -3.65 21.28
C ARG B 712 37.12 -3.92 20.25
N PHE B 713 35.87 -3.52 20.55
CA PHE B 713 34.84 -3.46 19.52
C PHE B 713 35.21 -2.35 18.54
N PRO B 714 35.39 -2.64 17.23
CA PRO B 714 36.05 -1.71 16.32
C PRO B 714 35.19 -0.55 15.80
N ALA B 715 33.87 -0.56 16.10
CA ALA B 715 32.95 0.50 15.69
C ALA B 715 32.57 1.38 16.87
N PHE B 716 33.24 1.13 18.02
CA PHE B 716 33.34 2.12 19.07
C PHE B 716 34.45 3.09 18.68
N TRP B 717 34.04 4.16 18.01
CA TRP B 717 34.94 5.25 17.68
C TRP B 717 34.80 6.34 18.73
N GLY B 718 35.85 7.16 18.81
CA GLY B 718 35.83 8.34 19.63
C GLY B 718 37.14 8.52 20.40
N PRO B 719 37.21 9.57 21.24
CA PRO B 719 36.08 10.44 21.49
C PRO B 719 35.90 11.56 20.45
N GLY B 720 36.88 11.74 19.55
CA GLY B 720 36.84 12.85 18.61
C GLY B 720 36.47 14.15 19.33
N TYR B 721 35.52 14.92 18.78
CA TYR B 721 35.16 16.19 19.40
C TYR B 721 34.09 15.96 20.47
N ASP B 722 33.64 14.72 20.62
CA ASP B 722 32.39 14.44 21.29
C ASP B 722 32.65 13.46 22.45
N TRP B 723 32.09 12.23 22.37
CA TRP B 723 32.28 11.20 23.37
C TRP B 723 32.18 9.82 22.73
N THR B 724 32.74 8.81 23.41
CA THR B 724 32.81 7.45 22.90
C THR B 724 31.70 6.63 23.58
N PRO B 725 30.98 5.76 22.83
CA PRO B 725 31.10 5.64 21.38
C PRO B 725 30.49 6.80 20.60
N ASP B 726 31.31 7.37 19.71
CA ASP B 726 30.88 8.48 18.87
C ASP B 726 29.99 7.91 17.78
N HIS B 727 28.76 8.41 17.71
CA HIS B 727 27.75 7.92 16.78
C HIS B 727 27.60 8.83 15.56
N ASN B 728 28.00 10.12 15.70
CA ASN B 728 28.03 11.00 14.55
C ASN B 728 29.27 10.66 13.73
N TRP B 729 30.24 10.00 14.38
CA TRP B 729 31.39 9.43 13.69
C TRP B 729 30.90 8.32 12.77
N GLY B 730 30.16 7.35 13.34
CA GLY B 730 29.60 6.27 12.55
C GLY B 730 28.63 6.82 11.49
N GLY B 731 27.64 7.58 11.97
CA GLY B 731 26.60 8.16 11.13
C GLY B 731 27.18 8.83 9.90
N SER B 732 28.01 9.84 10.14
CA SER B 732 28.67 10.56 9.05
C SER B 732 29.35 9.56 8.13
N GLY B 733 29.98 8.54 8.71
CA GLY B 733 30.77 7.60 7.94
C GLY B 733 29.90 6.76 7.02
N MET B 734 28.73 6.37 7.55
CA MET B 734 27.71 5.67 6.77
C MET B 734 27.35 6.54 5.56
N ILE B 735 27.00 7.79 5.84
CA ILE B 735 26.57 8.70 4.79
C ILE B 735 27.58 8.69 3.65
N GLY B 736 28.85 8.77 4.01
CA GLY B 736 29.92 8.91 3.03
C GLY B 736 29.97 7.70 2.11
N LEU B 737 29.98 6.52 2.73
CA LEU B 737 30.01 5.28 1.99
C LEU B 737 28.80 5.21 1.07
N GLN B 738 27.63 5.56 1.62
CA GLN B 738 26.37 5.50 0.88
C GLN B 738 26.46 6.35 -0.39
N GLU B 739 26.98 7.58 -0.25
CA GLU B 739 26.96 8.54 -1.34
C GLU B 739 27.96 8.14 -2.42
N MET B 740 28.99 7.37 -2.04
CA MET B 740 29.97 6.92 -3.03
C MET B 740 29.33 5.96 -4.02
N LEU B 741 28.22 5.32 -3.61
CA LEU B 741 27.60 4.23 -4.36
C LEU B 741 26.36 4.71 -5.09
N LEU B 742 25.49 5.47 -4.42
CA LEU B 742 24.19 5.82 -4.99
C LEU B 742 23.82 7.27 -4.66
N GLN B 743 23.42 8.01 -5.70
CA GLN B 743 22.94 9.38 -5.57
C GLN B 743 21.75 9.58 -6.51
N THR B 744 20.93 10.59 -6.23
CA THR B 744 19.74 10.86 -7.03
C THR B 744 19.93 12.20 -7.74
N ASN B 745 19.41 12.30 -8.97
CA ASN B 745 19.42 13.55 -9.71
C ASN B 745 18.11 13.67 -10.50
N GLY B 746 17.13 14.36 -9.90
CA GLY B 746 15.77 14.28 -10.38
C GLY B 746 15.26 12.86 -10.19
N THR B 747 14.85 12.22 -11.28
CA THR B 747 14.37 10.85 -11.22
C THR B 747 15.48 9.88 -11.66
N GLN B 748 16.66 10.39 -11.99
CA GLN B 748 17.80 9.52 -12.26
C GLN B 748 18.29 8.88 -10.96
N ILE B 749 18.97 7.73 -11.12
CA ILE B 749 19.67 7.09 -10.03
C ILE B 749 21.11 6.92 -10.48
N LEU B 750 22.02 7.71 -9.90
CA LEU B 750 23.42 7.65 -10.28
C LEU B 750 24.13 6.61 -9.42
N LEU B 751 24.69 5.57 -10.07
CA LEU B 751 25.38 4.49 -9.37
C LEU B 751 26.88 4.68 -9.51
N PHE B 752 27.61 4.46 -8.40
CA PHE B 752 29.06 4.52 -8.36
C PHE B 752 29.56 5.93 -8.71
N PRO B 753 28.90 7.02 -8.26
CA PRO B 753 29.35 8.37 -8.57
C PRO B 753 30.77 8.69 -8.11
N ALA B 754 31.18 8.07 -7.00
CA ALA B 754 32.50 8.31 -6.46
C ALA B 754 33.04 7.04 -5.80
N TRP B 755 33.14 5.96 -6.59
CA TRP B 755 33.55 4.67 -6.07
C TRP B 755 34.68 4.09 -6.91
N PRO B 756 35.80 3.65 -6.29
CA PRO B 756 36.96 3.21 -7.05
C PRO B 756 36.78 1.84 -7.70
N LYS B 757 37.17 1.72 -8.97
CA LYS B 757 36.92 0.50 -9.73
C LYS B 757 37.58 -0.71 -9.07
N GLU B 758 38.70 -0.50 -8.37
CA GLU B 758 39.44 -1.58 -7.76
C GLU B 758 38.83 -1.99 -6.42
N TRP B 759 37.68 -1.41 -6.04
CA TRP B 759 36.95 -1.84 -4.85
C TRP B 759 35.76 -2.68 -5.25
N ASN B 760 35.86 -3.99 -5.07
CA ASN B 760 34.77 -4.89 -5.41
C ASN B 760 33.74 -4.83 -4.30
N VAL B 761 32.45 -4.78 -4.70
CA VAL B 761 31.41 -4.49 -3.73
C VAL B 761 30.08 -5.10 -4.16
N HIS B 762 29.26 -5.42 -3.15
CA HIS B 762 27.89 -5.88 -3.31
C HIS B 762 27.03 -5.09 -2.32
N PHE B 763 26.08 -4.30 -2.83
CA PHE B 763 25.31 -3.42 -1.96
C PHE B 763 23.84 -3.49 -2.32
N LYS B 764 23.04 -2.96 -1.41
CA LYS B 764 21.64 -2.72 -1.67
C LYS B 764 21.22 -1.53 -0.85
N LEU B 765 20.84 -0.47 -1.56
CA LEU B 765 20.44 0.77 -0.94
C LEU B 765 19.07 1.19 -1.46
N HIS B 766 18.39 2.09 -0.74
CA HIS B 766 17.12 2.62 -1.19
C HIS B 766 17.34 3.87 -2.03
N ALA B 767 16.30 4.23 -2.77
CA ALA B 767 16.22 5.48 -3.51
C ALA B 767 14.77 5.95 -3.48
N PRO B 768 14.45 7.16 -3.97
CA PRO B 768 13.10 7.69 -3.85
C PRO B 768 12.07 6.89 -4.65
N GLY B 769 10.84 6.85 -4.13
CA GLY B 769 9.73 6.15 -4.76
C GLY B 769 9.76 4.66 -4.43
N ASN B 770 9.98 4.34 -3.15
CA ASN B 770 10.04 2.97 -2.66
C ASN B 770 10.91 2.12 -3.58
N THR B 771 12.08 2.66 -3.95
CA THR B 771 12.95 2.00 -4.91
C THR B 771 14.13 1.39 -4.15
N THR B 772 14.64 0.28 -4.68
CA THR B 772 15.79 -0.39 -4.09
C THR B 772 16.70 -0.87 -5.20
N VAL B 773 17.99 -0.57 -5.07
CA VAL B 773 18.97 -1.05 -6.02
C VAL B 773 19.95 -1.99 -5.32
N GLU B 774 20.01 -3.23 -5.82
CA GLU B 774 21.03 -4.19 -5.44
C GLU B 774 21.96 -4.39 -6.64
N ALA B 775 23.27 -4.17 -6.43
CA ALA B 775 24.22 -4.26 -7.53
C ALA B 775 25.56 -4.79 -7.03
N THR B 776 26.44 -5.09 -7.98
CA THR B 776 27.71 -5.72 -7.66
C THR B 776 28.77 -5.25 -8.65
N LEU B 777 29.95 -4.92 -8.12
CA LEU B 777 31.08 -4.55 -8.93
C LEU B 777 32.18 -5.60 -8.75
N LYS B 778 32.71 -6.10 -9.88
CA LYS B 778 33.83 -7.03 -9.85
C LYS B 778 34.80 -6.69 -10.98
N ASP B 779 36.04 -6.34 -10.61
CA ASP B 779 37.07 -5.98 -11.57
C ASP B 779 36.51 -4.97 -12.57
N GLY B 780 35.80 -3.98 -12.02
CA GLY B 780 35.35 -2.83 -12.77
C GLY B 780 34.13 -3.11 -13.66
N LYS B 781 33.41 -4.22 -13.44
CA LYS B 781 32.22 -4.53 -14.23
C LYS B 781 31.03 -4.67 -13.30
N VAL B 782 29.89 -4.07 -13.70
CA VAL B 782 28.69 -4.15 -12.90
C VAL B 782 27.98 -5.47 -13.18
N THR B 783 28.42 -6.53 -12.48
CA THR B 783 28.05 -7.89 -12.84
C THR B 783 26.56 -8.13 -12.59
N ILE B 784 25.97 -7.48 -11.59
CA ILE B 784 24.59 -7.73 -11.20
C ILE B 784 23.82 -6.42 -11.35
N LEU B 785 22.49 -6.54 -11.30
CA LEU B 785 21.59 -5.42 -11.09
C LEU B 785 20.25 -6.03 -10.72
N LYS B 786 19.71 -5.74 -9.53
CA LYS B 786 18.37 -6.18 -9.17
C LYS B 786 17.61 -4.98 -8.60
N VAL B 787 16.59 -4.54 -9.35
CA VAL B 787 15.96 -3.25 -9.12
C VAL B 787 14.48 -3.47 -8.87
N SER B 788 13.93 -2.76 -7.89
CA SER B 788 12.56 -2.98 -7.50
C SER B 788 11.93 -1.66 -7.06
N PRO B 789 10.76 -1.23 -7.61
CA PRO B 789 10.14 -1.83 -8.79
C PRO B 789 10.98 -1.70 -10.05
N GLU B 790 10.78 -2.66 -10.96
CA GLU B 790 11.72 -2.89 -12.05
C GLU B 790 11.63 -1.75 -13.06
N SER B 791 10.46 -1.10 -13.11
CA SER B 791 10.20 0.06 -13.93
C SER B 791 11.27 1.15 -13.76
N ARG B 792 11.99 1.14 -12.63
CA ARG B 792 13.01 2.13 -12.34
C ARG B 792 14.38 1.75 -12.94
N LYS B 793 14.56 0.52 -13.44
CA LYS B 793 15.87 0.10 -13.93
C LYS B 793 16.33 1.03 -15.05
N LYS B 794 15.40 1.63 -15.79
CA LYS B 794 15.76 2.50 -16.92
C LYS B 794 16.17 3.89 -16.43
N ASP B 795 16.11 4.15 -15.11
CA ASP B 795 16.52 5.43 -14.53
C ASP B 795 17.98 5.37 -14.08
N ILE B 796 18.54 4.16 -14.06
CA ILE B 796 19.89 3.94 -13.56
C ILE B 796 20.88 4.55 -14.54
N VAL B 797 21.89 5.24 -14.01
CA VAL B 797 23.03 5.68 -14.78
C VAL B 797 24.31 5.25 -14.07
N ILE B 798 25.07 4.36 -14.69
CA ILE B 798 26.31 3.88 -14.10
C ILE B 798 27.41 4.90 -14.40
N MET B 799 28.29 5.16 -13.40
CA MET B 799 29.24 6.26 -13.47
C MET B 799 30.70 5.82 -13.32
N ILE B 800 31.04 4.57 -13.63
CA ILE B 800 32.45 4.20 -13.67
C ILE B 800 32.99 4.44 -15.09
#